data_8AVO
#
_entry.id   8AVO
#
_cell.length_a   1.00
_cell.length_b   1.00
_cell.length_c   1.00
_cell.angle_alpha   90.00
_cell.angle_beta   90.00
_cell.angle_gamma   90.00
#
_symmetry.space_group_name_H-M   'P 1'
#
loop_
_entity.id
_entity.type
_entity.pdbx_description
1 polymer Leptin
2 polymer 'Leptin receptor'
#
loop_
_entity_poly.entity_id
_entity_poly.type
_entity_poly.pdbx_seq_one_letter_code
_entity_poly.pdbx_strand_id
1 'polypeptide(L)'
;AHHHHHHPGGPGSENLYFQGGSTGGVPIQKVQDDTKTLIKTIVTRINDISHTQSVSSKQKVTGLDFIPGLHPILTLSKMD
QTLAVYQQILTSMPSRNVIQISNDLENLRDLLHVLAFSKSCHLPWASGLETLDSLGGVLEASGYSTEVVALSRLQGSLQD
MLWQLDLSPGC
;
A,C,E
2 'polypeptide(L)'
;FNLSYPITPWRFKLSCMPPNSTYDYFLLPAGLSKNTSNSNGHYETAVEPKFNSSGTHFSNLSKTTFHCCFRSEQDRNCSL
CADNIEGKTFVSTVNSLVFQQIDANWNIQCWLKGDLKLFICYVESLFKNLFRNYNYKVHLLYVLPEVLEDSPLVPQKGSF
QMVHCNCSVHECCECLVPVPTAKLNDTLLMCLKITSGGVIFQSPLMSVQPINMVKPDPPLGLHMEITDDGNLKISWSSPP
LVPFPLQYQVKYSENSTTVIREADKIVSATSLLVDSILPGSSYEVQVRGKRLDGPGIWSDWSTPRVFTTQDVIYFPPKIL
TSVGSNVSFHCIYKKENKIVPSKEIVWWMNLAEKIPQSQYDVVSDHVSKVTFFNLNETKPRGKFTYDAVYCCNEHECHHR
YAELYVIDVNINISCETDGYLTKMTCRWSTSTIQSLAESTLQLRYHRSSLYCSDIPSIHPISEPKDCYLQSDGFYECIFQ
PIFLLSGYTMWIRINHSLGSLDSPPTCVLPDSVVKPLPPSSVKAEITINIGLLKISWEKPVFPENNLQFQIRYGLSGKEV
QWKMYEVYDAKSKSVSLPVPDLCAVYAVQVRCKRLDGLGYWSNWSNPAYTVVMDIKVPMRGPEFWRIINGDTMKKEKNVT
LLWKPLMKNDSLCSVQRYVINHHTSCNGTWSEDVGNHTKFTFLWTEQAHTVTVLAINSIGASVANFNLTFSWPMSKVNIV
QSLSAYPLNSSCVIVSWILSPSDYKLMYFIIEWKNLNEDGEIKWLRISSSVKKYYIHDHFIPIEKYQFSLYPIFMEGVGK
PKIINSFTQDDIEKHQSDSTGGSGGSGGSGGSGGSRMKQIEDKIEEILSKIYHIENEIARIKKLIGER
;
B,D,F
#
# COMPACT_ATOMS: atom_id res chain seq x y z
N VAL A 26 -47.66 10.45 -27.53
CA VAL A 26 -46.40 11.19 -27.70
C VAL A 26 -46.58 12.64 -27.24
N PRO A 27 -45.90 13.01 -26.15
CA PRO A 27 -45.94 14.41 -25.69
C PRO A 27 -45.21 15.32 -26.66
N ILE A 28 -45.93 16.32 -27.18
CA ILE A 28 -45.34 17.26 -28.14
C ILE A 28 -44.29 18.12 -27.45
N GLN A 29 -44.61 18.62 -26.25
CA GLN A 29 -43.72 19.54 -25.55
C GLN A 29 -42.40 18.86 -25.22
N LYS A 30 -42.46 17.61 -24.76
CA LYS A 30 -41.23 16.91 -24.39
C LYS A 30 -40.35 16.72 -25.61
N VAL A 31 -40.96 16.36 -26.75
CA VAL A 31 -40.19 16.15 -27.97
C VAL A 31 -39.51 17.46 -28.38
N GLN A 32 -40.25 18.58 -28.26
CA GLN A 32 -39.69 19.87 -28.64
C GLN A 32 -38.50 20.21 -27.75
N ASP A 33 -38.62 19.97 -26.44
CA ASP A 33 -37.54 20.33 -25.54
C ASP A 33 -36.34 19.44 -25.80
N ASP A 34 -36.59 18.15 -26.09
CA ASP A 34 -35.49 17.24 -26.36
C ASP A 34 -34.79 17.67 -27.65
N THR A 35 -35.57 18.16 -28.62
CA THR A 35 -35.02 18.61 -29.89
C THR A 35 -34.10 19.80 -29.64
N LYS A 36 -34.54 20.71 -28.75
CA LYS A 36 -33.73 21.86 -28.42
C LYS A 36 -32.41 21.41 -27.79
N THR A 37 -32.50 20.48 -26.84
CA THR A 37 -31.31 20.04 -26.12
C THR A 37 -30.35 19.36 -27.09
N LEU A 38 -30.90 18.57 -28.02
CA LEU A 38 -30.07 17.85 -28.99
C LEU A 38 -29.35 18.86 -29.88
N ILE A 39 -30.05 19.94 -30.27
CA ILE A 39 -29.42 20.93 -31.13
C ILE A 39 -28.26 21.57 -30.39
N LYS A 40 -28.48 21.99 -29.12
CA LYS A 40 -27.39 22.62 -28.38
C LYS A 40 -26.24 21.64 -28.23
N THR A 41 -26.55 20.35 -28.06
CA THR A 41 -25.51 19.35 -27.86
C THR A 41 -24.64 19.27 -29.10
N ILE A 42 -25.25 19.26 -30.29
CA ILE A 42 -24.48 19.16 -31.52
C ILE A 42 -23.65 20.43 -31.70
N VAL A 43 -24.22 21.58 -31.34
CA VAL A 43 -23.51 22.85 -31.46
C VAL A 43 -22.26 22.81 -30.59
N THR A 44 -22.41 22.30 -29.36
CA THR A 44 -21.28 22.23 -28.45
C THR A 44 -20.24 21.26 -29.01
N ARG A 45 -20.68 20.17 -29.63
CA ARG A 45 -19.75 19.21 -30.20
C ARG A 45 -18.88 19.93 -31.22
N ILE A 46 -19.53 20.71 -32.09
CA ILE A 46 -18.78 21.43 -33.12
C ILE A 46 -17.85 22.45 -32.44
N ASN A 47 -18.31 23.01 -31.31
CA ASN A 47 -17.51 23.99 -30.57
C ASN A 47 -16.20 23.37 -30.08
N ASP A 48 -16.24 22.08 -29.74
CA ASP A 48 -15.06 21.39 -29.24
C ASP A 48 -14.00 21.30 -30.32
N ILE A 49 -14.41 21.27 -31.59
CA ILE A 49 -13.51 21.14 -32.73
C ILE A 49 -12.87 22.50 -32.95
N SER A 50 -11.62 22.64 -32.50
CA SER A 50 -10.96 23.95 -32.43
C SER A 50 -10.81 24.62 -33.79
N HIS A 51 -10.47 23.86 -34.83
CA HIS A 51 -10.26 24.49 -36.15
C HIS A 51 -11.54 25.09 -36.71
N THR A 52 -12.70 24.51 -36.38
CA THR A 52 -13.95 25.01 -36.93
C THR A 52 -14.32 26.37 -36.33
N GLN A 53 -14.00 26.58 -35.04
CA GLN A 53 -14.41 27.79 -34.33
C GLN A 53 -13.83 29.05 -34.97
N SER A 54 -12.58 28.99 -35.42
CA SER A 54 -11.91 30.16 -35.98
C SER A 54 -12.40 30.54 -37.36
N VAL A 55 -13.24 29.72 -38.00
CA VAL A 55 -13.62 29.94 -39.40
C VAL A 55 -14.99 30.60 -39.43
N SER A 56 -15.13 31.61 -40.29
CA SER A 56 -16.38 32.33 -40.41
C SER A 56 -17.46 31.46 -41.06
N SER A 57 -18.59 31.34 -40.39
CA SER A 57 -19.69 30.52 -40.90
C SER A 57 -20.30 31.14 -42.15
N LYS A 58 -20.62 32.43 -42.10
CA LYS A 58 -21.28 33.10 -43.21
C LYS A 58 -20.39 33.24 -44.44
N GLN A 59 -19.07 33.30 -44.27
CA GLN A 59 -18.17 33.61 -45.38
C GLN A 59 -18.26 32.55 -46.47
N LYS A 60 -18.29 33.01 -47.73
CA LYS A 60 -18.41 32.12 -48.87
C LYS A 60 -17.03 31.66 -49.34
N VAL A 61 -16.93 30.36 -49.63
CA VAL A 61 -15.74 29.75 -50.22
C VAL A 61 -16.19 29.03 -51.49
N THR A 62 -15.49 29.26 -52.60
CA THR A 62 -15.93 28.68 -53.86
C THR A 62 -15.62 27.19 -53.91
N GLY A 63 -16.59 26.44 -54.44
CA GLY A 63 -16.51 25.01 -54.62
C GLY A 63 -17.39 24.25 -53.64
N LEU A 64 -17.52 24.79 -52.42
CA LEU A 64 -18.33 24.24 -51.35
C LEU A 64 -19.80 24.60 -51.49
N ASP A 65 -20.16 25.33 -52.56
CA ASP A 65 -21.50 25.88 -52.75
C ASP A 65 -22.60 24.83 -52.64
N PHE A 66 -22.28 23.57 -52.97
CA PHE A 66 -23.25 22.49 -52.92
C PHE A 66 -23.72 22.24 -51.49
N ILE A 67 -22.88 22.54 -50.51
CA ILE A 67 -23.23 22.35 -49.09
C ILE A 67 -24.33 23.34 -48.70
N PRO A 68 -25.44 22.88 -48.14
CA PRO A 68 -26.55 23.77 -47.78
C PRO A 68 -26.25 24.72 -46.64
N GLY A 69 -25.61 25.85 -46.96
CA GLY A 69 -25.24 26.83 -45.96
C GLY A 69 -26.36 27.84 -45.75
N LEU A 70 -26.04 28.90 -45.00
CA LEU A 70 -27.07 29.85 -44.58
C LEU A 70 -27.72 30.47 -45.81
N HIS A 71 -28.97 30.04 -46.06
CA HIS A 71 -29.93 30.46 -47.03
C HIS A 71 -31.22 30.17 -46.29
N PRO A 72 -32.20 31.11 -46.27
CA PRO A 72 -33.39 30.97 -45.41
C PRO A 72 -34.06 29.60 -45.50
N ILE A 73 -34.08 28.91 -44.36
CA ILE A 73 -34.71 27.61 -44.20
C ILE A 73 -36.05 27.86 -43.49
N LEU A 74 -37.08 28.18 -44.27
CA LEU A 74 -38.38 28.56 -43.72
C LEU A 74 -39.25 27.39 -43.25
N THR A 75 -39.12 26.19 -43.82
CA THR A 75 -40.11 25.16 -43.54
C THR A 75 -39.48 23.83 -43.15
N LEU A 76 -40.35 22.98 -42.58
CA LEU A 76 -39.95 21.66 -42.08
C LEU A 76 -39.40 20.75 -43.17
N SER A 77 -40.01 20.78 -44.36
CA SER A 77 -39.50 19.94 -45.44
C SER A 77 -38.13 20.40 -45.87
N LYS A 78 -37.90 21.72 -45.83
CA LYS A 78 -36.60 22.25 -46.19
C LYS A 78 -35.59 21.80 -45.14
N MET A 79 -36.00 21.82 -43.87
CA MET A 79 -35.09 21.43 -42.79
C MET A 79 -34.71 19.97 -42.96
N ASP A 80 -35.71 19.14 -43.29
CA ASP A 80 -35.48 17.70 -43.44
C ASP A 80 -34.49 17.43 -44.57
N GLN A 81 -34.69 18.08 -45.72
CA GLN A 81 -33.79 17.82 -46.85
C GLN A 81 -32.39 18.34 -46.53
N THR A 82 -32.31 19.46 -45.80
CA THR A 82 -31.01 20.02 -45.44
C THR A 82 -30.26 19.05 -44.55
N LEU A 83 -30.95 18.52 -43.53
CA LEU A 83 -30.31 17.59 -42.61
C LEU A 83 -29.92 16.31 -43.35
N ALA A 84 -30.74 15.90 -44.32
CA ALA A 84 -30.43 14.69 -45.07
C ALA A 84 -29.13 14.87 -45.83
N VAL A 85 -28.98 16.03 -46.46
CA VAL A 85 -27.77 16.30 -47.23
C VAL A 85 -26.57 16.33 -46.29
N TYR A 86 -26.72 16.98 -45.13
CA TYR A 86 -25.61 17.05 -44.19
C TYR A 86 -25.22 15.64 -43.74
N GLN A 87 -26.20 14.78 -43.47
CA GLN A 87 -25.87 13.42 -43.05
C GLN A 87 -25.09 12.71 -44.14
N GLN A 88 -25.53 12.90 -45.39
CA GLN A 88 -24.89 12.23 -46.52
C GLN A 88 -23.45 12.71 -46.67
N ILE A 89 -23.21 14.00 -46.49
CA ILE A 89 -21.85 14.54 -46.62
C ILE A 89 -20.98 14.03 -45.47
N LEU A 90 -21.50 14.07 -44.24
CA LEU A 90 -20.72 13.69 -43.07
C LEU A 90 -20.34 12.21 -43.10
N THR A 91 -21.22 11.37 -43.65
CA THR A 91 -20.98 9.93 -43.72
C THR A 91 -19.69 9.62 -44.49
N SER A 92 -19.40 10.39 -45.54
CA SER A 92 -18.26 10.11 -46.39
C SER A 92 -16.91 10.48 -45.77
N MET A 93 -16.88 11.32 -44.73
CA MET A 93 -15.62 11.83 -44.19
C MET A 93 -15.18 10.98 -43.00
N PRO A 94 -13.98 10.36 -43.06
CA PRO A 94 -13.50 9.55 -41.93
C PRO A 94 -13.07 10.35 -40.71
N SER A 95 -13.96 10.47 -39.72
CA SER A 95 -13.67 11.14 -38.47
C SER A 95 -14.58 10.55 -37.41
N ARG A 96 -14.02 10.29 -36.22
CA ARG A 96 -14.84 9.70 -35.16
C ARG A 96 -15.90 10.68 -34.68
N ASN A 97 -15.57 11.96 -34.55
CA ASN A 97 -16.54 12.92 -34.06
C ASN A 97 -17.71 13.03 -35.03
N VAL A 98 -17.39 13.06 -36.32
CA VAL A 98 -18.39 13.24 -37.38
C VAL A 98 -19.41 12.11 -37.39
N ILE A 99 -19.00 10.86 -37.09
CA ILE A 99 -19.97 9.77 -37.14
C ILE A 99 -21.05 10.01 -36.08
N GLN A 100 -20.62 10.43 -34.88
CA GLN A 100 -21.56 10.67 -33.79
C GLN A 100 -22.47 11.82 -34.19
N ILE A 101 -21.89 12.86 -34.82
CA ILE A 101 -22.71 14.00 -35.23
C ILE A 101 -23.76 13.54 -36.23
N SER A 102 -23.38 12.63 -37.13
CA SER A 102 -24.31 12.09 -38.13
C SER A 102 -25.45 11.35 -37.43
N ASN A 103 -25.11 10.60 -36.38
CA ASN A 103 -26.14 9.86 -35.64
C ASN A 103 -27.09 10.84 -34.98
N ASP A 104 -26.53 11.91 -34.41
CA ASP A 104 -27.38 12.89 -33.73
C ASP A 104 -28.29 13.55 -34.75
N LEU A 105 -27.77 13.79 -35.96
CA LEU A 105 -28.58 14.39 -37.02
C LEU A 105 -29.72 13.47 -37.39
N GLU A 106 -29.45 12.15 -37.38
CA GLU A 106 -30.49 11.17 -37.71
C GLU A 106 -31.59 11.26 -36.67
N ASN A 107 -31.19 11.34 -35.40
CA ASN A 107 -32.16 11.43 -34.32
C ASN A 107 -32.95 12.73 -34.45
N LEU A 108 -32.27 13.80 -34.88
CA LEU A 108 -32.92 15.10 -35.04
C LEU A 108 -33.99 15.00 -36.13
N ARG A 109 -33.66 14.31 -37.22
CA ARG A 109 -34.62 14.16 -38.30
C ARG A 109 -35.83 13.38 -37.82
N ASP A 110 -35.59 12.32 -37.04
CA ASP A 110 -36.70 11.50 -36.54
C ASP A 110 -37.59 12.35 -35.64
N LEU A 111 -36.97 13.24 -34.86
CA LEU A 111 -37.74 14.13 -33.99
C LEU A 111 -38.57 15.07 -34.83
N LEU A 112 -38.00 15.57 -35.92
CA LEU A 112 -38.75 16.47 -36.77
C LEU A 112 -39.91 15.74 -37.43
N HIS A 113 -39.70 14.47 -37.81
CA HIS A 113 -40.75 13.67 -38.43
C HIS A 113 -41.89 13.40 -37.46
N VAL A 114 -41.57 13.08 -36.19
CA VAL A 114 -42.65 12.84 -35.23
C VAL A 114 -43.39 14.15 -34.95
N LEU A 115 -42.66 15.28 -34.93
CA LEU A 115 -43.35 16.55 -34.73
C LEU A 115 -44.26 16.85 -35.92
N ALA A 116 -43.77 16.57 -37.13
CA ALA A 116 -44.57 16.78 -38.35
C ALA A 116 -45.80 15.89 -38.34
N PHE A 117 -45.73 14.75 -37.64
CA PHE A 117 -46.87 13.87 -37.53
C PHE A 117 -47.86 14.43 -36.53
N SER A 118 -47.34 14.94 -35.41
CA SER A 118 -48.18 15.58 -34.39
C SER A 118 -48.86 16.84 -34.93
N LYS A 119 -48.28 17.47 -35.95
CA LYS A 119 -48.91 18.61 -36.63
C LYS A 119 -49.79 18.21 -37.81
N SER A 120 -50.07 16.91 -37.97
CA SER A 120 -50.81 16.36 -39.11
C SER A 120 -50.15 16.65 -40.47
N CYS A 121 -48.82 16.69 -40.51
CA CYS A 121 -48.10 16.87 -41.76
C CYS A 121 -47.51 15.54 -42.20
N HIS A 122 -47.52 15.30 -43.51
CA HIS A 122 -46.89 14.12 -44.10
C HIS A 122 -45.54 14.56 -44.68
N LEU A 123 -44.47 14.24 -43.96
CA LEU A 123 -43.12 14.46 -44.45
C LEU A 123 -42.64 13.23 -45.22
N PRO A 124 -42.42 13.32 -46.53
CA PRO A 124 -41.70 12.26 -47.23
C PRO A 124 -40.25 12.17 -46.76
N TRP A 125 -39.79 10.92 -46.57
CA TRP A 125 -38.40 10.65 -46.20
C TRP A 125 -37.46 11.22 -47.25
N ALA A 126 -36.68 12.23 -46.86
CA ALA A 126 -35.70 12.84 -47.76
C ALA A 126 -34.57 11.88 -48.10
N SER A 127 -34.34 11.66 -49.39
CA SER A 127 -33.06 11.16 -49.87
C SER A 127 -32.00 12.26 -49.75
N GLY A 128 -30.75 11.85 -49.55
CA GLY A 128 -29.64 12.78 -49.71
C GLY A 128 -29.48 13.36 -51.11
N LEU A 129 -28.42 14.12 -51.32
CA LEU A 129 -28.16 14.69 -52.63
C LEU A 129 -27.82 13.61 -53.65
N GLU A 130 -28.56 13.59 -54.76
CA GLU A 130 -28.19 12.77 -55.91
C GLU A 130 -26.82 13.13 -56.48
N THR A 131 -26.37 14.37 -56.28
CA THR A 131 -25.20 14.96 -56.92
C THR A 131 -23.91 14.77 -56.13
N LEU A 132 -23.72 13.64 -55.46
CA LEU A 132 -22.46 13.43 -54.76
C LEU A 132 -21.30 13.08 -55.67
N ASP A 133 -21.54 12.76 -56.95
CA ASP A 133 -20.45 12.45 -57.88
C ASP A 133 -19.40 13.55 -58.01
N SER A 134 -19.67 14.74 -57.48
CA SER A 134 -18.77 15.88 -57.50
C SER A 134 -18.02 16.05 -56.19
N LEU A 135 -18.68 15.74 -55.07
CA LEU A 135 -18.08 15.87 -53.75
C LEU A 135 -16.78 15.11 -53.60
N GLY A 136 -16.65 13.95 -54.27
CA GLY A 136 -15.40 13.21 -54.19
C GLY A 136 -14.21 14.07 -54.57
N GLY A 137 -14.36 14.89 -55.62
CA GLY A 137 -13.23 15.68 -56.06
C GLY A 137 -12.74 16.63 -54.99
N VAL A 138 -13.69 17.32 -54.33
CA VAL A 138 -13.28 18.31 -53.33
C VAL A 138 -12.66 17.58 -52.14
N LEU A 139 -13.19 16.39 -51.80
CA LEU A 139 -12.64 15.67 -50.66
C LEU A 139 -11.20 15.26 -50.94
N GLU A 140 -10.93 14.83 -52.18
CA GLU A 140 -9.58 14.42 -52.56
C GLU A 140 -8.61 15.60 -52.57
N ALA A 141 -8.95 16.67 -53.30
CA ALA A 141 -8.03 17.78 -53.46
C ALA A 141 -7.79 18.52 -52.14
N SER A 142 -8.85 18.88 -51.41
CA SER A 142 -8.70 19.62 -50.17
C SER A 142 -9.65 19.10 -49.10
N GLY A 143 -9.16 18.20 -48.23
CA GLY A 143 -10.00 17.70 -47.16
C GLY A 143 -10.28 18.74 -46.09
N TYR A 144 -9.27 19.56 -45.77
CA TYR A 144 -9.37 20.52 -44.67
C TYR A 144 -10.47 21.53 -44.92
N SER A 145 -10.53 22.07 -46.15
CA SER A 145 -11.52 23.09 -46.47
C SER A 145 -12.91 22.51 -46.37
N THR A 146 -13.10 21.30 -46.91
CA THR A 146 -14.42 20.68 -46.93
C THR A 146 -14.89 20.45 -45.51
N GLU A 147 -13.99 19.96 -44.65
CA GLU A 147 -14.37 19.66 -43.28
C GLU A 147 -14.73 20.94 -42.52
N VAL A 148 -13.87 21.95 -42.56
CA VAL A 148 -14.12 23.16 -41.76
C VAL A 148 -15.40 23.85 -42.24
N VAL A 149 -15.58 23.93 -43.57
CA VAL A 149 -16.77 24.59 -44.10
C VAL A 149 -18.02 23.80 -43.72
N ALA A 150 -17.98 22.47 -43.93
CA ALA A 150 -19.17 21.65 -43.68
C ALA A 150 -19.59 21.77 -42.22
N LEU A 151 -18.62 21.73 -41.31
CA LEU A 151 -18.93 21.81 -39.88
C LEU A 151 -19.47 23.19 -39.51
N SER A 152 -18.83 24.26 -40.01
CA SER A 152 -19.26 25.60 -39.63
C SER A 152 -20.65 25.89 -40.21
N ARG A 153 -20.91 25.45 -41.44
CA ARG A 153 -22.22 25.68 -42.02
C ARG A 153 -23.27 24.83 -41.30
N LEU A 154 -22.88 23.64 -40.83
CA LEU A 154 -23.84 22.81 -40.11
C LEU A 154 -24.24 23.54 -38.83
N GLN A 155 -23.25 24.10 -38.13
CA GLN A 155 -23.51 24.79 -36.87
C GLN A 155 -24.42 25.98 -37.12
N GLY A 156 -24.17 26.70 -38.21
CA GLY A 156 -25.00 27.85 -38.54
C GLY A 156 -26.43 27.43 -38.84
N SER A 157 -26.58 26.33 -39.60
CA SER A 157 -27.91 25.90 -40.01
C SER A 157 -28.70 25.49 -38.77
N LEU A 158 -28.02 24.81 -37.85
CA LEU A 158 -28.68 24.38 -36.62
C LEU A 158 -29.11 25.58 -35.80
N GLN A 159 -28.27 26.63 -35.78
CA GLN A 159 -28.61 27.82 -35.00
C GLN A 159 -29.85 28.51 -35.54
N ASP A 160 -29.97 28.68 -36.88
CA ASP A 160 -31.19 29.34 -37.35
C ASP A 160 -32.39 28.44 -37.14
N MET A 161 -32.20 27.11 -37.28
CA MET A 161 -33.33 26.21 -37.06
C MET A 161 -33.82 26.36 -35.63
N LEU A 162 -32.89 26.46 -34.67
CA LEU A 162 -33.30 26.57 -33.27
C LEU A 162 -34.02 27.89 -33.08
N TRP A 163 -33.56 28.95 -33.76
CA TRP A 163 -34.20 30.25 -33.59
C TRP A 163 -35.65 30.17 -34.06
N GLN A 164 -35.86 29.53 -35.22
CA GLN A 164 -37.18 29.48 -35.85
C GLN A 164 -38.12 28.47 -35.19
N LEU A 165 -37.61 27.53 -34.38
CA LEU A 165 -38.48 26.48 -33.85
C LEU A 165 -39.56 27.00 -32.90
N ASP A 166 -39.40 28.20 -32.33
CA ASP A 166 -40.49 28.77 -31.55
C ASP A 166 -41.50 29.54 -32.41
N LEU A 167 -41.10 30.03 -33.59
CA LEU A 167 -41.93 30.89 -34.45
C LEU A 167 -43.17 30.17 -35.03
N SER A 168 -43.49 28.95 -34.57
CA SER A 168 -44.53 28.06 -35.08
C SER A 168 -44.24 27.63 -36.50
N PRO A 169 -43.17 26.85 -36.72
CA PRO A 169 -42.83 26.40 -38.07
C PRO A 169 -43.98 25.64 -38.73
N GLY A 170 -44.06 25.78 -40.05
CA GLY A 170 -45.13 25.17 -40.80
C GLY A 170 -44.58 24.33 -41.94
N CYS A 171 -45.47 23.47 -42.46
CA CYS A 171 -45.12 22.55 -43.54
C CYS A 171 -45.51 23.12 -44.90
N LYS B 215 -31.54 -45.27 -57.17
CA LYS B 215 -31.68 -45.78 -55.80
C LYS B 215 -30.91 -44.91 -54.81
N PRO B 216 -31.63 -44.11 -54.03
CA PRO B 216 -30.96 -43.25 -53.05
C PRO B 216 -30.34 -44.05 -51.92
N ASP B 217 -29.39 -43.41 -51.23
CA ASP B 217 -28.76 -44.02 -50.07
C ASP B 217 -29.75 -44.08 -48.91
N PRO B 218 -29.60 -45.07 -48.02
CA PRO B 218 -30.47 -45.14 -46.84
C PRO B 218 -30.24 -43.95 -45.91
N PRO B 219 -31.28 -43.53 -45.19
CA PRO B 219 -31.13 -42.38 -44.29
C PRO B 219 -30.13 -42.67 -43.16
N LEU B 220 -29.41 -41.63 -42.76
CA LEU B 220 -28.40 -41.72 -41.72
C LEU B 220 -28.79 -40.86 -40.53
N GLY B 221 -28.04 -41.03 -39.44
CA GLY B 221 -28.27 -40.25 -38.24
C GLY B 221 -29.60 -40.52 -37.56
N LEU B 222 -29.98 -41.79 -37.41
CA LEU B 222 -31.23 -42.13 -36.77
C LEU B 222 -31.14 -41.91 -35.26
N HIS B 223 -31.95 -40.99 -34.75
CA HIS B 223 -31.93 -40.61 -33.34
C HIS B 223 -33.36 -40.62 -32.78
N MET B 224 -33.46 -40.95 -31.50
CA MET B 224 -34.74 -40.94 -30.79
C MET B 224 -34.59 -40.10 -29.53
N GLU B 225 -35.51 -39.17 -29.33
CA GLU B 225 -35.50 -38.29 -28.17
C GLU B 225 -36.89 -38.23 -27.55
N ILE B 226 -36.96 -37.65 -26.35
CA ILE B 226 -38.22 -37.53 -25.63
C ILE B 226 -38.59 -36.06 -25.54
N THR B 227 -39.79 -35.73 -26.01
CA THR B 227 -40.27 -34.35 -25.97
C THR B 227 -40.75 -33.99 -24.56
N ASP B 228 -40.98 -32.69 -24.36
CA ASP B 228 -41.49 -32.23 -23.06
C ASP B 228 -42.92 -32.68 -22.82
N ASP B 229 -43.68 -32.94 -23.89
CA ASP B 229 -45.06 -33.38 -23.76
C ASP B 229 -45.19 -34.87 -23.45
N GLY B 230 -44.08 -35.61 -23.45
CA GLY B 230 -44.15 -37.04 -23.22
C GLY B 230 -44.27 -37.87 -24.47
N ASN B 231 -43.78 -37.38 -25.61
CA ASN B 231 -43.87 -38.09 -26.87
C ASN B 231 -42.47 -38.41 -27.39
N LEU B 232 -42.38 -39.53 -28.11
CA LEU B 232 -41.10 -39.99 -28.67
C LEU B 232 -40.92 -39.39 -30.05
N LYS B 233 -39.86 -38.61 -30.23
CA LYS B 233 -39.55 -37.97 -31.51
C LYS B 233 -38.41 -38.74 -32.17
N ILE B 234 -38.66 -39.27 -33.36
CA ILE B 234 -37.66 -40.00 -34.12
C ILE B 234 -37.23 -39.13 -35.30
N SER B 235 -35.93 -38.87 -35.39
CA SER B 235 -35.39 -37.99 -36.42
C SER B 235 -34.29 -38.69 -37.18
N TRP B 236 -34.12 -38.30 -38.44
CA TRP B 236 -33.09 -38.86 -39.30
C TRP B 236 -32.64 -37.80 -40.29
N SER B 237 -31.45 -37.98 -40.82
CA SER B 237 -30.84 -37.02 -41.74
C SER B 237 -30.92 -37.53 -43.17
N SER B 238 -31.35 -36.65 -44.07
CA SER B 238 -31.40 -37.00 -45.48
C SER B 238 -29.99 -37.14 -46.03
N PRO B 239 -29.77 -37.99 -47.04
CA PRO B 239 -28.45 -38.08 -47.68
C PRO B 239 -28.06 -36.76 -48.32
N PRO B 240 -26.78 -36.41 -48.33
CA PRO B 240 -26.34 -35.13 -48.89
C PRO B 240 -26.15 -35.14 -50.40
N LEU B 241 -26.46 -36.24 -51.08
CA LEU B 241 -26.21 -36.37 -52.51
C LEU B 241 -27.48 -36.44 -53.35
N VAL B 242 -28.65 -36.33 -52.75
CA VAL B 242 -29.92 -36.39 -53.47
C VAL B 242 -30.42 -34.96 -53.66
N PRO B 243 -30.54 -34.47 -54.90
CA PRO B 243 -31.03 -33.10 -55.11
C PRO B 243 -32.54 -33.01 -55.20
N PHE B 244 -33.24 -34.07 -54.81
CA PHE B 244 -34.69 -34.13 -54.87
C PHE B 244 -35.25 -34.52 -53.51
N PRO B 245 -36.46 -34.07 -53.18
CA PRO B 245 -37.05 -34.43 -51.89
C PRO B 245 -37.34 -35.93 -51.80
N LEU B 246 -37.29 -36.46 -50.58
CA LEU B 246 -37.43 -37.88 -50.33
C LEU B 246 -38.63 -38.14 -49.43
N GLN B 247 -39.34 -39.22 -49.73
CA GLN B 247 -40.43 -39.72 -48.90
C GLN B 247 -39.95 -40.95 -48.16
N TYR B 248 -40.18 -40.98 -46.85
CA TYR B 248 -39.59 -42.00 -46.00
C TYR B 248 -40.66 -42.93 -45.44
N GLN B 249 -40.32 -44.21 -45.37
CA GLN B 249 -41.13 -45.22 -44.71
C GLN B 249 -40.40 -45.65 -43.45
N VAL B 250 -41.07 -45.52 -42.31
CA VAL B 250 -40.50 -45.83 -41.01
C VAL B 250 -41.29 -46.98 -40.39
N LYS B 251 -40.61 -48.08 -40.11
CA LYS B 251 -41.18 -49.21 -39.41
C LYS B 251 -40.68 -49.21 -37.97
N TYR B 252 -41.59 -49.08 -37.02
CA TYR B 252 -41.20 -49.06 -35.61
C TYR B 252 -42.03 -50.08 -34.84
N SER B 253 -41.34 -50.80 -33.96
CA SER B 253 -41.94 -51.82 -33.12
C SER B 253 -41.74 -51.46 -31.66
N GLU B 254 -42.85 -51.47 -30.92
CA GLU B 254 -42.86 -51.20 -29.48
C GLU B 254 -43.11 -52.53 -28.78
N ASN B 255 -42.16 -52.95 -27.94
CA ASN B 255 -42.21 -54.23 -27.26
C ASN B 255 -42.25 -53.98 -25.76
N SER B 256 -43.37 -54.31 -25.14
CA SER B 256 -43.51 -54.31 -23.69
C SER B 256 -43.69 -55.74 -23.19
N THR B 257 -43.86 -55.88 -21.88
CA THR B 257 -44.07 -57.20 -21.31
C THR B 257 -45.47 -57.73 -21.57
N THR B 258 -46.40 -56.86 -21.97
CA THR B 258 -47.78 -57.25 -22.21
C THR B 258 -48.27 -56.95 -23.62
N VAL B 259 -47.87 -55.83 -24.22
CA VAL B 259 -48.37 -55.41 -25.51
C VAL B 259 -47.19 -55.24 -26.48
N ILE B 260 -47.29 -55.90 -27.63
CA ILE B 260 -46.29 -55.77 -28.69
C ILE B 260 -46.98 -55.22 -29.93
N ARG B 261 -46.48 -54.10 -30.45
CA ARG B 261 -47.08 -53.43 -31.59
C ARG B 261 -46.02 -53.18 -32.66
N GLU B 262 -46.43 -53.27 -33.92
CA GLU B 262 -45.59 -52.88 -35.05
C GLU B 262 -46.37 -51.95 -35.96
N ALA B 263 -45.73 -50.88 -36.41
CA ALA B 263 -46.42 -49.89 -37.24
C ALA B 263 -45.48 -49.33 -38.29
N ASP B 264 -45.98 -49.22 -39.52
CA ASP B 264 -45.25 -48.62 -40.63
C ASP B 264 -45.96 -47.33 -41.02
N LYS B 265 -45.20 -46.24 -41.08
CA LYS B 265 -45.74 -44.92 -41.40
C LYS B 265 -44.94 -44.29 -42.53
N ILE B 266 -45.64 -43.66 -43.46
CA ILE B 266 -45.04 -42.98 -44.61
C ILE B 266 -45.14 -41.49 -44.40
N VAL B 267 -44.00 -40.80 -44.37
CA VAL B 267 -43.95 -39.37 -44.07
C VAL B 267 -43.07 -38.67 -45.09
N SER B 268 -43.47 -37.44 -45.44
CA SER B 268 -42.65 -36.60 -46.30
C SER B 268 -41.57 -35.85 -45.54
N ALA B 269 -41.73 -35.70 -44.23
CA ALA B 269 -40.74 -34.99 -43.42
C ALA B 269 -39.70 -35.97 -42.88
N THR B 270 -38.66 -35.40 -42.26
CA THR B 270 -37.57 -36.18 -41.69
C THR B 270 -37.76 -36.44 -40.19
N SER B 271 -38.98 -36.36 -39.68
CA SER B 271 -39.23 -36.59 -38.26
C SER B 271 -40.59 -37.25 -38.09
N LEU B 272 -40.73 -37.98 -37.00
CA LEU B 272 -41.96 -38.70 -36.67
C LEU B 272 -42.24 -38.61 -35.19
N LEU B 273 -43.50 -38.43 -34.83
CA LEU B 273 -43.90 -38.33 -33.43
C LEU B 273 -44.76 -39.53 -33.03
N VAL B 274 -44.41 -40.14 -31.90
CA VAL B 274 -45.18 -41.23 -31.32
C VAL B 274 -45.74 -40.75 -30.00
N ASP B 275 -47.06 -40.78 -29.87
CA ASP B 275 -47.73 -40.25 -28.68
C ASP B 275 -47.70 -41.29 -27.55
N SER B 276 -47.53 -40.79 -26.33
CA SER B 276 -47.59 -41.58 -25.10
C SER B 276 -46.58 -42.74 -25.11
N ILE B 277 -45.29 -42.40 -25.10
CA ILE B 277 -44.25 -43.42 -25.06
C ILE B 277 -44.36 -44.18 -23.74
N LEU B 278 -44.41 -45.51 -23.83
CA LEU B 278 -44.70 -46.35 -22.67
C LEU B 278 -43.43 -46.57 -21.86
N PRO B 279 -43.51 -46.60 -20.53
CA PRO B 279 -42.31 -46.84 -19.72
C PRO B 279 -41.94 -48.33 -19.73
N GLY B 280 -40.64 -48.58 -19.66
CA GLY B 280 -40.15 -49.95 -19.64
C GLY B 280 -40.41 -50.74 -20.91
N SER B 281 -40.31 -50.08 -22.06
CA SER B 281 -40.58 -50.70 -23.35
C SER B 281 -39.40 -50.48 -24.28
N SER B 282 -39.27 -51.37 -25.26
CA SER B 282 -38.18 -51.32 -26.23
C SER B 282 -38.74 -50.88 -27.57
N TYR B 283 -38.15 -49.83 -28.14
CA TYR B 283 -38.56 -49.30 -29.44
C TYR B 283 -37.48 -49.59 -30.46
N GLU B 284 -37.83 -50.34 -31.50
CA GLU B 284 -36.92 -50.67 -32.59
C GLU B 284 -37.41 -49.97 -33.85
N VAL B 285 -36.54 -49.14 -34.44
CA VAL B 285 -36.93 -48.25 -35.53
C VAL B 285 -36.01 -48.51 -36.73
N GLN B 286 -36.63 -48.65 -37.91
CA GLN B 286 -35.92 -48.70 -39.18
C GLN B 286 -36.55 -47.71 -40.13
N VAL B 287 -35.71 -47.02 -40.91
CA VAL B 287 -36.15 -45.98 -41.83
C VAL B 287 -35.56 -46.24 -43.21
N ARG B 288 -36.39 -46.18 -44.24
CA ARG B 288 -35.93 -46.24 -45.62
C ARG B 288 -36.53 -45.09 -46.41
N GLY B 289 -35.90 -44.76 -47.53
CA GLY B 289 -36.28 -43.60 -48.32
C GLY B 289 -36.59 -43.94 -49.76
N LYS B 290 -37.32 -43.04 -50.42
CA LYS B 290 -37.67 -43.18 -51.82
C LYS B 290 -37.77 -41.79 -52.43
N ARG B 291 -37.55 -41.71 -53.75
CA ARG B 291 -37.75 -40.45 -54.46
C ARG B 291 -39.22 -40.08 -54.45
N LEU B 292 -39.51 -38.82 -54.12
CA LEU B 292 -40.90 -38.41 -53.95
C LEU B 292 -41.63 -38.33 -55.28
N ASP B 293 -40.97 -37.79 -56.31
CA ASP B 293 -41.58 -37.55 -57.61
C ASP B 293 -41.10 -38.61 -58.59
N GLY B 294 -42.04 -39.27 -59.26
CA GLY B 294 -41.72 -40.24 -60.27
C GLY B 294 -41.58 -41.65 -59.72
N PRO B 295 -41.34 -42.62 -60.60
CA PRO B 295 -41.19 -44.02 -60.16
C PRO B 295 -39.81 -44.29 -59.56
N GLY B 296 -39.59 -43.78 -58.36
CA GLY B 296 -38.31 -43.98 -57.70
C GLY B 296 -38.15 -45.39 -57.18
N ILE B 297 -36.93 -45.71 -56.77
CA ILE B 297 -36.59 -47.01 -56.21
C ILE B 297 -36.40 -46.87 -54.71
N TRP B 298 -37.04 -47.77 -53.96
CA TRP B 298 -36.93 -47.73 -52.50
C TRP B 298 -35.52 -48.08 -52.05
N SER B 299 -35.01 -47.29 -51.11
CA SER B 299 -33.69 -47.52 -50.56
C SER B 299 -33.71 -48.71 -49.60
N ASP B 300 -32.52 -49.22 -49.29
CA ASP B 300 -32.40 -50.28 -48.31
C ASP B 300 -32.75 -49.76 -46.92
N TRP B 301 -33.22 -50.67 -46.07
CA TRP B 301 -33.54 -50.31 -44.70
C TRP B 301 -32.28 -49.94 -43.93
N SER B 302 -32.39 -48.90 -43.12
CA SER B 302 -31.27 -48.47 -42.29
C SER B 302 -31.06 -49.45 -41.14
N THR B 303 -29.96 -49.26 -40.44
CA THR B 303 -29.66 -50.08 -39.26
C THR B 303 -30.72 -49.83 -38.19
N PRO B 304 -31.30 -50.89 -37.61
CA PRO B 304 -32.35 -50.69 -36.59
C PRO B 304 -31.79 -50.04 -35.34
N ARG B 305 -32.54 -49.09 -34.80
CA ARG B 305 -32.16 -48.38 -33.58
C ARG B 305 -33.08 -48.82 -32.45
N VAL B 306 -32.48 -49.19 -31.31
CA VAL B 306 -33.21 -49.72 -30.17
C VAL B 306 -33.10 -48.74 -29.02
N PHE B 307 -34.25 -48.35 -28.45
CA PHE B 307 -34.31 -47.42 -27.33
C PHE B 307 -35.08 -48.07 -26.20
N THR B 308 -34.48 -48.11 -25.01
CA THR B 308 -35.09 -48.74 -23.84
C THR B 308 -35.43 -47.66 -22.81
N THR B 309 -36.67 -47.66 -22.34
CA THR B 309 -37.15 -46.64 -21.44
C THR B 309 -37.05 -47.10 -19.98
N GLN B 310 -37.28 -46.16 -19.07
CA GLN B 310 -37.24 -46.40 -17.63
C GLN B 310 -38.64 -46.79 -17.14
N ASP B 311 -38.82 -46.81 -15.82
CA ASP B 311 -40.00 -47.40 -15.21
C ASP B 311 -40.98 -46.36 -14.68
N VAL B 312 -40.58 -45.08 -14.66
CA VAL B 312 -41.43 -44.00 -14.18
C VAL B 312 -41.27 -42.82 -15.12
N ILE B 313 -42.39 -42.20 -15.51
CA ILE B 313 -42.38 -41.12 -16.48
C ILE B 313 -42.63 -39.79 -15.75
N TYR B 314 -41.70 -38.86 -15.90
CA TYR B 314 -41.92 -37.47 -15.52
C TYR B 314 -41.92 -36.61 -16.77
N PHE B 315 -43.00 -35.85 -16.96
CA PHE B 315 -43.03 -34.96 -18.11
C PHE B 315 -43.63 -33.61 -17.70
N PRO B 316 -42.88 -32.51 -17.88
CA PRO B 316 -41.49 -32.48 -18.36
C PRO B 316 -40.47 -32.86 -17.30
N PRO B 317 -39.42 -33.58 -17.71
CA PRO B 317 -38.40 -34.02 -16.72
C PRO B 317 -37.68 -32.89 -16.02
N LYS B 318 -37.40 -31.79 -16.71
CA LYS B 318 -36.67 -30.68 -16.13
C LYS B 318 -37.37 -29.38 -16.48
N ILE B 319 -37.31 -28.42 -15.56
CA ILE B 319 -37.93 -27.11 -15.74
C ILE B 319 -36.94 -26.03 -15.32
N LEU B 320 -36.69 -25.08 -16.21
CA LEU B 320 -35.91 -23.89 -15.91
C LEU B 320 -36.88 -22.72 -15.76
N THR B 321 -36.95 -22.15 -14.56
CA THR B 321 -37.91 -21.11 -14.26
C THR B 321 -37.25 -20.05 -13.37
N SER B 322 -37.99 -18.99 -13.09
CA SER B 322 -37.52 -17.87 -12.29
C SER B 322 -38.28 -17.82 -10.97
N VAL B 323 -37.94 -16.81 -10.16
CA VAL B 323 -38.57 -16.63 -8.87
C VAL B 323 -39.97 -16.08 -9.05
N GLY B 324 -40.94 -16.67 -8.35
CA GLY B 324 -42.31 -16.21 -8.37
C GLY B 324 -43.19 -16.78 -9.46
N SER B 325 -42.68 -17.71 -10.26
CA SER B 325 -43.47 -18.30 -11.33
C SER B 325 -44.19 -19.55 -10.84
N ASN B 326 -45.14 -20.03 -11.64
CA ASN B 326 -45.91 -21.22 -11.33
C ASN B 326 -45.51 -22.35 -12.27
N VAL B 327 -45.18 -23.51 -11.69
CA VAL B 327 -44.66 -24.63 -12.46
C VAL B 327 -45.50 -25.87 -12.17
N SER B 328 -45.93 -26.55 -13.24
CA SER B 328 -46.72 -27.76 -13.12
C SER B 328 -45.91 -28.96 -13.56
N PHE B 329 -45.88 -29.99 -12.72
CA PHE B 329 -45.18 -31.23 -13.01
C PHE B 329 -46.17 -32.38 -13.10
N HIS B 330 -46.01 -33.20 -14.13
CA HIS B 330 -46.88 -34.36 -14.36
C HIS B 330 -46.05 -35.64 -14.29
N CYS B 331 -46.64 -36.68 -13.70
CA CYS B 331 -45.97 -37.97 -13.60
C CYS B 331 -46.95 -39.09 -13.86
N ILE B 332 -46.38 -40.19 -14.38
CA ILE B 332 -47.03 -41.48 -14.50
C ILE B 332 -46.15 -42.52 -13.82
N TYR B 333 -46.74 -43.26 -12.88
CA TYR B 333 -46.02 -44.25 -12.09
C TYR B 333 -46.44 -45.64 -12.56
N LYS B 334 -45.45 -46.50 -12.82
CA LYS B 334 -45.69 -47.86 -13.26
C LYS B 334 -45.30 -48.82 -12.14
N LYS B 335 -46.17 -49.78 -11.85
CA LYS B 335 -45.93 -50.82 -10.86
C LYS B 335 -46.12 -52.17 -11.53
N GLU B 336 -45.01 -52.84 -11.87
CA GLU B 336 -45.00 -54.13 -12.54
C GLU B 336 -45.77 -54.09 -13.85
N ASN B 337 -45.39 -53.13 -14.70
CA ASN B 337 -46.03 -52.89 -16.00
C ASN B 337 -47.53 -52.63 -15.86
N LYS B 338 -47.90 -51.91 -14.80
CA LYS B 338 -49.28 -51.50 -14.57
C LYS B 338 -49.27 -50.05 -14.11
N ILE B 339 -50.14 -49.24 -14.70
CA ILE B 339 -50.19 -47.81 -14.41
C ILE B 339 -51.00 -47.61 -13.13
N VAL B 340 -50.35 -47.06 -12.11
CA VAL B 340 -50.97 -46.79 -10.81
C VAL B 340 -51.98 -45.67 -10.99
N PRO B 341 -53.16 -45.75 -10.37
CA PRO B 341 -54.11 -44.64 -10.43
C PRO B 341 -53.56 -43.39 -9.75
N SER B 342 -54.05 -42.24 -10.21
CA SER B 342 -53.56 -40.95 -9.75
C SER B 342 -53.87 -40.69 -8.27
N LYS B 343 -54.85 -41.42 -7.70
CA LYS B 343 -55.16 -41.23 -6.29
C LYS B 343 -54.05 -41.72 -5.38
N GLU B 344 -53.32 -42.76 -5.80
CA GLU B 344 -52.29 -43.33 -4.94
C GLU B 344 -50.99 -42.55 -5.02
N ILE B 345 -50.88 -41.63 -5.98
CA ILE B 345 -49.63 -40.94 -6.22
C ILE B 345 -49.43 -39.84 -5.17
N VAL B 346 -48.28 -39.87 -4.50
CA VAL B 346 -47.92 -38.92 -3.46
C VAL B 346 -46.58 -38.28 -3.83
N TRP B 347 -46.51 -36.97 -3.69
CA TRP B 347 -45.31 -36.23 -4.09
C TRP B 347 -44.49 -35.81 -2.87
N TRP B 348 -43.18 -35.81 -3.05
CA TRP B 348 -42.21 -35.45 -2.02
C TRP B 348 -41.18 -34.51 -2.61
N MET B 349 -40.58 -33.69 -1.75
CA MET B 349 -39.53 -32.75 -2.14
C MET B 349 -38.21 -33.23 -1.57
N ASN B 350 -37.30 -33.65 -2.45
CA ASN B 350 -35.94 -34.08 -2.12
C ASN B 350 -35.92 -35.22 -1.10
N LEU B 351 -36.96 -36.06 -1.10
CA LEU B 351 -37.17 -37.16 -0.15
C LEU B 351 -37.20 -36.67 1.29
N ALA B 352 -37.55 -35.40 1.52
CA ALA B 352 -37.51 -34.86 2.89
C ALA B 352 -38.90 -34.79 3.49
N GLU B 353 -39.84 -34.14 2.79
CA GLU B 353 -41.17 -33.94 3.33
C GLU B 353 -42.20 -34.14 2.23
N LYS B 354 -43.39 -34.57 2.62
CA LYS B 354 -44.46 -34.82 1.69
C LYS B 354 -45.10 -33.50 1.24
N ILE B 355 -45.27 -33.36 -0.07
CA ILE B 355 -45.95 -32.20 -0.65
C ILE B 355 -47.41 -32.21 -0.20
N PRO B 356 -47.95 -31.08 0.25
CA PRO B 356 -49.35 -31.05 0.70
C PRO B 356 -50.32 -31.43 -0.41
N GLN B 357 -51.43 -32.04 -0.01
CA GLN B 357 -52.40 -32.55 -0.99
C GLN B 357 -53.16 -31.44 -1.68
N SER B 358 -53.05 -30.20 -1.18
CA SER B 358 -53.69 -29.07 -1.85
C SER B 358 -53.07 -28.82 -3.22
N GLN B 359 -51.76 -29.04 -3.35
CA GLN B 359 -51.11 -28.87 -4.65
C GLN B 359 -51.37 -30.06 -5.57
N TYR B 360 -51.86 -31.17 -5.03
CA TYR B 360 -52.11 -32.36 -5.83
C TYR B 360 -53.33 -32.15 -6.73
N ASP B 361 -53.18 -32.51 -8.00
CA ASP B 361 -54.28 -32.45 -8.95
C ASP B 361 -54.29 -33.71 -9.81
N VAL B 362 -55.49 -34.22 -10.10
CA VAL B 362 -55.65 -35.40 -10.93
C VAL B 362 -56.15 -34.91 -12.29
N VAL B 363 -55.22 -34.81 -13.25
CA VAL B 363 -55.60 -34.46 -14.61
C VAL B 363 -56.32 -35.65 -15.27
N SER B 364 -55.78 -36.85 -15.10
CA SER B 364 -56.40 -38.06 -15.62
C SER B 364 -56.17 -39.18 -14.64
N ASP B 365 -56.79 -40.33 -14.93
CA ASP B 365 -56.70 -41.48 -14.01
C ASP B 365 -55.30 -42.08 -14.02
N HIS B 366 -54.51 -41.80 -15.06
CA HIS B 366 -53.20 -42.41 -15.19
C HIS B 366 -52.07 -41.48 -14.75
N VAL B 367 -52.26 -40.17 -14.91
CA VAL B 367 -51.21 -39.18 -14.67
C VAL B 367 -51.66 -38.25 -13.55
N SER B 368 -50.75 -38.00 -12.60
CA SER B 368 -50.98 -37.02 -11.54
C SER B 368 -50.13 -35.79 -11.80
N LYS B 369 -50.50 -34.67 -11.17
CA LYS B 369 -49.74 -33.44 -11.37
C LYS B 369 -49.70 -32.61 -10.09
N VAL B 370 -48.69 -31.76 -10.00
CA VAL B 370 -48.52 -30.82 -8.89
C VAL B 370 -48.28 -29.43 -9.46
N THR B 371 -48.87 -28.43 -8.83
CA THR B 371 -48.72 -27.04 -9.22
C THR B 371 -48.02 -26.27 -8.11
N PHE B 372 -46.96 -25.56 -8.47
CA PHE B 372 -46.20 -24.73 -7.54
C PHE B 372 -46.42 -23.26 -7.89
N PHE B 373 -46.87 -22.50 -6.90
CA PHE B 373 -47.20 -21.09 -7.08
C PHE B 373 -46.28 -20.23 -6.23
N ASN B 374 -45.87 -19.10 -6.80
CA ASN B 374 -44.97 -18.14 -6.16
C ASN B 374 -43.68 -18.83 -5.70
N LEU B 375 -42.97 -19.39 -6.68
CA LEU B 375 -41.77 -20.15 -6.39
C LEU B 375 -40.64 -19.22 -5.93
N ASN B 376 -39.95 -19.63 -4.88
CA ASN B 376 -38.78 -18.94 -4.37
C ASN B 376 -37.53 -19.58 -4.95
N GLU B 377 -36.39 -18.91 -4.74
CA GLU B 377 -35.12 -19.44 -5.22
C GLU B 377 -34.76 -20.70 -4.46
N THR B 378 -34.39 -21.74 -5.21
CA THR B 378 -33.99 -22.99 -4.60
C THR B 378 -32.59 -22.86 -4.05
N LYS B 379 -32.45 -23.10 -2.74
CA LYS B 379 -31.14 -22.98 -2.10
C LYS B 379 -30.23 -24.13 -2.54
N PRO B 380 -28.93 -23.90 -2.68
CA PRO B 380 -28.03 -25.00 -3.06
C PRO B 380 -27.73 -25.91 -1.87
N ARG B 381 -28.06 -27.19 -2.04
CA ARG B 381 -27.76 -28.22 -1.06
C ARG B 381 -26.55 -28.98 -1.54
N GLY B 382 -25.36 -28.52 -1.15
CA GLY B 382 -24.14 -29.11 -1.66
C GLY B 382 -23.92 -28.76 -3.11
N LYS B 383 -23.57 -29.78 -3.91
CA LYS B 383 -23.30 -29.54 -5.32
C LYS B 383 -24.58 -29.31 -6.12
N PHE B 384 -25.69 -29.87 -5.67
CA PHE B 384 -26.94 -29.82 -6.42
C PHE B 384 -27.63 -28.47 -6.19
N THR B 385 -27.85 -27.73 -7.27
CA THR B 385 -28.50 -26.43 -7.18
C THR B 385 -29.99 -26.49 -7.48
N TYR B 386 -30.53 -27.68 -7.73
CA TYR B 386 -31.93 -27.85 -8.11
C TYR B 386 -32.68 -28.60 -7.01
N ASP B 387 -34.01 -28.54 -7.10
CA ASP B 387 -34.87 -29.33 -6.23
C ASP B 387 -35.34 -30.58 -6.95
N ALA B 388 -35.22 -31.72 -6.28
CA ALA B 388 -35.64 -33.00 -6.84
C ALA B 388 -37.04 -33.34 -6.32
N VAL B 389 -38.02 -33.32 -7.20
CA VAL B 389 -39.41 -33.60 -6.85
C VAL B 389 -39.73 -35.03 -7.25
N TYR B 390 -40.14 -35.84 -6.28
CA TYR B 390 -40.40 -37.25 -6.49
C TYR B 390 -41.91 -37.50 -6.46
N CYS B 391 -42.38 -38.34 -7.38
CA CYS B 391 -43.75 -38.82 -7.37
C CYS B 391 -43.71 -40.32 -7.12
N CYS B 392 -44.52 -40.78 -6.16
CA CYS B 392 -44.35 -42.10 -5.58
C CYS B 392 -45.69 -42.80 -5.44
N ASN B 393 -45.64 -44.13 -5.37
CA ASN B 393 -46.80 -44.94 -5.05
C ASN B 393 -46.87 -45.05 -3.53
N GLU B 394 -47.72 -44.23 -2.92
CA GLU B 394 -47.94 -44.17 -1.48
C GLU B 394 -46.65 -43.87 -0.72
N HIS B 395 -46.34 -44.67 0.29
CA HIS B 395 -45.16 -44.40 1.11
C HIS B 395 -43.88 -44.75 0.38
N GLU B 396 -43.93 -45.73 -0.51
CA GLU B 396 -42.74 -46.23 -1.19
C GLU B 396 -42.43 -45.33 -2.39
N CYS B 397 -41.18 -44.90 -2.48
CA CYS B 397 -40.76 -43.94 -3.50
C CYS B 397 -39.76 -44.55 -4.48
N HIS B 398 -39.60 -43.88 -5.61
CA HIS B 398 -38.72 -44.29 -6.68
C HIS B 398 -37.47 -43.42 -6.70
N HIS B 399 -36.43 -43.90 -7.39
CA HIS B 399 -35.16 -43.20 -7.39
C HIS B 399 -35.19 -41.97 -8.29
N ARG B 400 -35.89 -42.05 -9.42
CA ARG B 400 -35.90 -40.94 -10.37
C ARG B 400 -36.79 -39.81 -9.87
N TYR B 401 -36.55 -38.61 -10.40
CA TYR B 401 -37.19 -37.39 -9.92
C TYR B 401 -37.32 -36.39 -11.05
N ALA B 402 -37.84 -35.21 -10.72
CA ALA B 402 -37.90 -34.08 -11.62
C ALA B 402 -37.07 -32.94 -11.06
N GLU B 403 -36.30 -32.28 -11.93
CA GLU B 403 -35.34 -31.27 -11.52
C GLU B 403 -35.92 -29.88 -11.70
N LEU B 404 -35.90 -29.09 -10.63
CA LEU B 404 -36.41 -27.73 -10.63
C LEU B 404 -35.25 -26.76 -10.38
N TYR B 405 -34.91 -25.98 -11.39
CA TYR B 405 -33.82 -25.00 -11.33
C TYR B 405 -34.37 -23.60 -11.23
N VAL B 406 -34.37 -23.05 -10.01
CA VAL B 406 -34.73 -21.64 -9.82
C VAL B 406 -33.49 -20.86 -9.46
N ILE B 407 -32.85 -20.27 -10.47
CA ILE B 407 -31.62 -19.54 -10.25
C ILE B 407 -31.93 -18.04 -10.20
N ASP B 408 -30.99 -17.26 -9.70
CA ASP B 408 -31.17 -15.82 -9.57
C ASP B 408 -30.75 -15.13 -10.87
N VAL B 409 -31.73 -14.65 -11.64
CA VAL B 409 -31.47 -13.93 -12.87
C VAL B 409 -31.53 -12.42 -12.69
N ASN B 410 -31.74 -11.95 -11.46
CA ASN B 410 -31.84 -10.51 -11.19
C ASN B 410 -30.44 -9.90 -11.23
N ILE B 411 -30.06 -9.45 -12.42
CA ILE B 411 -28.75 -8.82 -12.65
C ILE B 411 -28.97 -7.33 -12.89
N ASN B 412 -28.30 -6.50 -12.11
CA ASN B 412 -28.43 -5.06 -12.24
C ASN B 412 -27.34 -4.54 -13.17
N ILE B 413 -27.74 -3.86 -14.24
CA ILE B 413 -26.83 -3.28 -15.20
C ILE B 413 -26.92 -1.76 -15.08
N SER B 414 -25.78 -1.12 -14.84
CA SER B 414 -25.73 0.33 -14.71
C SER B 414 -24.90 0.91 -15.85
N CYS B 415 -25.52 1.78 -16.64
CA CYS B 415 -24.84 2.41 -17.76
C CYS B 415 -24.46 3.83 -17.40
N GLU B 416 -23.36 4.30 -17.99
CA GLU B 416 -22.84 5.62 -17.67
C GLU B 416 -22.08 6.17 -18.88
N THR B 417 -22.33 7.43 -19.22
CA THR B 417 -21.70 8.06 -20.35
C THR B 417 -20.49 8.86 -19.91
N ASP B 418 -19.57 9.10 -20.84
CA ASP B 418 -18.37 9.88 -20.55
C ASP B 418 -18.71 11.35 -20.45
N GLY B 419 -17.72 12.14 -20.01
CA GLY B 419 -17.91 13.58 -19.88
C GLY B 419 -18.12 14.29 -21.20
N TYR B 420 -17.67 13.71 -22.30
CA TYR B 420 -17.86 14.28 -23.62
C TYR B 420 -19.05 13.68 -24.35
N LEU B 421 -19.78 12.76 -23.72
CA LEU B 421 -20.97 12.12 -24.27
C LEU B 421 -20.69 11.41 -25.60
N THR B 422 -19.54 10.73 -25.67
CA THR B 422 -19.15 10.03 -26.89
C THR B 422 -19.37 8.52 -26.80
N LYS B 423 -19.37 7.95 -25.60
CA LYS B 423 -19.53 6.51 -25.43
C LYS B 423 -20.27 6.26 -24.13
N MET B 424 -20.88 5.08 -24.04
CA MET B 424 -21.60 4.67 -22.84
C MET B 424 -21.09 3.30 -22.39
N THR B 425 -20.57 3.23 -21.18
CA THR B 425 -20.09 1.99 -20.60
C THR B 425 -21.13 1.46 -19.63
N CYS B 426 -21.56 0.22 -19.83
CA CYS B 426 -22.52 -0.44 -18.95
C CYS B 426 -21.81 -1.54 -18.19
N ARG B 427 -21.98 -1.54 -16.87
CA ARG B 427 -21.32 -2.47 -15.98
C ARG B 427 -22.36 -3.33 -15.27
N TRP B 428 -22.04 -4.62 -15.13
CA TRP B 428 -22.92 -5.52 -14.40
C TRP B 428 -22.09 -6.54 -13.63
N SER B 429 -22.65 -7.02 -12.53
CA SER B 429 -21.95 -7.89 -11.60
C SER B 429 -22.27 -9.35 -11.85
N THR B 430 -21.37 -10.22 -11.41
CA THR B 430 -21.51 -11.66 -11.55
C THR B 430 -21.63 -12.40 -10.22
N SER B 431 -22.05 -11.71 -9.15
CA SER B 431 -22.04 -12.32 -7.82
C SER B 431 -23.04 -13.46 -7.70
N THR B 432 -24.19 -13.36 -8.36
CA THR B 432 -25.24 -14.36 -8.21
C THR B 432 -25.13 -15.50 -9.21
N ILE B 433 -24.18 -15.46 -10.14
CA ILE B 433 -24.05 -16.49 -11.17
C ILE B 433 -22.78 -17.31 -11.02
N GLN B 434 -22.01 -17.11 -9.95
CA GLN B 434 -20.79 -17.88 -9.76
C GLN B 434 -21.06 -19.30 -9.29
N SER B 435 -22.28 -19.60 -8.84
CA SER B 435 -22.58 -20.92 -8.30
C SER B 435 -22.84 -21.97 -9.38
N LEU B 436 -23.02 -21.55 -10.63
CA LEU B 436 -23.35 -22.46 -11.72
C LEU B 436 -22.19 -22.51 -12.70
N ALA B 437 -21.68 -23.73 -12.93
CA ALA B 437 -20.65 -23.92 -13.95
C ALA B 437 -21.29 -24.16 -15.31
N GLU B 438 -20.47 -24.09 -16.35
CA GLU B 438 -20.85 -24.31 -17.75
C GLU B 438 -21.91 -23.31 -18.21
N SER B 439 -22.02 -22.17 -17.54
CA SER B 439 -23.01 -21.16 -17.88
C SER B 439 -22.37 -20.04 -18.68
N THR B 440 -23.00 -19.69 -19.80
CA THR B 440 -22.54 -18.63 -20.67
C THR B 440 -23.45 -17.41 -20.53
N LEU B 441 -22.84 -16.25 -20.32
CA LEU B 441 -23.56 -15.00 -20.12
C LEU B 441 -23.32 -14.08 -21.30
N GLN B 442 -24.40 -13.58 -21.90
CA GLN B 442 -24.29 -12.70 -23.06
C GLN B 442 -25.22 -11.52 -22.88
N LEU B 443 -24.68 -10.30 -22.97
CA LEU B 443 -25.53 -9.13 -22.89
C LEU B 443 -26.24 -8.91 -24.23
N ARG B 444 -27.56 -8.81 -24.18
CA ARG B 444 -28.38 -8.57 -25.36
C ARG B 444 -29.07 -7.23 -25.23
N TYR B 445 -29.01 -6.44 -26.31
CA TYR B 445 -29.59 -5.11 -26.29
C TYR B 445 -30.40 -4.90 -27.56
N HIS B 446 -31.48 -4.13 -27.41
CA HIS B 446 -32.32 -3.71 -28.52
C HIS B 446 -32.42 -2.20 -28.49
N ARG B 447 -32.17 -1.56 -29.63
CA ARG B 447 -32.18 -0.11 -29.73
C ARG B 447 -33.49 0.34 -30.36
N SER B 448 -34.25 1.15 -29.62
CA SER B 448 -35.48 1.70 -30.17
C SER B 448 -35.19 2.94 -31.00
N SER B 449 -36.15 3.30 -31.86
CA SER B 449 -36.00 4.49 -32.68
C SER B 449 -36.07 5.76 -31.83
N LEU B 450 -36.95 5.78 -30.83
CA LEU B 450 -37.11 6.94 -29.98
C LEU B 450 -37.48 6.52 -28.57
N TYR B 451 -36.70 6.98 -27.59
CA TYR B 451 -37.03 6.92 -26.17
C TYR B 451 -37.17 5.51 -25.62
N CYS B 452 -37.54 5.41 -24.35
CA CYS B 452 -37.82 4.14 -23.70
C CYS B 452 -39.31 4.00 -23.46
N SER B 453 -39.81 2.77 -23.62
CA SER B 453 -41.19 2.48 -23.28
C SER B 453 -41.37 2.47 -21.77
N ASP B 454 -42.63 2.66 -21.33
CA ASP B 454 -42.92 2.67 -19.91
C ASP B 454 -42.67 1.31 -19.27
N ILE B 455 -42.94 0.24 -20.00
CA ILE B 455 -42.67 -1.11 -19.52
C ILE B 455 -41.64 -1.77 -20.44
N PRO B 456 -40.39 -1.91 -20.01
CA PRO B 456 -39.41 -2.63 -20.82
C PRO B 456 -39.78 -4.09 -21.00
N SER B 457 -39.43 -4.64 -22.15
CA SER B 457 -39.80 -6.01 -22.49
C SER B 457 -38.72 -6.61 -23.38
N ILE B 458 -38.69 -7.94 -23.43
CA ILE B 458 -37.75 -8.66 -24.27
C ILE B 458 -38.19 -8.55 -25.72
N HIS B 459 -37.26 -8.12 -26.59
CA HIS B 459 -37.57 -8.01 -28.00
C HIS B 459 -37.03 -9.23 -28.75
N PRO B 460 -37.82 -9.78 -29.68
CA PRO B 460 -37.33 -10.95 -30.45
C PRO B 460 -36.08 -10.65 -31.27
N ILE B 461 -35.95 -9.44 -31.80
CA ILE B 461 -34.77 -9.04 -32.55
C ILE B 461 -33.86 -8.29 -31.59
N SER B 462 -32.70 -8.86 -31.30
CA SER B 462 -31.76 -8.28 -30.35
C SER B 462 -30.34 -8.47 -30.88
N GLU B 463 -29.42 -7.66 -30.34
CA GLU B 463 -28.04 -7.75 -30.74
C GLU B 463 -27.15 -8.07 -29.54
N PRO B 464 -26.18 -8.95 -29.71
CA PRO B 464 -25.21 -9.21 -28.64
C PRO B 464 -24.23 -8.05 -28.48
N LYS B 465 -23.67 -7.96 -27.27
CA LYS B 465 -22.68 -6.94 -26.97
C LYS B 465 -21.47 -7.58 -26.33
N ASP B 466 -20.29 -7.15 -26.76
CA ASP B 466 -19.03 -7.66 -26.23
C ASP B 466 -18.73 -6.99 -24.90
N CYS B 467 -18.74 -7.77 -23.82
CA CYS B 467 -18.45 -7.28 -22.49
C CYS B 467 -17.20 -7.97 -21.95
N TYR B 468 -16.36 -7.20 -21.27
CA TYR B 468 -15.09 -7.68 -20.77
C TYR B 468 -15.07 -7.59 -19.24
N LEU B 469 -14.56 -8.63 -18.60
CA LEU B 469 -14.47 -8.66 -17.15
C LEU B 469 -13.31 -7.81 -16.67
N GLN B 470 -13.53 -7.03 -15.63
CA GLN B 470 -12.52 -6.15 -15.07
C GLN B 470 -11.94 -6.74 -13.79
N SER B 471 -11.04 -5.96 -13.17
CA SER B 471 -10.38 -6.43 -11.95
C SER B 471 -11.33 -6.46 -10.76
N ASP B 472 -12.39 -5.66 -10.79
CA ASP B 472 -13.31 -5.58 -9.67
C ASP B 472 -14.44 -6.60 -9.74
N GLY B 473 -14.42 -7.49 -10.73
CA GLY B 473 -15.46 -8.49 -10.88
C GLY B 473 -16.67 -8.04 -11.68
N PHE B 474 -16.65 -6.85 -12.26
CA PHE B 474 -17.74 -6.34 -13.06
C PHE B 474 -17.40 -6.44 -14.55
N TYR B 475 -18.38 -6.87 -15.34
CA TYR B 475 -18.27 -6.86 -16.79
C TYR B 475 -18.70 -5.50 -17.33
N GLU B 476 -17.86 -4.93 -18.19
CA GLU B 476 -18.10 -3.63 -18.80
C GLU B 476 -18.27 -3.81 -20.31
N CYS B 477 -19.28 -3.15 -20.86
CA CYS B 477 -19.53 -3.14 -22.30
C CYS B 477 -19.62 -1.70 -22.76
N ILE B 478 -18.86 -1.35 -23.79
CA ILE B 478 -18.72 0.04 -24.24
C ILE B 478 -19.43 0.20 -25.57
N PHE B 479 -20.43 1.09 -25.60
CA PHE B 479 -21.14 1.46 -26.82
C PHE B 479 -20.53 2.76 -27.33
N GLN B 480 -19.90 2.69 -28.50
CA GLN B 480 -19.29 3.85 -29.13
C GLN B 480 -19.39 3.64 -30.64
N PRO B 481 -20.16 4.46 -31.36
CA PRO B 481 -20.91 5.63 -30.89
C PRO B 481 -22.21 5.28 -30.17
N ILE B 482 -22.79 6.27 -29.48
CA ILE B 482 -24.01 6.08 -28.71
C ILE B 482 -25.07 7.05 -29.22
N PHE B 483 -26.33 6.62 -29.14
CA PHE B 483 -27.48 7.42 -29.56
C PHE B 483 -28.09 8.03 -28.30
N LEU B 484 -28.16 9.36 -28.27
CA LEU B 484 -28.52 10.06 -27.03
C LEU B 484 -29.99 9.86 -26.66
N LEU B 485 -30.89 10.04 -27.62
CA LEU B 485 -32.32 10.00 -27.36
C LEU B 485 -32.98 8.71 -27.87
N SER B 486 -32.19 7.67 -28.08
CA SER B 486 -32.71 6.35 -28.42
C SER B 486 -32.57 5.45 -27.20
N GLY B 487 -33.69 4.84 -26.79
CA GLY B 487 -33.70 4.00 -25.62
C GLY B 487 -33.15 2.60 -25.86
N TYR B 488 -32.17 2.19 -25.06
CA TYR B 488 -31.57 0.87 -25.21
C TYR B 488 -32.16 -0.05 -24.16
N THR B 489 -32.88 -1.08 -24.59
CA THR B 489 -33.39 -2.10 -23.69
C THR B 489 -32.39 -3.24 -23.61
N MET B 490 -31.80 -3.45 -22.44
CA MET B 490 -30.73 -4.40 -22.25
C MET B 490 -31.13 -5.47 -21.26
N TRP B 491 -30.56 -6.66 -21.44
CA TRP B 491 -30.77 -7.77 -20.51
C TRP B 491 -29.60 -8.73 -20.66
N ILE B 492 -29.56 -9.72 -19.77
CA ILE B 492 -28.52 -10.74 -19.76
C ILE B 492 -29.14 -12.08 -20.09
N ARG B 493 -28.64 -12.72 -21.14
CA ARG B 493 -29.09 -14.04 -21.55
C ARG B 493 -28.10 -15.08 -21.04
N ILE B 494 -28.61 -16.03 -20.26
CA ILE B 494 -27.82 -17.14 -19.74
C ILE B 494 -28.22 -18.37 -20.54
N ASN B 495 -27.28 -18.91 -21.32
CA ASN B 495 -27.56 -20.06 -22.18
C ASN B 495 -26.97 -21.30 -21.51
N HIS B 496 -27.84 -22.03 -20.81
CA HIS B 496 -27.42 -23.25 -20.14
C HIS B 496 -27.28 -24.39 -21.15
N SER B 497 -26.97 -25.57 -20.63
CA SER B 497 -26.90 -26.76 -21.47
C SER B 497 -28.27 -27.13 -22.02
N LEU B 498 -29.33 -26.90 -21.24
CA LEU B 498 -30.71 -27.17 -21.65
C LEU B 498 -31.55 -25.95 -21.31
N GLY B 499 -31.67 -25.03 -22.25
CA GLY B 499 -32.50 -23.86 -22.06
C GLY B 499 -31.75 -22.55 -22.06
N SER B 500 -32.47 -21.45 -22.25
CA SER B 500 -31.91 -20.11 -22.19
C SER B 500 -32.85 -19.21 -21.38
N LEU B 501 -32.28 -18.44 -20.46
CA LEU B 501 -33.04 -17.53 -19.62
C LEU B 501 -32.61 -16.10 -19.91
N ASP B 502 -33.55 -15.17 -19.74
CA ASP B 502 -33.29 -13.74 -19.94
C ASP B 502 -33.55 -12.99 -18.65
N SER B 503 -32.62 -12.12 -18.29
CA SER B 503 -32.79 -11.28 -17.11
C SER B 503 -33.90 -10.26 -17.35
N PRO B 504 -34.52 -9.74 -16.29
CA PRO B 504 -35.51 -8.67 -16.45
C PRO B 504 -34.92 -7.48 -17.17
N PRO B 505 -35.44 -7.14 -18.34
CA PRO B 505 -34.82 -6.09 -19.16
C PRO B 505 -34.99 -4.71 -18.56
N THR B 506 -33.94 -3.89 -18.68
CA THR B 506 -33.96 -2.51 -18.24
C THR B 506 -33.66 -1.61 -19.43
N CYS B 507 -34.45 -0.56 -19.59
CA CYS B 507 -34.27 0.39 -20.68
C CYS B 507 -33.58 1.63 -20.16
N VAL B 508 -32.54 2.06 -20.87
CA VAL B 508 -31.70 3.18 -20.46
C VAL B 508 -31.71 4.23 -21.56
N LEU B 509 -31.90 5.49 -21.18
CA LEU B 509 -31.76 6.62 -22.08
C LEU B 509 -30.45 7.34 -21.74
N PRO B 510 -29.48 7.39 -22.66
CA PRO B 510 -28.19 8.03 -22.33
C PRO B 510 -28.31 9.49 -21.96
N ASP B 511 -29.26 10.21 -22.56
CA ASP B 511 -29.42 11.64 -22.28
C ASP B 511 -29.86 11.89 -20.84
N SER B 512 -30.33 10.85 -20.17
CA SER B 512 -30.74 10.96 -18.77
C SER B 512 -29.73 10.38 -17.79
N VAL B 513 -28.58 9.91 -18.26
CA VAL B 513 -27.61 9.33 -17.33
C VAL B 513 -26.37 10.21 -17.26
N VAL B 514 -26.57 11.51 -17.44
CA VAL B 514 -25.48 12.48 -17.55
C VAL B 514 -24.78 12.63 -16.20
N LYS B 515 -23.57 12.09 -16.10
CA LYS B 515 -22.65 12.23 -14.97
C LYS B 515 -21.91 13.56 -14.91
N PRO B 516 -21.64 14.24 -16.06
CA PRO B 516 -20.27 14.71 -16.36
C PRO B 516 -19.53 15.56 -15.33
N LEU B 517 -18.25 15.78 -15.66
CA LEU B 517 -17.22 16.30 -14.77
C LEU B 517 -17.70 17.51 -13.95
N PRO B 518 -17.32 17.59 -12.68
CA PRO B 518 -17.76 18.71 -11.86
C PRO B 518 -17.21 20.03 -12.39
N PRO B 519 -17.86 21.15 -12.05
CA PRO B 519 -17.46 22.44 -12.64
C PRO B 519 -16.02 22.81 -12.32
N SER B 520 -15.37 23.44 -13.30
CA SER B 520 -13.98 23.85 -13.20
C SER B 520 -13.88 25.34 -12.91
N SER B 521 -12.64 25.82 -12.80
CA SER B 521 -12.32 27.22 -12.48
C SER B 521 -12.99 27.65 -11.18
N VAL B 522 -12.99 26.74 -10.20
CA VAL B 522 -13.58 27.02 -8.90
C VAL B 522 -12.64 27.88 -8.10
N LYS B 523 -13.05 29.12 -7.81
CA LYS B 523 -12.24 30.08 -7.09
C LYS B 523 -12.98 30.49 -5.82
N ALA B 524 -12.32 30.35 -4.69
CA ALA B 524 -12.88 30.72 -3.39
C ALA B 524 -12.07 31.89 -2.84
N GLU B 525 -12.65 33.08 -2.86
CA GLU B 525 -12.01 34.27 -2.34
C GLU B 525 -12.89 34.85 -1.25
N ILE B 526 -12.41 35.90 -0.59
CA ILE B 526 -13.19 36.59 0.42
C ILE B 526 -13.33 38.05 0.03
N THR B 527 -14.56 38.55 0.03
CA THR B 527 -14.85 39.90 -0.45
C THR B 527 -14.24 40.94 0.49
N ILE B 528 -13.56 41.93 -0.09
CA ILE B 528 -12.91 42.95 0.70
C ILE B 528 -13.96 43.91 1.25
N ASN B 529 -13.81 44.27 2.54
CA ASN B 529 -14.67 45.21 3.26
C ASN B 529 -16.11 44.72 3.39
N ILE B 530 -16.36 43.46 3.06
CA ILE B 530 -17.69 42.87 3.20
C ILE B 530 -17.67 41.69 4.16
N GLY B 531 -16.64 40.84 4.07
CA GLY B 531 -16.54 39.70 4.95
C GLY B 531 -17.35 38.49 4.53
N LEU B 532 -17.63 38.34 3.23
CA LEU B 532 -18.38 37.22 2.71
C LEU B 532 -17.51 36.36 1.80
N LEU B 533 -17.53 35.05 2.04
CA LEU B 533 -16.79 34.10 1.22
C LEU B 533 -17.48 33.99 -0.13
N LYS B 534 -16.84 34.49 -1.17
CA LYS B 534 -17.35 34.43 -2.53
C LYS B 534 -16.77 33.21 -3.24
N ILE B 535 -17.64 32.33 -3.72
CA ILE B 535 -17.25 31.11 -4.40
C ILE B 535 -17.79 31.17 -5.83
N SER B 536 -16.88 31.00 -6.79
CA SER B 536 -17.24 31.07 -8.20
C SER B 536 -16.77 29.80 -8.89
N TRP B 537 -17.38 29.52 -10.04
CA TRP B 537 -17.06 28.33 -10.82
C TRP B 537 -17.49 28.59 -12.26
N GLU B 538 -17.27 27.60 -13.12
CA GLU B 538 -17.69 27.66 -14.52
C GLU B 538 -18.53 26.44 -14.84
N LYS B 539 -19.69 26.66 -15.45
CA LYS B 539 -20.58 25.56 -15.79
C LYS B 539 -19.92 24.64 -16.82
N PRO B 540 -19.97 23.32 -16.60
CA PRO B 540 -19.34 22.40 -17.55
C PRO B 540 -20.10 22.36 -18.87
N VAL B 541 -19.46 21.76 -19.88
CA VAL B 541 -20.03 21.72 -21.22
C VAL B 541 -21.32 20.91 -21.23
N PHE B 542 -21.37 19.84 -20.45
CA PHE B 542 -22.56 19.01 -20.40
C PHE B 542 -22.97 18.73 -18.96
N PRO B 543 -24.28 18.61 -18.67
CA PRO B 543 -25.43 18.75 -19.57
C PRO B 543 -25.83 20.20 -19.80
N GLU B 544 -26.68 20.44 -20.79
CA GLU B 544 -27.16 21.79 -21.09
C GLU B 544 -28.52 22.09 -20.49
N ASN B 545 -29.06 21.20 -19.65
CA ASN B 545 -30.30 21.46 -18.94
C ASN B 545 -30.07 22.50 -17.84
N ASN B 546 -31.16 22.91 -17.20
CA ASN B 546 -31.06 23.74 -16.01
C ASN B 546 -30.34 22.97 -14.91
N LEU B 547 -29.44 23.67 -14.21
CA LEU B 547 -28.53 23.02 -13.28
C LEU B 547 -28.71 23.52 -11.86
N GLN B 548 -28.49 22.61 -10.92
CA GLN B 548 -28.38 22.90 -9.50
C GLN B 548 -27.00 22.46 -9.01
N PHE B 549 -26.54 23.11 -7.94
CA PHE B 549 -25.18 22.97 -7.47
C PHE B 549 -25.18 22.66 -5.97
N GLN B 550 -24.22 21.82 -5.56
CA GLN B 550 -24.01 21.46 -4.17
C GLN B 550 -22.57 21.80 -3.81
N ILE B 551 -22.40 22.56 -2.73
CA ILE B 551 -21.09 23.09 -2.34
C ILE B 551 -20.84 22.71 -0.88
N ARG B 552 -19.67 22.17 -0.61
CA ARG B 552 -19.23 21.94 0.77
C ARG B 552 -18.04 22.86 1.07
N TYR B 553 -18.14 23.60 2.16
CA TYR B 553 -17.12 24.55 2.56
C TYR B 553 -16.80 24.36 4.04
N GLY B 554 -15.51 24.37 4.36
CA GLY B 554 -15.10 24.17 5.74
C GLY B 554 -13.71 24.69 6.00
N LEU B 555 -13.29 24.57 7.26
CA LEU B 555 -11.95 25.00 7.64
C LEU B 555 -10.91 24.01 7.13
N SER B 556 -9.87 24.53 6.48
CA SER B 556 -8.84 23.68 5.92
C SER B 556 -7.98 23.10 7.02
N GLY B 557 -7.73 21.79 6.94
CA GLY B 557 -6.91 21.13 7.93
C GLY B 557 -6.77 19.65 7.63
N LYS B 558 -6.36 18.90 8.65
CA LYS B 558 -6.31 17.45 8.51
C LYS B 558 -7.69 16.85 8.30
N GLU B 559 -8.69 17.35 9.03
CA GLU B 559 -10.08 16.96 8.83
C GLU B 559 -10.91 18.23 8.67
N VAL B 560 -11.71 18.29 7.62
CA VAL B 560 -12.47 19.49 7.28
C VAL B 560 -13.93 19.25 7.64
N GLN B 561 -14.46 20.11 8.52
CA GLN B 561 -15.88 20.08 8.85
C GLN B 561 -16.68 20.71 7.72
N TRP B 562 -17.30 19.87 6.88
CA TRP B 562 -17.95 20.37 5.67
C TRP B 562 -19.33 20.90 5.99
N LYS B 563 -19.53 22.20 5.77
CA LYS B 563 -20.84 22.81 5.78
C LYS B 563 -21.42 22.78 4.37
N MET B 564 -22.69 22.42 4.27
CA MET B 564 -23.33 22.16 2.99
C MET B 564 -24.22 23.33 2.57
N TYR B 565 -24.19 23.63 1.27
CA TYR B 565 -25.04 24.66 0.69
C TYR B 565 -25.53 24.18 -0.67
N GLU B 566 -26.75 24.56 -1.02
CA GLU B 566 -27.36 24.16 -2.28
C GLU B 566 -27.84 25.40 -3.02
N VAL B 567 -27.48 25.49 -4.31
CA VAL B 567 -27.89 26.58 -5.18
C VAL B 567 -28.79 26.00 -6.26
N TYR B 568 -30.06 26.41 -6.26
CA TYR B 568 -31.04 25.88 -7.18
C TYR B 568 -31.27 26.77 -8.39
N ASP B 569 -30.49 27.85 -8.54
CA ASP B 569 -30.62 28.73 -9.68
C ASP B 569 -29.73 28.24 -10.81
N ALA B 570 -30.32 28.07 -12.00
CA ALA B 570 -29.56 27.58 -13.15
C ALA B 570 -28.55 28.61 -13.63
N LYS B 571 -28.91 29.89 -13.58
CA LYS B 571 -28.05 30.97 -14.07
C LYS B 571 -27.12 31.52 -13.00
N SER B 572 -26.82 30.72 -11.98
CA SER B 572 -25.97 31.16 -10.87
C SER B 572 -24.56 30.62 -11.07
N LYS B 573 -23.58 31.51 -10.97
CA LYS B 573 -22.17 31.13 -11.11
C LYS B 573 -21.31 31.55 -9.93
N SER B 574 -21.81 32.42 -9.05
CA SER B 574 -21.04 32.84 -7.89
C SER B 574 -21.98 33.07 -6.72
N VAL B 575 -21.59 32.54 -5.55
CA VAL B 575 -22.40 32.61 -4.34
C VAL B 575 -21.56 33.16 -3.21
N SER B 576 -22.11 34.12 -2.47
CA SER B 576 -21.47 34.71 -1.31
C SER B 576 -22.11 34.13 -0.06
N LEU B 577 -21.28 33.65 0.87
CA LEU B 577 -21.78 33.03 2.08
C LEU B 577 -21.11 33.64 3.31
N PRO B 578 -21.80 33.70 4.44
CA PRO B 578 -21.17 34.21 5.66
C PRO B 578 -20.22 33.19 6.27
N VAL B 579 -19.14 33.69 6.86
CA VAL B 579 -18.16 32.82 7.53
C VAL B 579 -17.83 33.43 8.89
N PRO B 580 -17.55 32.59 9.90
CA PRO B 580 -17.22 33.13 11.23
C PRO B 580 -15.84 33.76 11.28
N ASP B 581 -14.84 33.11 10.68
CA ASP B 581 -13.48 33.61 10.64
C ASP B 581 -13.17 34.07 9.22
N LEU B 582 -12.78 35.34 9.10
CA LEU B 582 -12.51 35.92 7.78
C LEU B 582 -11.09 35.70 7.30
N CYS B 583 -10.22 35.08 8.11
CA CYS B 583 -8.81 34.98 7.80
C CYS B 583 -8.28 33.55 7.90
N ALA B 584 -9.17 32.57 8.02
CA ALA B 584 -8.77 31.17 8.03
C ALA B 584 -8.85 30.60 6.63
N VAL B 585 -8.02 29.60 6.36
CA VAL B 585 -8.03 28.94 5.06
C VAL B 585 -9.25 28.04 4.97
N TYR B 586 -10.05 28.23 3.92
CA TYR B 586 -11.27 27.46 3.72
C TYR B 586 -11.14 26.56 2.51
N ALA B 587 -11.46 25.28 2.71
CA ALA B 587 -11.55 24.32 1.62
C ALA B 587 -12.99 24.27 1.11
N VAL B 588 -13.14 24.44 -0.21
CA VAL B 588 -14.44 24.52 -0.86
C VAL B 588 -14.45 23.57 -2.04
N GLN B 589 -15.46 22.71 -2.12
CA GLN B 589 -15.64 21.81 -3.25
C GLN B 589 -17.07 21.93 -3.78
N VAL B 590 -17.21 21.94 -5.10
CA VAL B 590 -18.47 22.22 -5.78
C VAL B 590 -18.76 21.09 -6.75
N ARG B 591 -20.02 20.67 -6.82
CA ARG B 591 -20.47 19.70 -7.81
C ARG B 591 -21.83 20.14 -8.34
N CYS B 592 -22.18 19.63 -9.52
CA CYS B 592 -23.36 20.11 -10.22
C CYS B 592 -24.15 18.95 -10.81
N LYS B 593 -25.43 19.22 -11.10
CA LYS B 593 -26.27 18.29 -11.84
C LYS B 593 -27.45 19.04 -12.42
N ARG B 594 -28.30 18.31 -13.15
CA ARG B 594 -29.52 18.88 -13.69
C ARG B 594 -30.48 19.28 -12.58
N LEU B 595 -31.27 20.34 -12.84
CA LEU B 595 -32.21 20.83 -11.85
C LEU B 595 -33.38 19.86 -11.65
N ASP B 596 -33.82 19.19 -12.71
CA ASP B 596 -35.01 18.35 -12.62
C ASP B 596 -34.78 17.07 -11.83
N GLY B 597 -33.54 16.72 -11.53
CA GLY B 597 -33.24 15.59 -10.67
C GLY B 597 -33.08 14.26 -11.36
N LEU B 598 -33.20 14.20 -12.68
CA LEU B 598 -33.09 12.94 -13.42
C LEU B 598 -31.62 12.55 -13.55
N GLY B 599 -31.20 11.64 -12.69
CA GLY B 599 -29.87 11.07 -12.80
C GLY B 599 -29.27 10.76 -11.44
N TYR B 600 -28.01 11.17 -11.30
CA TYR B 600 -27.18 10.89 -10.14
C TYR B 600 -26.65 12.20 -9.58
N TRP B 601 -25.63 12.12 -8.73
CA TRP B 601 -24.89 13.32 -8.37
C TRP B 601 -23.39 13.08 -8.53
N SER B 602 -22.73 14.02 -9.21
CA SER B 602 -21.33 13.85 -9.58
C SER B 602 -20.42 13.96 -8.36
N ASN B 603 -19.13 13.70 -8.59
CA ASN B 603 -18.13 13.81 -7.54
C ASN B 603 -17.73 15.26 -7.33
N TRP B 604 -17.06 15.50 -6.21
CA TRP B 604 -16.65 16.86 -5.85
C TRP B 604 -15.49 17.32 -6.72
N SER B 605 -15.41 18.63 -6.94
CA SER B 605 -14.29 19.20 -7.67
C SER B 605 -13.06 19.32 -6.77
N ASN B 606 -11.99 19.86 -7.36
CA ASN B 606 -10.76 20.08 -6.61
C ASN B 606 -11.00 21.16 -5.55
N PRO B 607 -10.43 21.02 -4.35
CA PRO B 607 -10.68 22.01 -3.30
C PRO B 607 -9.96 23.33 -3.58
N ALA B 608 -10.71 24.42 -3.44
CA ALA B 608 -10.16 25.75 -3.59
C ALA B 608 -9.91 26.36 -2.22
N TYR B 609 -8.73 26.95 -2.04
CA TYR B 609 -8.28 27.46 -0.75
C TYR B 609 -8.13 28.97 -0.82
N THR B 610 -8.66 29.65 0.19
CA THR B 610 -8.57 31.10 0.25
C THR B 610 -7.16 31.53 0.62
N VAL B 611 -6.75 32.69 0.09
CA VAL B 611 -5.45 33.27 0.36
C VAL B 611 -5.60 34.26 1.51
N VAL B 612 -4.73 34.12 2.51
CA VAL B 612 -4.81 34.98 3.69
C VAL B 612 -4.41 36.40 3.31
N MET B 613 -5.40 37.28 3.19
CA MET B 613 -5.18 38.67 2.83
C MET B 613 -6.08 39.53 3.71
N ASP B 614 -5.73 40.80 3.83
CA ASP B 614 -6.52 41.71 4.64
C ASP B 614 -7.87 41.98 3.98
N ILE B 615 -8.94 41.84 4.75
CA ILE B 615 -10.28 42.13 4.27
C ILE B 615 -10.82 43.44 4.80
N LYS B 616 -10.71 43.69 6.11
CA LYS B 616 -11.16 44.93 6.71
C LYS B 616 -10.03 45.52 7.55
N VAL B 617 -10.25 46.74 8.02
CA VAL B 617 -9.35 47.40 8.96
C VAL B 617 -9.47 46.67 10.30
N PRO B 618 -8.46 46.71 11.17
CA PRO B 618 -8.56 46.03 12.46
C PRO B 618 -9.73 46.55 13.30
N MET B 619 -10.39 45.62 14.00
CA MET B 619 -11.59 45.97 14.73
C MET B 619 -11.28 46.75 16.00
N ARG B 620 -10.25 46.36 16.74
CA ARG B 620 -9.97 46.97 18.03
C ARG B 620 -8.47 47.10 18.23
N GLY B 621 -8.04 48.25 18.74
CA GLY B 621 -6.65 48.49 19.03
C GLY B 621 -6.19 47.75 20.27
N PRO B 622 -4.86 47.62 20.44
CA PRO B 622 -4.34 46.88 21.59
C PRO B 622 -4.49 47.65 22.89
N GLU B 623 -4.77 46.90 23.96
CA GLU B 623 -4.78 47.49 25.29
C GLU B 623 -3.35 47.71 25.77
N PHE B 624 -3.08 48.89 26.30
CA PHE B 624 -1.73 49.27 26.70
C PHE B 624 -1.74 49.81 28.12
N TRP B 625 -0.63 49.62 28.82
CA TRP B 625 -0.44 50.12 30.17
C TRP B 625 0.89 50.85 30.25
N ARG B 626 1.07 51.65 31.30
CA ARG B 626 2.22 52.53 31.44
C ARG B 626 3.12 52.07 32.57
N ILE B 627 4.42 52.28 32.40
CA ILE B 627 5.41 52.17 33.46
C ILE B 627 6.09 53.52 33.59
N ILE B 628 6.08 54.08 34.80
CA ILE B 628 6.56 55.43 35.04
C ILE B 628 7.94 55.34 35.68
N ASN B 629 8.97 55.78 34.97
CA ASN B 629 10.33 55.86 35.49
C ASN B 629 10.67 57.33 35.70
N GLY B 630 10.93 57.71 36.95
CA GLY B 630 11.27 59.07 37.25
C GLY B 630 11.20 59.39 38.73
N ASP B 631 12.12 60.22 39.21
CA ASP B 631 12.07 60.67 40.59
C ASP B 631 10.85 61.56 40.81
N THR B 632 10.31 61.52 42.03
CA THR B 632 9.15 62.35 42.36
C THR B 632 9.49 63.84 42.34
N MET B 633 10.77 64.20 42.44
CA MET B 633 11.20 65.58 42.39
C MET B 633 11.34 66.12 40.97
N LYS B 634 11.17 65.27 39.95
CA LYS B 634 11.32 65.69 38.57
C LYS B 634 9.95 65.89 37.92
N LYS B 635 9.80 67.01 37.21
CA LYS B 635 8.56 67.28 36.51
C LYS B 635 8.42 66.46 35.23
N GLU B 636 9.51 65.92 34.71
CA GLU B 636 9.49 65.10 33.50
C GLU B 636 9.70 63.64 33.88
N LYS B 637 8.84 62.76 33.37
CA LYS B 637 8.90 61.35 33.71
C LYS B 637 8.85 60.50 32.44
N ASN B 638 9.70 59.48 32.37
CA ASN B 638 9.68 58.58 31.23
C ASN B 638 8.52 57.61 31.38
N VAL B 639 7.61 57.63 30.41
CA VAL B 639 6.45 56.75 30.39
C VAL B 639 6.70 55.69 29.31
N THR B 640 6.79 54.44 29.74
CA THR B 640 6.99 53.32 28.82
C THR B 640 5.65 52.61 28.67
N LEU B 641 5.06 52.72 27.48
CA LEU B 641 3.82 52.04 27.18
C LEU B 641 4.11 50.64 26.67
N LEU B 642 3.45 49.66 27.28
CA LEU B 642 3.55 48.25 26.90
C LEU B 642 2.17 47.77 26.48
N TRP B 643 2.10 47.12 25.33
CA TRP B 643 0.86 46.53 24.84
C TRP B 643 1.15 45.17 24.25
N LYS B 644 0.15 44.30 24.29
CA LYS B 644 0.32 42.97 23.75
C LYS B 644 -0.09 42.92 22.28
N PRO B 645 0.50 42.02 21.49
CA PRO B 645 0.04 41.84 20.11
C PRO B 645 -1.42 41.38 20.07
N LEU B 646 -2.14 41.89 19.08
CA LEU B 646 -3.56 41.60 18.97
C LEU B 646 -3.80 40.17 18.52
N MET B 647 -4.88 39.57 19.03
CA MET B 647 -5.25 38.23 18.62
C MET B 647 -5.94 38.26 17.25
N LYS B 648 -6.25 37.08 16.73
CA LYS B 648 -6.86 36.97 15.42
C LYS B 648 -8.28 37.53 15.40
N ASN B 649 -8.90 37.62 16.58
CA ASN B 649 -10.24 38.22 16.65
C ASN B 649 -10.17 39.74 16.50
N ASP B 650 -9.14 40.37 17.08
CA ASP B 650 -9.01 41.82 17.03
C ASP B 650 -8.14 42.30 15.87
N SER B 651 -7.03 41.61 15.61
CA SER B 651 -6.18 41.99 14.49
C SER B 651 -6.75 41.54 13.14
N LEU B 652 -7.84 40.77 13.17
CA LEU B 652 -8.39 40.10 11.99
C LEU B 652 -7.32 39.20 11.36
N CYS B 653 -6.64 39.71 10.34
CA CYS B 653 -5.65 38.92 9.62
C CYS B 653 -4.23 39.21 10.09
N SER B 654 -3.79 40.46 10.04
CA SER B 654 -2.45 40.83 10.49
C SER B 654 -2.42 42.32 10.82
N VAL B 655 -1.41 42.71 11.59
CA VAL B 655 -1.15 44.11 11.90
C VAL B 655 0.22 44.46 11.34
N GLN B 656 0.26 45.38 10.39
CA GLN B 656 1.54 45.78 9.80
C GLN B 656 2.37 46.62 10.76
N ARG B 657 1.72 47.53 11.49
CA ARG B 657 2.46 48.41 12.38
C ARG B 657 1.52 48.97 13.44
N TYR B 658 2.12 49.57 14.46
CA TYR B 658 1.41 50.32 15.48
C TYR B 658 1.91 51.75 15.48
N VAL B 659 0.98 52.70 15.61
CA VAL B 659 1.27 54.13 15.62
C VAL B 659 0.63 54.73 16.87
N ILE B 660 1.41 55.51 17.61
CA ILE B 660 0.93 56.14 18.83
C ILE B 660 0.61 57.61 18.53
N ASN B 661 -0.67 57.96 18.72
CA ASN B 661 -1.12 59.33 18.54
C ASN B 661 -1.17 60.02 19.90
N HIS B 662 -0.57 61.20 19.97
CA HIS B 662 -0.53 61.99 21.20
C HIS B 662 -1.48 63.16 21.10
N HIS B 663 -2.01 63.58 22.25
CA HIS B 663 -2.90 64.72 22.34
C HIS B 663 -2.50 65.56 23.53
N THR B 664 -2.14 66.83 23.27
CA THR B 664 -1.69 67.73 24.31
C THR B 664 -2.39 69.07 24.15
N SER B 665 -2.53 69.78 25.28
CA SER B 665 -3.15 71.10 25.24
C SER B 665 -2.23 72.14 24.60
N CYS B 666 -0.93 71.89 24.61
CA CYS B 666 0.06 72.84 24.08
C CYS B 666 0.52 72.47 22.67
N ASN B 667 1.04 71.26 22.48
CA ASN B 667 1.58 70.84 21.20
C ASN B 667 0.51 70.31 20.25
N GLY B 668 -0.74 70.26 20.68
CA GLY B 668 -1.79 69.76 19.79
C GLY B 668 -1.73 68.26 19.66
N THR B 669 -2.03 67.77 18.45
CA THR B 669 -2.07 66.35 18.16
C THR B 669 -0.97 65.99 17.16
N TRP B 670 -0.19 64.97 17.50
CA TRP B 670 0.81 64.43 16.59
C TRP B 670 0.88 62.92 16.77
N SER B 671 1.31 62.24 15.72
CA SER B 671 1.37 60.78 15.72
C SER B 671 2.81 60.33 15.47
N GLU B 672 3.24 59.32 16.22
CA GLU B 672 4.57 58.75 16.10
C GLU B 672 4.44 57.28 15.76
N ASP B 673 5.17 56.83 14.75
CA ASP B 673 5.09 55.45 14.28
C ASP B 673 6.04 54.59 15.10
N VAL B 674 5.50 53.52 15.70
CA VAL B 674 6.29 52.57 16.47
C VAL B 674 6.65 51.33 15.66
N GLY B 675 5.81 50.95 14.71
CA GLY B 675 6.15 49.80 13.88
C GLY B 675 5.71 48.50 14.52
N ASN B 676 6.53 47.46 14.37
CA ASN B 676 6.21 46.14 14.87
C ASN B 676 6.56 45.98 16.36
N HIS B 677 7.13 47.00 16.97
CA HIS B 677 7.48 46.95 18.38
C HIS B 677 6.24 47.02 19.24
N THR B 678 6.26 46.28 20.36
CA THR B 678 5.15 46.25 21.30
C THR B 678 5.35 47.18 22.48
N LYS B 679 6.43 47.95 22.49
CA LYS B 679 6.74 48.86 23.59
C LYS B 679 7.24 50.18 23.04
N PHE B 680 6.97 51.26 23.76
CA PHE B 680 7.46 52.57 23.34
C PHE B 680 7.59 53.49 24.55
N THR B 681 8.75 54.13 24.68
CA THR B 681 9.03 55.02 25.80
C THR B 681 9.05 56.46 25.30
N PHE B 682 8.26 57.32 25.95
CA PHE B 682 8.26 58.75 25.65
C PHE B 682 8.40 59.53 26.94
N LEU B 683 8.37 60.86 26.83
CA LEU B 683 8.57 61.73 27.97
C LEU B 683 7.26 62.48 28.29
N TRP B 684 6.85 62.44 29.54
CA TRP B 684 5.68 63.16 30.01
C TRP B 684 6.15 64.40 30.76
N THR B 685 5.75 65.57 30.26
CA THR B 685 6.10 66.87 30.84
C THR B 685 4.88 67.73 31.13
N GLU B 686 3.87 67.72 30.27
CA GLU B 686 2.73 68.62 30.41
C GLU B 686 1.79 68.12 31.50
N GLN B 687 0.81 68.99 31.84
CA GLN B 687 -0.15 68.64 32.86
C GLN B 687 -1.08 67.51 32.41
N ALA B 688 -1.55 67.57 31.17
CA ALA B 688 -2.47 66.57 30.65
C ALA B 688 -1.95 66.05 29.32
N HIS B 689 -1.92 64.72 29.17
CA HIS B 689 -1.40 64.10 27.95
C HIS B 689 -2.24 62.87 27.65
N THR B 690 -2.91 62.85 26.50
CA THR B 690 -3.71 61.71 26.08
C THR B 690 -2.93 60.89 25.07
N VAL B 691 -2.91 59.56 25.26
CA VAL B 691 -2.18 58.65 24.40
C VAL B 691 -3.17 57.65 23.81
N THR B 692 -3.11 57.46 22.49
CA THR B 692 -3.93 56.48 21.79
C THR B 692 -3.02 55.61 20.94
N VAL B 693 -3.33 54.33 20.83
CA VAL B 693 -2.54 53.39 20.04
C VAL B 693 -3.42 52.85 18.92
N LEU B 694 -2.94 52.94 17.69
CA LEU B 694 -3.66 52.48 16.51
C LEU B 694 -2.88 51.36 15.84
N ALA B 695 -3.59 50.31 15.45
CA ALA B 695 -3.01 49.20 14.70
C ALA B 695 -3.37 49.36 13.24
N ILE B 696 -2.35 49.43 12.38
CA ILE B 696 -2.52 49.72 10.96
C ILE B 696 -2.05 48.50 10.17
N ASN B 697 -2.87 48.08 9.22
CA ASN B 697 -2.57 47.02 8.28
C ASN B 697 -2.56 47.63 6.87
N SER B 698 -2.54 46.77 5.86
CA SER B 698 -2.47 47.22 4.47
C SER B 698 -3.68 48.05 4.06
N ILE B 699 -4.77 48.02 4.82
CA ILE B 699 -5.97 48.78 4.47
C ILE B 699 -6.04 50.10 5.23
N GLY B 700 -5.80 50.09 6.54
CA GLY B 700 -5.88 51.31 7.31
C GLY B 700 -5.73 51.02 8.80
N ALA B 701 -6.06 52.05 9.59
CA ALA B 701 -5.91 51.99 11.04
C ALA B 701 -7.12 51.30 11.67
N SER B 702 -6.96 50.94 12.94
CA SER B 702 -8.02 50.26 13.67
C SER B 702 -9.16 51.22 13.98
N VAL B 703 -10.37 50.66 14.11
CA VAL B 703 -11.55 51.48 14.35
C VAL B 703 -11.63 51.90 15.82
N ALA B 704 -11.80 50.92 16.70
CA ALA B 704 -11.96 51.17 18.12
C ALA B 704 -10.58 51.18 18.79
N ASN B 705 -10.17 52.34 19.28
CA ASN B 705 -8.85 52.52 19.86
C ASN B 705 -8.96 53.02 21.28
N PHE B 706 -8.20 52.39 22.18
CA PHE B 706 -8.20 52.78 23.58
C PHE B 706 -7.35 54.03 23.78
N ASN B 707 -7.85 54.93 24.62
CA ASN B 707 -7.14 56.16 24.97
C ASN B 707 -6.89 56.19 26.47
N LEU B 708 -5.73 56.70 26.85
CA LEU B 708 -5.35 56.78 28.25
C LEU B 708 -4.81 58.18 28.53
N THR B 709 -5.35 58.82 29.57
CA THR B 709 -5.00 60.20 29.90
C THR B 709 -4.11 60.22 31.14
N PHE B 710 -2.97 60.90 31.03
CA PHE B 710 -2.07 61.12 32.15
C PHE B 710 -2.25 62.56 32.61
N SER B 711 -2.63 62.73 33.88
CA SER B 711 -2.88 64.05 34.45
C SER B 711 -2.33 64.10 35.86
N TRP B 712 -1.49 65.10 36.15
CA TRP B 712 -0.92 65.31 37.47
C TRP B 712 -1.99 65.61 38.54
N PRO B 713 -2.95 66.53 38.31
CA PRO B 713 -4.01 66.71 39.33
C PRO B 713 -4.87 65.47 39.53
N MET B 714 -5.08 64.69 38.47
CA MET B 714 -5.93 63.51 38.59
C MET B 714 -5.23 62.37 39.32
N SER B 715 -3.89 62.41 39.39
CA SER B 715 -3.14 61.38 40.11
C SER B 715 -3.34 61.45 41.61
N LYS B 716 -3.84 62.57 42.13
CA LYS B 716 -4.09 62.71 43.56
C LYS B 716 -5.48 62.26 43.97
N VAL B 717 -6.36 61.95 43.02
CA VAL B 717 -7.72 61.56 43.34
C VAL B 717 -7.75 60.07 43.68
N ASN B 718 -8.16 59.76 44.91
CA ASN B 718 -8.26 58.38 45.38
C ASN B 718 -9.72 58.10 45.73
N ILE B 719 -10.29 57.08 45.08
CA ILE B 719 -11.68 56.70 45.32
C ILE B 719 -11.81 55.30 45.92
N VAL B 720 -10.75 54.50 45.90
CA VAL B 720 -10.79 53.15 46.45
C VAL B 720 -10.61 53.26 47.96
N GLN B 721 -11.70 53.08 48.70
CA GLN B 721 -11.64 53.18 50.15
C GLN B 721 -10.80 52.06 50.75
N SER B 722 -11.00 50.83 50.28
CA SER B 722 -10.24 49.69 50.78
C SER B 722 -10.02 48.68 49.67
N LEU B 723 -8.93 47.92 49.79
CA LEU B 723 -8.58 46.86 48.85
C LEU B 723 -8.06 45.66 49.63
N SER B 724 -8.48 44.46 49.23
CA SER B 724 -8.08 43.24 49.90
C SER B 724 -7.88 42.12 48.89
N ALA B 725 -7.01 41.17 49.26
CA ALA B 725 -6.70 40.03 48.42
C ALA B 725 -6.76 38.76 49.26
N TYR B 726 -7.35 37.70 48.72
CA TYR B 726 -7.50 36.42 49.40
C TYR B 726 -7.00 35.32 48.48
N PRO B 727 -5.99 34.55 48.86
CA PRO B 727 -5.51 33.46 48.00
C PRO B 727 -6.41 32.23 48.11
N LEU B 728 -7.15 31.95 47.04
CA LEU B 728 -7.94 30.72 46.98
C LEU B 728 -7.03 29.49 46.89
N ASN B 729 -6.04 29.55 46.02
CA ASN B 729 -5.09 28.46 45.81
C ASN B 729 -3.88 29.03 45.09
N SER B 730 -3.04 28.15 44.55
CA SER B 730 -1.89 28.58 43.77
C SER B 730 -2.27 29.07 42.37
N SER B 731 -3.53 28.92 41.96
CA SER B 731 -3.95 29.27 40.61
C SER B 731 -5.03 30.33 40.55
N CYS B 732 -5.50 30.84 41.68
CA CYS B 732 -6.55 31.85 41.67
C CYS B 732 -6.49 32.67 42.95
N VAL B 733 -6.70 33.98 42.81
CA VAL B 733 -6.73 34.91 43.95
C VAL B 733 -7.92 35.84 43.78
N ILE B 734 -8.71 35.99 44.84
CA ILE B 734 -9.83 36.93 44.83
C ILE B 734 -9.33 38.30 45.24
N VAL B 735 -9.59 39.31 44.41
CA VAL B 735 -9.27 40.70 44.72
C VAL B 735 -10.58 41.46 44.86
N SER B 736 -10.79 42.08 46.02
CA SER B 736 -12.01 42.81 46.31
C SER B 736 -11.67 44.24 46.71
N TRP B 737 -12.59 45.15 46.44
CA TRP B 737 -12.36 46.55 46.76
C TRP B 737 -13.69 47.21 47.12
N ILE B 738 -13.61 48.16 48.06
CA ILE B 738 -14.73 48.99 48.45
C ILE B 738 -14.37 50.44 48.09
N LEU B 739 -15.29 51.11 47.41
CA LEU B 739 -15.04 52.40 46.80
C LEU B 739 -15.78 53.52 47.52
N SER B 740 -15.12 54.67 47.65
CA SER B 740 -15.76 55.88 48.14
C SER B 740 -16.51 56.57 46.99
N PRO B 741 -17.57 57.33 47.30
CA PRO B 741 -18.25 58.09 46.25
C PRO B 741 -17.34 59.15 45.64
N SER B 742 -17.53 59.38 44.35
CA SER B 742 -16.68 60.29 43.60
C SER B 742 -17.53 61.11 42.64
N ASP B 743 -17.17 62.39 42.49
CA ASP B 743 -17.85 63.25 41.53
C ASP B 743 -17.39 62.98 40.10
N TYR B 744 -16.23 62.36 39.91
CA TYR B 744 -15.69 62.10 38.58
C TYR B 744 -16.27 60.81 38.03
N LYS B 745 -16.40 60.75 36.71
CA LYS B 745 -16.97 59.59 36.03
C LYS B 745 -15.92 58.50 35.93
N LEU B 746 -16.12 57.42 36.70
CA LEU B 746 -15.19 56.30 36.66
C LEU B 746 -15.49 55.41 35.47
N MET B 747 -14.49 55.22 34.61
CA MET B 747 -14.68 54.45 33.38
C MET B 747 -14.45 52.95 33.61
N TYR B 748 -13.29 52.59 34.13
CA TYR B 748 -12.94 51.18 34.31
C TYR B 748 -11.80 51.10 35.33
N PHE B 749 -11.48 49.87 35.74
CA PHE B 749 -10.38 49.61 36.64
C PHE B 749 -9.23 48.93 35.88
N ILE B 750 -8.02 49.15 36.37
CA ILE B 750 -6.84 48.43 35.88
C ILE B 750 -6.10 47.90 37.11
N ILE B 751 -6.06 46.58 37.23
CA ILE B 751 -5.37 45.93 38.34
C ILE B 751 -3.95 45.61 37.92
N GLU B 752 -2.98 46.09 38.69
CA GLU B 752 -1.57 45.83 38.45
C GLU B 752 -1.02 44.98 39.57
N TRP B 753 -0.43 43.83 39.21
CA TRP B 753 0.17 42.94 40.19
C TRP B 753 1.52 42.47 39.67
N LYS B 754 2.44 42.25 40.62
CA LYS B 754 3.79 41.79 40.31
C LYS B 754 4.35 41.10 41.55
N ASN B 755 5.40 40.32 41.34
CA ASN B 755 6.05 39.64 42.46
C ASN B 755 7.08 40.57 43.11
N LEU B 756 7.06 40.63 44.44
CA LEU B 756 8.01 41.42 45.19
C LEU B 756 9.27 40.65 45.56
N ASN B 757 9.27 39.33 45.41
CA ASN B 757 10.45 38.52 45.69
C ASN B 757 11.30 38.29 44.45
N GLU B 758 10.71 38.40 43.27
CA GLU B 758 11.41 38.21 42.01
C GLU B 758 11.28 39.46 41.16
N ASP B 759 12.16 39.58 40.16
CA ASP B 759 12.10 40.70 39.22
C ASP B 759 11.26 40.32 38.01
N GLY B 760 10.04 39.86 38.25
CA GLY B 760 9.17 39.46 37.16
C GLY B 760 8.55 40.65 36.46
N GLU B 761 7.93 40.38 35.32
CA GLU B 761 7.28 41.43 34.54
C GLU B 761 6.04 41.94 35.28
N ILE B 762 5.83 43.26 35.19
CA ILE B 762 4.67 43.89 35.84
C ILE B 762 3.42 43.50 35.05
N LYS B 763 2.54 42.73 35.67
CA LYS B 763 1.34 42.25 35.00
C LYS B 763 0.17 43.19 35.30
N TRP B 764 -0.73 43.34 34.32
CA TRP B 764 -1.85 44.25 34.46
C TRP B 764 -3.06 43.65 33.75
N LEU B 765 -4.25 44.09 34.17
CA LEU B 765 -5.48 43.61 33.58
C LEU B 765 -6.56 44.69 33.67
N ARG B 766 -7.29 44.88 32.58
CA ARG B 766 -8.34 45.89 32.51
C ARG B 766 -9.70 45.25 32.76
N ILE B 767 -10.41 45.75 33.77
CA ILE B 767 -11.73 45.23 34.16
C ILE B 767 -12.72 46.39 34.14
N SER B 768 -14.01 46.06 34.04
CA SER B 768 -15.04 47.09 34.03
C SER B 768 -15.16 47.75 35.39
N SER B 769 -15.66 49.00 35.39
CA SER B 769 -15.82 49.74 36.64
C SER B 769 -16.95 49.18 37.50
N SER B 770 -17.95 48.53 36.89
CA SER B 770 -19.04 47.95 37.65
C SER B 770 -18.63 46.72 38.46
N VAL B 771 -17.46 46.15 38.17
CA VAL B 771 -16.96 44.99 38.89
C VAL B 771 -16.42 45.42 40.24
N LYS B 772 -16.78 44.68 41.29
CA LYS B 772 -16.28 44.95 42.62
C LYS B 772 -15.35 43.87 43.15
N LYS B 773 -15.46 42.64 42.66
CA LYS B 773 -14.54 41.57 43.04
C LYS B 773 -14.17 40.78 41.79
N TYR B 774 -12.89 40.38 41.71
CA TYR B 774 -12.39 39.69 40.53
C TYR B 774 -11.59 38.47 40.96
N TYR B 775 -11.54 37.48 40.07
CA TYR B 775 -10.77 36.26 40.29
C TYR B 775 -9.59 36.27 39.32
N ILE B 776 -8.41 36.64 39.82
CA ILE B 776 -7.21 36.65 39.00
C ILE B 776 -6.64 35.25 38.96
N HIS B 777 -6.49 34.71 37.76
CA HIS B 777 -5.99 33.35 37.55
C HIS B 777 -4.53 33.43 37.10
N ASP B 778 -3.62 33.12 38.00
CA ASP B 778 -2.19 33.15 37.71
C ASP B 778 -1.48 32.27 38.75
N HIS B 779 -0.21 32.00 38.50
CA HIS B 779 0.61 31.22 39.42
C HIS B 779 0.99 32.10 40.61
N PHE B 780 0.31 31.89 41.74
CA PHE B 780 0.55 32.67 42.95
C PHE B 780 1.16 31.77 44.02
N ILE B 781 2.24 32.24 44.64
CA ILE B 781 2.86 31.55 45.77
C ILE B 781 2.41 32.26 47.05
N PRO B 782 1.67 31.59 47.94
CA PRO B 782 1.25 32.25 49.19
C PRO B 782 2.41 32.70 50.07
N ILE B 783 3.55 32.02 50.01
CA ILE B 783 4.72 32.43 50.79
C ILE B 783 5.30 33.74 50.30
N GLU B 784 5.46 33.90 48.98
CA GLU B 784 6.01 35.11 48.41
C GLU B 784 5.02 36.26 48.53
N LYS B 785 5.55 37.48 48.59
CA LYS B 785 4.75 38.69 48.71
C LYS B 785 4.45 39.22 47.32
N TYR B 786 3.17 39.50 47.05
CA TYR B 786 2.74 40.09 45.79
C TYR B 786 2.14 41.47 46.04
N GLN B 787 2.57 42.45 45.25
CA GLN B 787 2.06 43.80 45.35
C GLN B 787 0.89 43.98 44.39
N PHE B 788 -0.30 44.19 44.95
CA PHE B 788 -1.52 44.40 44.18
C PHE B 788 -1.85 45.89 44.19
N SER B 789 -1.92 46.49 43.00
CA SER B 789 -2.22 47.90 42.85
C SER B 789 -3.46 48.05 41.97
N LEU B 790 -4.44 48.80 42.47
CA LEU B 790 -5.68 49.06 41.75
C LEU B 790 -5.67 50.50 41.28
N TYR B 791 -5.80 50.70 39.96
CA TYR B 791 -5.75 52.03 39.38
C TYR B 791 -7.13 52.45 38.92
N PRO B 792 -7.79 53.38 39.62
CA PRO B 792 -9.08 53.90 39.11
C PRO B 792 -8.85 54.81 37.92
N ILE B 793 -9.55 54.51 36.82
CA ILE B 793 -9.38 55.22 35.56
C ILE B 793 -10.62 56.08 35.32
N PHE B 794 -10.40 57.34 34.96
CA PHE B 794 -11.46 58.30 34.74
C PHE B 794 -11.30 58.95 33.37
N MET B 795 -12.29 59.77 33.01
CA MET B 795 -12.18 60.58 31.81
C MET B 795 -11.06 61.60 31.93
N GLU B 796 -10.90 62.19 33.12
CA GLU B 796 -9.88 63.19 33.36
C GLU B 796 -8.47 62.61 33.46
N GLY B 797 -8.34 61.32 33.75
CA GLY B 797 -7.04 60.69 33.86
C GLY B 797 -7.09 59.56 34.86
N VAL B 798 -5.90 59.08 35.21
CA VAL B 798 -5.75 57.94 36.12
C VAL B 798 -5.76 58.46 37.55
N GLY B 799 -6.60 57.86 38.40
CA GLY B 799 -6.68 58.25 39.79
C GLY B 799 -5.55 57.66 40.61
N LYS B 800 -5.57 57.99 41.90
CA LYS B 800 -4.56 57.48 42.81
C LYS B 800 -4.76 55.99 43.06
N PRO B 801 -3.77 55.16 42.80
CA PRO B 801 -3.96 53.71 42.99
C PRO B 801 -3.99 53.33 44.46
N LYS B 802 -4.70 52.24 44.75
CA LYS B 802 -4.69 51.63 46.07
C LYS B 802 -3.76 50.43 46.04
N ILE B 803 -2.75 50.45 46.91
CA ILE B 803 -1.66 49.47 46.85
C ILE B 803 -1.63 48.67 48.14
N ILE B 804 -1.61 47.34 48.00
CA ILE B 804 -1.37 46.44 49.11
C ILE B 804 -0.19 45.56 48.75
N ASN B 805 0.52 45.07 49.77
CA ASN B 805 1.75 44.30 49.55
C ASN B 805 1.65 42.88 50.09
N SER B 806 0.51 42.49 50.66
CA SER B 806 0.36 41.15 51.21
C SER B 806 -1.12 40.80 51.26
N PHE B 807 -1.40 39.49 51.30
CA PHE B 807 -2.76 39.03 51.42
C PHE B 807 -3.30 39.31 52.82
N THR B 808 -4.58 39.66 52.90
CA THR B 808 -5.21 39.97 54.18
C THR B 808 -5.43 38.68 54.96
N GLN B 809 -4.89 38.63 56.17
CA GLN B 809 -4.96 37.46 57.02
C GLN B 809 -6.07 37.53 58.06
N ASP B 810 -6.86 38.61 58.07
CA ASP B 810 -7.94 38.76 59.03
C ASP B 810 -9.11 37.86 58.68
N VAL C 26 -3.61 -53.67 26.36
CA VAL C 26 -4.69 -52.87 25.77
C VAL C 26 -5.82 -52.69 26.78
N PRO C 27 -6.03 -51.44 27.22
CA PRO C 27 -7.14 -51.15 28.12
C PRO C 27 -8.47 -51.29 27.40
N ILE C 28 -9.34 -52.16 27.91
CA ILE C 28 -10.65 -52.38 27.30
C ILE C 28 -11.52 -51.14 27.45
N GLN C 29 -11.53 -50.55 28.65
CA GLN C 29 -12.40 -49.41 28.93
C GLN C 29 -12.06 -48.23 28.05
N LYS C 30 -10.75 -47.97 27.87
CA LYS C 30 -10.35 -46.82 27.07
C LYS C 30 -10.79 -47.02 25.63
N VAL C 31 -10.63 -48.24 25.11
CA VAL C 31 -11.03 -48.52 23.73
C VAL C 31 -12.52 -48.30 23.58
N GLN C 32 -13.30 -48.75 24.57
CA GLN C 32 -14.76 -48.60 24.50
C GLN C 32 -15.14 -47.12 24.49
N ASP C 33 -14.48 -46.32 25.33
CA ASP C 33 -14.83 -44.91 25.40
C ASP C 33 -14.44 -44.22 24.10
N ASP C 34 -13.29 -44.60 23.54
CA ASP C 34 -12.84 -43.99 22.29
C ASP C 34 -13.82 -44.37 21.18
N THR C 35 -14.34 -45.59 21.24
CA THR C 35 -15.28 -46.06 20.23
C THR C 35 -16.55 -45.22 20.31
N LYS C 36 -16.99 -44.92 21.54
CA LYS C 36 -18.17 -44.10 21.73
C LYS C 36 -17.94 -42.71 21.13
N THR C 37 -16.78 -42.13 21.44
CA THR C 37 -16.49 -40.77 20.98
C THR C 37 -16.43 -40.75 19.46
N LEU C 38 -15.83 -41.79 18.87
CA LEU C 38 -15.71 -41.84 17.42
C LEU C 38 -17.08 -41.94 16.78
N ILE C 39 -17.99 -42.71 17.40
CA ILE C 39 -19.34 -42.83 16.86
C ILE C 39 -20.03 -41.47 16.88
N LYS C 40 -19.96 -40.77 18.03
CA LYS C 40 -20.61 -39.46 18.10
C LYS C 40 -19.99 -38.52 17.07
N THR C 41 -18.69 -38.64 16.86
CA THR C 41 -18.00 -37.76 15.92
C THR C 41 -18.55 -37.97 14.51
N ILE C 42 -18.72 -39.23 14.11
CA ILE C 42 -19.23 -39.52 12.76
C ILE C 42 -20.66 -39.02 12.65
N VAL C 43 -21.44 -39.19 13.72
CA VAL C 43 -22.84 -38.74 13.71
C VAL C 43 -22.88 -37.24 13.49
N THR C 44 -22.01 -36.51 14.19
CA THR C 44 -21.97 -35.06 14.05
C THR C 44 -21.56 -34.69 12.64
N ARG C 45 -20.63 -35.45 12.05
CA ARG C 45 -20.19 -35.16 10.70
C ARG C 45 -21.39 -35.23 9.78
N ILE C 46 -22.18 -36.29 9.92
CA ILE C 46 -23.36 -36.44 9.06
C ILE C 46 -24.34 -35.31 9.36
N ASN C 47 -24.38 -34.86 10.62
CA ASN C 47 -25.28 -33.76 11.01
C ASN C 47 -24.92 -32.49 10.26
N ASP C 48 -23.63 -32.29 9.98
CA ASP C 48 -23.18 -31.09 9.29
C ASP C 48 -23.72 -31.05 7.87
N ILE C 49 -23.97 -32.21 7.28
CA ILE C 49 -24.44 -32.35 5.91
C ILE C 49 -25.93 -32.03 5.92
N SER C 50 -26.27 -30.80 5.49
CA SER C 50 -27.63 -30.27 5.66
C SER C 50 -28.68 -31.09 4.94
N HIS C 51 -28.40 -31.57 3.72
CA HIS C 51 -29.43 -32.31 2.98
C HIS C 51 -29.79 -33.62 3.65
N THR C 52 -28.84 -34.25 4.36
CA THR C 52 -29.13 -35.54 4.99
C THR C 52 -30.08 -35.38 6.18
N GLN C 53 -29.96 -34.26 6.91
CA GLN C 53 -30.73 -34.07 8.14
C GLN C 53 -32.24 -34.09 7.87
N SER C 54 -32.67 -33.48 6.77
CA SER C 54 -34.09 -33.38 6.46
C SER C 54 -34.73 -34.68 6.01
N VAL C 55 -33.94 -35.73 5.77
CA VAL C 55 -34.44 -36.96 5.17
C VAL C 55 -34.68 -37.98 6.28
N SER C 56 -35.82 -38.66 6.22
CA SER C 56 -36.17 -39.66 7.22
C SER C 56 -35.27 -40.88 7.10
N SER C 57 -34.63 -41.26 8.21
CA SER C 57 -33.73 -42.41 8.23
C SER C 57 -34.51 -43.71 8.03
N LYS C 58 -35.58 -43.90 8.79
CA LYS C 58 -36.34 -45.14 8.74
C LYS C 58 -37.09 -45.34 7.44
N GLN C 59 -37.46 -44.25 6.75
CA GLN C 59 -38.32 -44.36 5.58
C GLN C 59 -37.67 -45.19 4.47
N LYS C 60 -38.46 -46.06 3.84
CA LYS C 60 -37.97 -46.93 2.80
C LYS C 60 -38.07 -46.26 1.43
N VAL C 61 -37.00 -46.40 0.64
CA VAL C 61 -36.95 -45.94 -0.74
C VAL C 61 -36.55 -47.13 -1.60
N THR C 62 -37.29 -47.38 -2.68
CA THR C 62 -37.02 -48.56 -3.48
C THR C 62 -35.75 -48.39 -4.31
N GLY C 63 -34.96 -49.46 -4.36
CA GLY C 63 -33.74 -49.54 -5.12
C GLY C 63 -32.51 -49.50 -4.23
N LEU C 64 -32.59 -48.76 -3.13
CA LEU C 64 -31.55 -48.61 -2.13
C LEU C 64 -31.51 -49.78 -1.15
N ASP C 65 -32.39 -50.78 -1.34
CA ASP C 65 -32.58 -51.87 -0.39
C ASP C 65 -31.27 -52.60 -0.07
N PHE C 66 -30.32 -52.60 -1.01
CA PHE C 66 -29.05 -53.28 -0.80
C PHE C 66 -28.26 -52.64 0.33
N ILE C 67 -28.48 -51.36 0.58
CA ILE C 67 -27.77 -50.64 1.66
C ILE C 67 -28.26 -51.17 3.01
N PRO C 68 -27.35 -51.59 3.90
CA PRO C 68 -27.75 -52.15 5.19
C PRO C 68 -28.35 -51.14 6.15
N GLY C 69 -29.66 -50.89 6.01
CA GLY C 69 -30.36 -49.94 6.84
C GLY C 69 -30.90 -50.60 8.08
N LEU C 70 -31.73 -49.86 8.82
CA LEU C 70 -32.17 -50.31 10.13
C LEU C 70 -32.93 -51.62 9.98
N HIS C 71 -32.28 -52.70 10.43
CA HIS C 71 -32.69 -54.07 10.56
C HIS C 71 -31.83 -54.50 11.72
N PRO C 72 -32.41 -55.19 12.74
CA PRO C 72 -31.69 -55.46 14.01
C PRO C 72 -30.28 -56.02 13.80
N ILE C 73 -29.30 -55.26 14.28
CA ILE C 73 -27.89 -55.62 14.26
C ILE C 73 -27.52 -56.09 15.66
N LEU C 74 -27.78 -57.38 15.94
CA LEU C 74 -27.59 -57.95 17.26
C LEU C 74 -26.14 -58.26 17.64
N THR C 75 -25.26 -58.57 16.69
CA THR C 75 -23.96 -59.11 17.07
C THR C 75 -22.80 -58.38 16.39
N LEU C 76 -21.61 -58.62 16.95
CA LEU C 76 -20.37 -57.99 16.50
C LEU C 76 -20.02 -58.35 15.06
N SER C 77 -20.23 -59.61 14.66
CA SER C 77 -19.94 -59.99 13.28
C SER C 77 -20.87 -59.27 12.33
N LYS C 78 -22.12 -59.08 12.75
CA LYS C 78 -23.09 -58.37 11.92
C LYS C 78 -22.64 -56.92 11.79
N MET C 79 -22.15 -56.35 12.90
CA MET C 79 -21.73 -54.95 12.88
C MET C 79 -20.55 -54.80 11.94
N ASP C 80 -19.62 -55.75 11.99
CA ASP C 80 -18.42 -55.69 11.17
C ASP C 80 -18.78 -55.75 9.69
N GLN C 81 -19.67 -56.69 9.32
CA GLN C 81 -20.02 -56.80 7.91
C GLN C 81 -20.79 -55.56 7.45
N THR C 82 -21.62 -55.00 8.34
CA THR C 82 -22.38 -53.81 8.00
C THR C 82 -21.43 -52.66 7.72
N LEU C 83 -20.45 -52.45 8.61
CA LEU C 83 -19.50 -51.36 8.43
C LEU C 83 -18.67 -51.59 7.18
N ALA C 84 -18.36 -52.86 6.87
CA ALA C 84 -17.56 -53.16 5.69
C ALA C 84 -18.32 -52.74 4.45
N VAL C 85 -19.62 -53.05 4.41
CA VAL C 85 -20.44 -52.69 3.25
C VAL C 85 -20.50 -51.17 3.14
N TYR C 86 -20.71 -50.49 4.27
CA TYR C 86 -20.80 -49.03 4.21
C TYR C 86 -19.49 -48.44 3.70
N GLN C 87 -18.34 -48.97 4.13
CA GLN C 87 -17.07 -48.44 3.65
C GLN C 87 -16.97 -48.64 2.14
N GLN C 88 -17.39 -49.81 1.67
CA GLN C 88 -17.31 -50.12 0.25
C GLN C 88 -18.18 -49.17 -0.56
N ILE C 89 -19.38 -48.87 -0.05
CA ILE C 89 -20.28 -47.98 -0.78
C ILE C 89 -19.72 -46.56 -0.76
N LEU C 90 -19.24 -46.08 0.39
CA LEU C 90 -18.75 -44.72 0.53
C LEU C 90 -17.53 -44.48 -0.35
N THR C 91 -16.69 -45.49 -0.50
CA THR C 91 -15.46 -45.37 -1.30
C THR C 91 -15.76 -44.96 -2.73
N SER C 92 -16.86 -45.46 -3.30
CA SER C 92 -17.20 -45.22 -4.70
C SER C 92 -17.71 -43.81 -4.97
N MET C 93 -18.18 -43.08 -3.96
CA MET C 93 -18.82 -41.78 -4.19
C MET C 93 -17.82 -40.65 -4.02
N PRO C 94 -17.60 -39.82 -5.06
CA PRO C 94 -16.65 -38.70 -4.96
C PRO C 94 -17.14 -37.55 -4.09
N SER C 95 -16.70 -37.52 -2.83
CA SER C 95 -17.02 -36.44 -1.90
C SER C 95 -15.90 -36.38 -0.87
N ARG C 96 -15.46 -35.16 -0.54
CA ARG C 96 -14.38 -35.03 0.44
C ARG C 96 -14.82 -35.48 1.82
N ASN C 97 -16.05 -35.13 2.22
CA ASN C 97 -16.51 -35.50 3.55
C ASN C 97 -16.57 -37.02 3.69
N VAL C 98 -17.08 -37.67 2.63
CA VAL C 98 -17.27 -39.11 2.65
C VAL C 98 -15.97 -39.87 2.81
N ILE C 99 -14.86 -39.38 2.25
CA ILE C 99 -13.60 -40.13 2.37
C ILE C 99 -13.20 -40.17 3.84
N GLN C 100 -13.34 -39.04 4.54
CA GLN C 100 -12.98 -38.98 5.95
C GLN C 100 -13.89 -39.91 6.74
N ILE C 101 -15.18 -39.93 6.37
CA ILE C 101 -16.13 -40.79 7.08
C ILE C 101 -15.71 -42.25 6.89
N SER C 102 -15.26 -42.59 5.68
CA SER C 102 -14.81 -43.95 5.38
C SER C 102 -13.61 -44.30 6.25
N ASN C 103 -12.70 -43.33 6.44
CA ASN C 103 -11.52 -43.58 7.25
C ASN C 103 -11.94 -43.82 8.69
N ASP C 104 -12.91 -43.02 9.17
CA ASP C 104 -13.36 -43.16 10.55
C ASP C 104 -14.01 -44.52 10.72
N LEU C 105 -14.74 -44.97 9.69
CA LEU C 105 -15.39 -46.28 9.74
C LEU C 105 -14.33 -47.38 9.82
N GLU C 106 -13.20 -47.18 9.13
CA GLU C 106 -12.13 -48.16 9.15
C GLU C 106 -11.59 -48.26 10.57
N ASN C 107 -11.39 -47.09 11.19
CA ASN C 107 -10.87 -47.06 12.55
C ASN C 107 -11.87 -47.71 13.50
N LEU C 108 -13.17 -47.51 13.23
CA LEU C 108 -14.22 -48.08 14.06
C LEU C 108 -14.16 -49.60 13.97
N ARG C 109 -13.95 -50.13 12.76
CA ARG C 109 -13.88 -51.56 12.58
C ARG C 109 -12.68 -52.11 13.34
N ASP C 110 -11.55 -51.40 13.27
CA ASP C 110 -10.34 -51.87 13.96
C ASP C 110 -10.60 -51.90 15.45
N LEU C 111 -11.34 -50.91 15.96
CA LEU C 111 -11.67 -50.86 17.38
C LEU C 111 -12.55 -52.05 17.73
N LEU C 112 -13.50 -52.39 16.86
CA LEU C 112 -14.37 -53.51 17.13
C LEU C 112 -13.57 -54.81 17.11
N HIS C 113 -12.59 -54.91 16.21
CA HIS C 113 -11.76 -56.11 16.14
C HIS C 113 -10.90 -56.27 17.39
N VAL C 114 -10.32 -55.18 17.88
CA VAL C 114 -9.51 -55.30 19.10
C VAL C 114 -10.40 -55.64 20.28
N LEU C 115 -11.64 -55.10 20.31
CA LEU C 115 -12.55 -55.45 21.39
C LEU C 115 -12.92 -56.93 21.31
N ALA C 116 -13.17 -57.41 20.08
CA ALA C 116 -13.50 -58.82 19.87
C ALA C 116 -12.34 -59.72 20.28
N PHE C 117 -11.12 -59.18 20.22
CA PHE C 117 -9.96 -59.95 20.64
C PHE C 117 -9.91 -59.98 22.16
N SER C 118 -10.18 -58.83 22.79
CA SER C 118 -10.21 -58.75 24.25
C SER C 118 -11.32 -59.59 24.84
N LYS C 119 -12.37 -59.88 24.06
CA LYS C 119 -13.45 -60.79 24.47
C LYS C 119 -13.19 -62.24 24.08
N SER C 120 -11.97 -62.57 23.61
CA SER C 120 -11.61 -63.89 23.09
C SER C 120 -12.46 -64.34 21.90
N CYS C 121 -12.89 -63.40 21.06
CA CYS C 121 -13.63 -63.73 19.85
C CYS C 121 -12.71 -63.61 18.65
N HIS C 122 -12.89 -64.51 17.68
CA HIS C 122 -12.16 -64.46 16.41
C HIS C 122 -13.11 -63.88 15.36
N LEU C 123 -12.90 -62.61 15.03
CA LEU C 123 -13.63 -61.96 13.96
C LEU C 123 -12.87 -62.15 12.64
N PRO C 124 -13.42 -62.88 11.68
CA PRO C 124 -12.87 -62.85 10.31
C PRO C 124 -13.04 -61.46 9.69
N TRP C 125 -11.98 -61.01 9.01
CA TRP C 125 -12.00 -59.75 8.27
C TRP C 125 -13.11 -59.78 7.23
N ALA C 126 -14.13 -58.94 7.41
CA ALA C 126 -15.23 -58.84 6.45
C ALA C 126 -14.76 -58.25 5.12
N SER C 127 -15.02 -58.97 4.03
CA SER C 127 -15.07 -58.37 2.71
C SER C 127 -16.32 -57.52 2.57
N GLY C 128 -16.23 -56.47 1.76
CA GLY C 128 -17.44 -55.77 1.34
C GLY C 128 -18.44 -56.61 0.55
N LEU C 129 -19.50 -55.97 0.06
CA LEU C 129 -20.50 -56.68 -0.74
C LEU C 129 -19.89 -57.14 -2.08
N GLU C 130 -20.01 -58.44 -2.35
CA GLU C 130 -19.71 -58.97 -3.69
C GLU C 130 -20.60 -58.36 -4.77
N THR C 131 -21.79 -57.89 -4.41
CA THR C 131 -22.85 -57.48 -5.33
C THR C 131 -22.80 -56.00 -5.69
N LEU C 132 -21.62 -55.41 -5.82
CA LEU C 132 -21.56 -54.01 -6.24
C LEU C 132 -21.84 -53.78 -7.72
N ASP C 133 -21.88 -54.84 -8.54
CA ASP C 133 -22.17 -54.69 -9.97
C ASP C 133 -23.51 -54.01 -10.26
N SER C 134 -24.35 -53.84 -9.25
CA SER C 134 -25.66 -53.19 -9.36
C SER C 134 -25.63 -51.75 -8.89
N LEU C 135 -24.82 -51.46 -7.87
CA LEU C 135 -24.70 -50.12 -7.31
C LEU C 135 -24.33 -49.07 -8.35
N GLY C 136 -23.50 -49.43 -9.34
CA GLY C 136 -23.17 -48.48 -10.39
C GLY C 136 -24.39 -47.86 -11.03
N GLY C 137 -25.41 -48.68 -11.29
CA GLY C 137 -26.59 -48.17 -11.97
C GLY C 137 -27.27 -47.08 -11.16
N VAL C 138 -27.43 -47.31 -9.85
CA VAL C 138 -28.14 -46.32 -9.04
C VAL C 138 -27.29 -45.06 -8.95
N LEU C 139 -25.97 -45.21 -8.88
CA LEU C 139 -25.11 -44.03 -8.76
C LEU C 139 -25.22 -43.18 -10.02
N GLU C 140 -25.29 -43.84 -11.18
CA GLU C 140 -25.38 -43.11 -12.44
C GLU C 140 -26.73 -42.42 -12.57
N ALA C 141 -27.84 -43.16 -12.41
CA ALA C 141 -29.16 -42.59 -12.63
C ALA C 141 -29.50 -41.50 -11.61
N SER C 142 -29.32 -41.78 -10.32
CA SER C 142 -29.66 -40.80 -9.28
C SER C 142 -28.59 -40.78 -8.20
N GLY C 143 -27.66 -39.83 -8.29
CA GLY C 143 -26.63 -39.71 -7.26
C GLY C 143 -27.19 -39.18 -5.95
N TYR C 144 -28.12 -38.22 -6.03
CA TYR C 144 -28.63 -37.53 -4.86
C TYR C 144 -29.32 -38.50 -3.92
N SER C 145 -30.17 -39.37 -4.47
CA SER C 145 -30.92 -40.31 -3.64
C SER C 145 -29.97 -41.26 -2.94
N THR C 146 -28.98 -41.77 -3.67
CA THR C 146 -28.06 -42.75 -3.12
C THR C 146 -27.29 -42.12 -1.98
N GLU C 147 -26.83 -40.88 -2.17
CA GLU C 147 -26.04 -40.21 -1.15
C GLU C 147 -26.87 -39.95 0.11
N VAL C 148 -28.05 -39.34 -0.05
CA VAL C 148 -28.84 -38.98 1.14
C VAL C 148 -29.26 -40.23 1.90
N VAL C 149 -29.69 -41.28 1.18
CA VAL C 149 -30.11 -42.51 1.84
C VAL C 149 -28.93 -43.15 2.55
N ALA C 150 -27.80 -43.28 1.85
CA ALA C 150 -26.64 -43.97 2.41
C ALA C 150 -26.18 -43.29 3.69
N LEU C 151 -26.15 -41.94 3.68
CA LEU C 151 -25.71 -41.20 4.85
C LEU C 151 -26.70 -41.33 6.00
N SER C 152 -28.00 -41.20 5.70
CA SER C 152 -28.99 -41.25 6.77
C SER C 152 -29.05 -42.65 7.38
N ARG C 153 -28.93 -43.69 6.54
CA ARG C 153 -28.95 -45.04 7.08
C ARG C 153 -27.68 -45.31 7.86
N LEU C 154 -26.55 -44.71 7.44
CA LEU C 154 -25.31 -44.92 8.19
C LEU C 154 -25.48 -44.34 9.57
N GLN C 155 -26.05 -43.13 9.64
CA GLN C 155 -26.23 -42.45 10.92
C GLN C 155 -27.14 -43.28 11.83
N GLY C 156 -28.20 -43.84 11.24
CA GLY C 156 -29.12 -44.66 12.02
C GLY C 156 -28.43 -45.91 12.54
N SER C 157 -27.61 -46.55 11.69
CA SER C 157 -26.97 -47.80 12.07
C SER C 157 -26.00 -47.52 13.20
N LEU C 158 -25.29 -46.40 13.12
CA LEU C 158 -24.34 -46.04 14.16
C LEU C 158 -25.08 -45.78 15.47
N GLN C 159 -26.26 -45.15 15.39
CA GLN C 159 -27.00 -44.87 16.61
C GLN C 159 -27.46 -46.13 17.31
N ASP C 160 -27.97 -47.14 16.57
CA ASP C 160 -28.39 -48.35 17.30
C ASP C 160 -27.16 -49.08 17.82
N MET C 161 -26.06 -49.05 17.06
CA MET C 161 -24.85 -49.71 17.53
C MET C 161 -24.42 -49.09 18.86
N LEU C 162 -24.48 -47.75 18.96
CA LEU C 162 -24.04 -47.09 20.17
C LEU C 162 -24.99 -47.48 21.30
N TRP C 163 -26.29 -47.61 20.99
CA TRP C 163 -27.24 -47.96 22.05
C TRP C 163 -26.90 -49.33 22.61
N GLN C 164 -26.62 -50.28 21.71
CA GLN C 164 -26.39 -51.67 22.10
C GLN C 164 -25.01 -51.91 22.71
N LEU C 165 -24.05 -50.99 22.54
CA LEU C 165 -22.69 -51.27 23.01
C LEU C 165 -22.59 -51.40 24.53
N ASP C 166 -23.54 -50.89 25.30
CA ASP C 166 -23.53 -51.14 26.74
C ASP C 166 -24.20 -52.46 27.12
N LEU C 167 -25.12 -52.98 26.28
CA LEU C 167 -25.93 -54.17 26.58
C LEU C 167 -25.10 -55.47 26.69
N SER C 168 -23.76 -55.40 26.68
CA SER C 168 -22.81 -56.51 26.64
C SER C 168 -22.93 -57.27 25.33
N PRO C 169 -22.58 -56.64 24.20
CA PRO C 169 -22.68 -57.32 22.90
C PRO C 169 -21.87 -58.61 22.87
N GLY C 170 -22.37 -59.58 22.11
CA GLY C 170 -21.74 -60.88 22.02
C GLY C 170 -21.47 -61.27 20.59
N CYS C 171 -20.60 -62.27 20.44
CA CYS C 171 -20.19 -62.76 19.14
C CYS C 171 -21.00 -63.97 18.71
N LYS D 215 33.79 -62.48 -27.01
CA LYS D 215 34.70 -61.69 -26.21
C LYS D 215 34.02 -60.44 -25.65
N PRO D 216 33.74 -60.45 -24.35
CA PRO D 216 33.07 -59.30 -23.72
C PRO D 216 33.99 -58.09 -23.67
N ASP D 217 33.36 -56.92 -23.51
CA ASP D 217 34.12 -55.69 -23.36
C ASP D 217 34.81 -55.65 -22.00
N PRO D 218 35.93 -54.96 -21.89
CA PRO D 218 36.60 -54.82 -20.58
C PRO D 218 35.76 -54.03 -19.61
N PRO D 219 35.86 -54.32 -18.31
CA PRO D 219 35.07 -53.59 -17.32
C PRO D 219 35.42 -52.11 -17.28
N LEU D 220 34.40 -51.30 -17.02
CA LEU D 220 34.53 -49.84 -16.96
C LEU D 220 34.23 -49.34 -15.56
N GLY D 221 34.53 -48.06 -15.34
CA GLY D 221 34.25 -47.43 -14.07
C GLY D 221 35.06 -47.96 -12.91
N LEU D 222 36.37 -48.16 -13.10
CA LEU D 222 37.22 -48.68 -12.04
C LEU D 222 37.46 -47.62 -10.98
N HIS D 223 37.00 -47.87 -9.76
CA HIS D 223 37.10 -46.92 -8.66
C HIS D 223 37.65 -47.62 -7.43
N MET D 224 38.39 -46.84 -6.62
CA MET D 224 38.94 -47.32 -5.36
C MET D 224 38.52 -46.37 -4.25
N GLU D 225 37.97 -46.92 -3.17
CA GLU D 225 37.54 -46.13 -2.02
C GLU D 225 38.05 -46.76 -0.74
N ILE D 226 37.92 -46.02 0.36
CA ILE D 226 38.37 -46.47 1.67
C ILE D 226 37.14 -46.69 2.56
N THR D 227 37.01 -47.89 3.10
CA THR D 227 35.90 -48.20 3.99
C THR D 227 36.15 -47.63 5.38
N ASP D 228 35.09 -47.66 6.20
CA ASP D 228 35.21 -47.17 7.57
C ASP D 228 36.07 -48.09 8.42
N ASP D 229 36.18 -49.36 8.04
CA ASP D 229 36.99 -50.32 8.80
C ASP D 229 38.48 -50.21 8.48
N GLY D 230 38.86 -49.39 7.50
CA GLY D 230 40.25 -49.31 7.10
C GLY D 230 40.65 -50.24 5.99
N ASN D 231 39.71 -50.62 5.13
CA ASN D 231 40.00 -51.52 4.03
C ASN D 231 39.75 -50.84 2.68
N LEU D 232 40.51 -51.25 1.68
CA LEU D 232 40.43 -50.67 0.34
C LEU D 232 39.39 -51.45 -0.46
N LYS D 233 38.35 -50.77 -0.91
CA LYS D 233 37.29 -51.38 -1.71
C LYS D 233 37.48 -50.97 -3.16
N ILE D 234 37.65 -51.95 -4.03
CA ILE D 234 37.81 -51.72 -5.46
C ILE D 234 36.53 -52.16 -6.15
N SER D 235 35.92 -51.25 -6.91
CA SER D 235 34.65 -51.52 -7.57
C SER D 235 34.77 -51.21 -9.05
N TRP D 236 33.97 -51.92 -9.85
CA TRP D 236 33.94 -51.72 -11.29
C TRP D 236 32.54 -52.04 -11.79
N SER D 237 32.22 -51.49 -12.97
CA SER D 237 30.90 -51.64 -13.55
C SER D 237 30.93 -52.66 -14.69
N SER D 238 29.96 -53.57 -14.68
CA SER D 238 29.86 -54.55 -15.75
C SER D 238 29.43 -53.85 -17.05
N PRO D 239 29.84 -54.36 -18.21
CA PRO D 239 29.36 -53.80 -19.48
C PRO D 239 27.85 -53.94 -19.61
N PRO D 240 27.20 -52.96 -20.26
CA PRO D 240 25.74 -53.01 -20.37
C PRO D 240 25.22 -53.86 -21.53
N LEU D 241 26.09 -54.56 -22.25
CA LEU D 241 25.69 -55.33 -23.42
C LEU D 241 25.83 -56.83 -23.26
N VAL D 242 26.24 -57.31 -22.09
CA VAL D 242 26.40 -58.74 -21.83
C VAL D 242 25.18 -59.23 -21.07
N PRO D 243 24.38 -60.13 -21.63
CA PRO D 243 23.19 -60.62 -20.92
C PRO D 243 23.48 -61.81 -20.02
N PHE D 244 24.76 -62.08 -19.77
CA PHE D 244 25.18 -63.21 -18.96
C PHE D 244 26.10 -62.73 -17.85
N PRO D 245 26.12 -63.41 -16.70
CA PRO D 245 27.02 -62.99 -15.62
C PRO D 245 28.48 -63.17 -16.00
N LEU D 246 29.33 -62.33 -15.41
CA LEU D 246 30.75 -62.28 -15.74
C LEU D 246 31.59 -62.58 -14.52
N GLN D 247 32.67 -63.33 -14.72
CA GLN D 247 33.66 -63.60 -13.69
C GLN D 247 34.91 -62.76 -14.00
N TYR D 248 35.39 -62.05 -12.98
CA TYR D 248 36.44 -61.05 -13.18
C TYR D 248 37.74 -61.49 -12.53
N GLN D 249 38.85 -61.20 -13.22
CA GLN D 249 40.19 -61.38 -12.70
C GLN D 249 40.78 -59.99 -12.45
N VAL D 250 41.19 -59.75 -11.22
CA VAL D 250 41.73 -58.46 -10.80
C VAL D 250 43.18 -58.66 -10.38
N LYS D 251 44.09 -57.97 -11.05
CA LYS D 251 45.49 -57.94 -10.69
C LYS D 251 45.81 -56.61 -10.03
N TYR D 252 46.24 -56.65 -8.77
CA TYR D 252 46.54 -55.44 -8.04
C TYR D 252 47.94 -55.55 -7.43
N SER D 253 48.69 -54.46 -7.56
CA SER D 253 50.04 -54.37 -7.04
C SER D 253 50.11 -53.24 -6.01
N GLU D 254 50.65 -53.58 -4.84
CA GLU D 254 50.87 -52.62 -3.75
C GLU D 254 52.35 -52.36 -3.66
N ASN D 255 52.75 -51.10 -3.85
CA ASN D 255 54.14 -50.70 -3.88
C ASN D 255 54.39 -49.73 -2.74
N SER D 256 55.19 -50.15 -1.76
CA SER D 256 55.68 -49.30 -0.69
C SER D 256 57.19 -49.12 -0.83
N THR D 257 57.77 -48.37 0.10
CA THR D 257 59.21 -48.17 0.08
C THR D 257 59.98 -49.39 0.54
N THR D 258 59.31 -50.34 1.19
CA THR D 258 59.97 -51.54 1.70
C THR D 258 59.37 -52.85 1.17
N VAL D 259 58.06 -52.92 0.97
CA VAL D 259 57.41 -54.16 0.57
C VAL D 259 56.64 -53.91 -0.72
N ILE D 260 56.90 -54.75 -1.73
CA ILE D 260 56.19 -54.71 -3.00
C ILE D 260 55.49 -56.05 -3.20
N ARG D 261 54.17 -56.00 -3.39
CA ARG D 261 53.35 -57.21 -3.53
C ARG D 261 52.52 -57.11 -4.80
N GLU D 262 52.30 -58.26 -5.44
CA GLU D 262 51.38 -58.38 -6.56
C GLU D 262 50.46 -59.56 -6.32
N ALA D 263 49.16 -59.37 -6.58
CA ALA D 263 48.19 -60.43 -6.31
C ALA D 263 47.09 -60.42 -7.37
N ASP D 264 46.75 -61.61 -7.86
CA ASP D 264 45.66 -61.80 -8.81
C ASP D 264 44.54 -62.57 -8.11
N LYS D 265 43.33 -62.03 -8.16
CA LYS D 265 42.17 -62.64 -7.52
C LYS D 265 41.03 -62.78 -8.52
N ILE D 266 40.36 -63.93 -8.46
CA ILE D 266 39.22 -64.22 -9.33
C ILE D 266 37.95 -64.14 -8.50
N VAL D 267 37.03 -63.27 -8.90
CA VAL D 267 35.81 -63.02 -8.14
C VAL D 267 34.61 -63.03 -9.07
N SER D 268 33.49 -63.55 -8.57
CA SER D 268 32.23 -63.51 -9.31
C SER D 268 31.50 -62.18 -9.14
N ALA D 269 31.81 -61.43 -8.09
CA ALA D 269 31.16 -60.15 -7.86
C ALA D 269 31.94 -59.01 -8.52
N THR D 270 31.34 -57.82 -8.49
CA THR D 270 31.94 -56.63 -9.08
C THR D 270 32.70 -55.78 -8.07
N SER D 271 33.11 -56.36 -6.93
CA SER D 271 33.83 -55.61 -5.92
C SER D 271 34.83 -56.52 -5.24
N LEU D 272 35.90 -55.90 -4.72
CA LEU D 272 36.97 -56.62 -4.05
C LEU D 272 37.43 -55.84 -2.83
N LEU D 273 37.72 -56.54 -1.74
CA LEU D 273 38.16 -55.91 -0.51
C LEU D 273 39.61 -56.30 -0.21
N VAL D 274 40.42 -55.30 0.10
CA VAL D 274 41.82 -55.50 0.50
C VAL D 274 41.94 -55.03 1.95
N ASP D 275 42.35 -55.94 2.82
CA ASP D 275 42.43 -55.63 4.25
C ASP D 275 43.71 -54.88 4.58
N SER D 276 43.60 -53.93 5.51
CA SER D 276 44.72 -53.17 6.05
C SER D 276 45.50 -52.43 4.96
N ILE D 277 44.86 -51.46 4.31
CA ILE D 277 45.53 -50.66 3.30
C ILE D 277 46.66 -49.88 3.95
N LEU D 278 47.85 -49.99 3.37
CA LEU D 278 49.05 -49.44 3.99
C LEU D 278 49.18 -47.95 3.69
N PRO D 279 49.65 -47.14 4.63
CA PRO D 279 49.80 -45.71 4.34
C PRO D 279 51.04 -45.45 3.51
N GLY D 280 50.96 -44.43 2.65
CA GLY D 280 52.08 -44.06 1.80
C GLY D 280 52.46 -45.11 0.78
N SER D 281 51.48 -45.79 0.21
CA SER D 281 51.72 -46.85 -0.76
C SER D 281 50.91 -46.58 -2.02
N SER D 282 51.37 -47.14 -3.13
CA SER D 282 50.74 -46.96 -4.43
C SER D 282 50.06 -48.27 -4.82
N TYR D 283 48.77 -48.20 -5.13
CA TYR D 283 48.01 -49.37 -5.54
C TYR D 283 47.65 -49.25 -7.02
N GLU D 284 48.11 -50.20 -7.82
CA GLU D 284 47.82 -50.25 -9.25
C GLU D 284 46.91 -51.43 -9.52
N VAL D 285 45.74 -51.17 -10.11
CA VAL D 285 44.70 -52.18 -10.26
C VAL D 285 44.31 -52.29 -11.72
N GLN D 286 44.24 -53.54 -12.22
CA GLN D 286 43.70 -53.85 -13.54
C GLN D 286 42.66 -54.95 -13.39
N VAL D 287 41.58 -54.82 -14.15
CA VAL D 287 40.45 -55.76 -14.07
C VAL D 287 40.10 -56.22 -15.48
N ARG D 288 39.94 -57.54 -15.64
CA ARG D 288 39.44 -58.11 -16.89
C ARG D 288 38.30 -59.07 -16.59
N GLY D 289 37.49 -59.35 -17.59
CA GLY D 289 36.29 -60.14 -17.42
C GLY D 289 36.24 -61.33 -18.36
N LYS D 290 35.39 -62.30 -17.99
CA LYS D 290 35.17 -63.50 -18.79
C LYS D 290 33.74 -63.97 -18.58
N ARG D 291 33.20 -64.68 -19.57
CA ARG D 291 31.89 -65.28 -19.41
C ARG D 291 31.94 -66.37 -18.36
N LEU D 292 30.98 -66.36 -17.43
CA LEU D 292 31.02 -67.28 -16.31
C LEU D 292 30.72 -68.71 -16.75
N ASP D 293 29.74 -68.89 -17.61
CA ASP D 293 29.28 -70.22 -18.02
C ASP D 293 29.81 -70.52 -19.43
N GLY D 294 30.44 -71.68 -19.58
CA GLY D 294 30.93 -72.11 -20.87
C GLY D 294 32.35 -71.65 -21.15
N PRO D 295 32.90 -72.07 -22.28
CA PRO D 295 34.27 -71.67 -22.66
C PRO D 295 34.34 -70.25 -23.20
N GLY D 296 34.20 -69.28 -22.30
CA GLY D 296 34.24 -67.89 -22.71
C GLY D 296 35.65 -67.43 -23.05
N ILE D 297 35.73 -66.25 -23.64
CA ILE D 297 37.01 -65.64 -24.00
C ILE D 297 37.31 -64.51 -23.03
N TRP D 298 38.53 -64.49 -22.51
CA TRP D 298 38.92 -63.45 -21.57
C TRP D 298 39.00 -62.09 -22.26
N SER D 299 38.43 -61.08 -21.61
CA SER D 299 38.47 -59.72 -22.14
C SER D 299 39.86 -59.12 -21.95
N ASP D 300 40.11 -58.02 -22.68
CA ASP D 300 41.34 -57.29 -22.52
C ASP D 300 41.40 -56.63 -21.15
N TRP D 301 42.62 -56.42 -20.66
CA TRP D 301 42.81 -55.75 -19.39
C TRP D 301 42.38 -54.29 -19.47
N SER D 302 41.70 -53.83 -18.43
CA SER D 302 41.28 -52.44 -18.38
C SER D 302 42.48 -51.52 -18.12
N THR D 303 42.22 -50.22 -18.24
CA THR D 303 43.26 -49.24 -17.95
C THR D 303 43.66 -49.32 -16.48
N PRO D 304 44.95 -49.37 -16.16
CA PRO D 304 45.36 -49.48 -14.76
C PRO D 304 45.02 -48.22 -13.98
N ARG D 305 44.52 -48.42 -12.77
CA ARG D 305 44.16 -47.32 -11.88
C ARG D 305 45.15 -47.25 -10.74
N VAL D 306 45.68 -46.06 -10.48
CA VAL D 306 46.73 -45.85 -9.48
C VAL D 306 46.16 -45.00 -8.35
N PHE D 307 46.29 -45.48 -7.12
CA PHE D 307 45.81 -44.77 -5.93
C PHE D 307 46.97 -44.61 -4.96
N THR D 308 47.21 -43.37 -4.53
CA THR D 308 48.31 -43.05 -3.62
C THR D 308 47.73 -42.61 -2.28
N THR D 309 48.22 -43.23 -1.21
CA THR D 309 47.70 -42.98 0.13
C THR D 309 48.54 -41.94 0.86
N GLN D 310 48.04 -41.51 2.01
CA GLN D 310 48.69 -40.52 2.86
C GLN D 310 49.58 -41.24 3.88
N ASP D 311 50.05 -40.50 4.88
CA ASP D 311 51.10 -40.99 5.77
C ASP D 311 50.57 -41.35 7.16
N VAL D 312 49.32 -41.02 7.45
CA VAL D 312 48.71 -41.34 8.75
C VAL D 312 47.29 -41.84 8.49
N ILE D 313 46.90 -42.92 9.16
CA ILE D 313 45.61 -43.55 8.95
C ILE D 313 44.70 -43.23 10.13
N TYR D 314 43.55 -42.63 9.85
CA TYR D 314 42.46 -42.52 10.80
C TYR D 314 41.29 -43.36 10.32
N PHE D 315 40.83 -44.29 11.15
CA PHE D 315 39.66 -45.06 10.76
C PHE D 315 38.71 -45.22 11.95
N PRO D 316 37.46 -44.77 11.83
CA PRO D 316 36.91 -44.05 10.67
C PRO D 316 37.32 -42.58 10.61
N PRO D 317 37.57 -42.07 9.41
CA PRO D 317 38.01 -40.67 9.27
C PRO D 317 37.00 -39.66 9.78
N LYS D 318 35.71 -39.89 9.59
CA LYS D 318 34.68 -38.95 10.00
C LYS D 318 33.57 -39.69 10.72
N ILE D 319 32.97 -39.03 11.70
CA ILE D 319 31.88 -39.60 12.49
C ILE D 319 30.77 -38.56 12.62
N LEU D 320 29.56 -38.97 12.24
CA LEU D 320 28.35 -38.17 12.47
C LEU D 320 27.60 -38.80 13.64
N THR D 321 27.47 -38.03 14.73
CA THR D 321 26.86 -38.54 15.95
C THR D 321 26.02 -37.46 16.58
N SER D 322 25.33 -37.82 17.66
CA SER D 322 24.44 -36.92 18.38
C SER D 322 25.00 -36.61 19.76
N VAL D 323 24.23 -35.81 20.51
CA VAL D 323 24.65 -35.42 21.86
C VAL D 323 24.46 -36.59 22.82
N GLY D 324 25.48 -36.85 23.63
CA GLY D 324 25.42 -37.89 24.64
C GLY D 324 25.83 -39.27 24.20
N SER D 325 26.30 -39.43 22.96
CA SER D 325 26.71 -40.73 22.47
C SER D 325 28.19 -40.95 22.74
N ASN D 326 28.63 -42.20 22.56
CA ASN D 326 30.03 -42.59 22.76
C ASN D 326 30.65 -42.93 21.41
N VAL D 327 31.79 -42.31 21.13
CA VAL D 327 32.45 -42.43 19.83
C VAL D 327 33.89 -42.89 20.03
N SER D 328 34.28 -43.91 19.29
CA SER D 328 35.63 -44.44 19.35
C SER D 328 36.37 -44.14 18.05
N PHE D 329 37.56 -43.56 18.19
CA PHE D 329 38.42 -43.26 17.06
C PHE D 329 39.71 -44.06 17.13
N HIS D 330 40.10 -44.64 15.99
CA HIS D 330 41.30 -45.44 15.89
C HIS D 330 42.27 -44.80 14.90
N CYS D 331 43.56 -44.85 15.23
CA CYS D 331 44.59 -44.29 14.37
C CYS D 331 45.80 -45.21 14.32
N ILE D 332 46.48 -45.14 13.18
CA ILE D 332 47.79 -45.73 12.96
C ILE D 332 48.72 -44.62 12.46
N TYR D 333 49.85 -44.44 13.15
CA TYR D 333 50.81 -43.39 12.85
C TYR D 333 52.03 -44.03 12.21
N LYS D 334 52.47 -43.47 11.09
CA LYS D 334 53.65 -43.94 10.36
C LYS D 334 54.76 -42.92 10.49
N LYS D 335 55.96 -43.39 10.83
CA LYS D 335 57.15 -42.56 10.93
C LYS D 335 58.23 -43.17 10.03
N GLU D 336 58.43 -42.56 8.87
CA GLU D 336 59.40 -43.01 7.87
C GLU D 336 59.17 -44.46 7.46
N ASN D 337 57.91 -44.74 7.05
CA ASN D 337 57.46 -46.07 6.65
C ASN D 337 57.67 -47.10 7.76
N LYS D 338 57.45 -46.66 9.00
CA LYS D 338 57.51 -47.53 10.16
C LYS D 338 56.33 -47.22 11.07
N ILE D 339 55.63 -48.25 11.52
CA ILE D 339 54.44 -48.08 12.35
C ILE D 339 54.87 -47.83 13.78
N VAL D 340 54.52 -46.66 14.31
CA VAL D 340 54.85 -46.27 15.67
C VAL D 340 54.03 -47.13 16.64
N PRO D 341 54.62 -47.61 17.74
CA PRO D 341 53.83 -48.35 18.73
C PRO D 341 52.76 -47.47 19.37
N SER D 342 51.69 -48.13 19.83
CA SER D 342 50.53 -47.44 20.39
C SER D 342 50.85 -46.70 21.67
N LYS D 343 51.95 -47.05 22.36
CA LYS D 343 52.30 -46.36 23.59
C LYS D 343 52.73 -44.92 23.33
N GLU D 344 53.36 -44.66 22.18
CA GLU D 344 53.88 -43.32 21.89
C GLU D 344 52.78 -42.40 21.37
N ILE D 345 51.62 -42.95 21.03
CA ILE D 345 50.57 -42.15 20.39
C ILE D 345 49.86 -41.31 21.43
N VAL D 346 49.80 -40.00 21.18
CA VAL D 346 49.16 -39.03 22.05
C VAL D 346 48.11 -38.27 21.25
N TRP D 347 46.92 -38.11 21.84
CA TRP D 347 45.80 -37.48 21.16
C TRP D 347 45.60 -36.05 21.65
N TRP D 348 45.18 -35.19 20.72
CA TRP D 348 44.92 -33.78 20.98
C TRP D 348 43.59 -33.39 20.34
N MET D 349 42.97 -32.35 20.90
CA MET D 349 41.71 -31.82 20.38
C MET D 349 41.96 -30.45 19.78
N ASN D 350 41.83 -30.37 18.45
CA ASN D 350 41.98 -29.14 17.68
C ASN D 350 43.33 -28.46 17.89
N LEU D 351 44.36 -29.25 18.18
CA LEU D 351 45.71 -28.78 18.50
C LEU D 351 45.74 -27.85 19.69
N ALA D 352 44.74 -27.94 20.58
CA ALA D 352 44.67 -27.00 21.70
C ALA D 352 45.16 -27.64 23.00
N GLU D 353 44.59 -28.79 23.35
CA GLU D 353 44.93 -29.43 24.62
C GLU D 353 45.04 -30.93 24.40
N LYS D 354 45.88 -31.56 25.22
CA LYS D 354 46.11 -33.00 25.13
C LYS D 354 44.94 -33.75 25.76
N ILE D 355 44.44 -34.75 25.04
CA ILE D 355 43.37 -35.63 25.53
C ILE D 355 43.91 -36.42 26.71
N PRO D 356 43.17 -36.52 27.82
CA PRO D 356 43.66 -37.27 28.99
C PRO D 356 43.91 -38.73 28.67
N GLN D 357 44.90 -39.31 29.37
CA GLN D 357 45.32 -40.68 29.07
C GLN D 357 44.29 -41.70 29.52
N SER D 358 43.29 -41.28 30.31
CA SER D 358 42.21 -42.19 30.70
C SER D 358 41.40 -42.64 29.50
N GLN D 359 41.20 -41.75 28.51
CA GLN D 359 40.47 -42.12 27.31
C GLN D 359 41.33 -42.94 26.36
N TYR D 360 42.65 -42.95 26.56
CA TYR D 360 43.54 -43.68 25.68
C TYR D 360 43.41 -45.18 25.89
N ASP D 361 43.29 -45.93 24.80
CA ASP D 361 43.23 -47.38 24.84
C ASP D 361 44.12 -47.96 23.75
N VAL D 362 44.80 -49.05 24.08
CA VAL D 362 45.66 -49.74 23.13
C VAL D 362 44.93 -51.01 22.70
N VAL D 363 44.29 -50.95 21.53
CA VAL D 363 43.65 -52.13 20.98
C VAL D 363 44.71 -53.12 20.48
N SER D 364 45.72 -52.62 19.78
CA SER D 364 46.82 -53.43 19.30
C SER D 364 48.10 -52.62 19.37
N ASP D 365 49.21 -53.28 19.08
CA ASP D 365 50.52 -52.63 19.17
C ASP D 365 50.69 -51.59 18.06
N HIS D 366 49.91 -51.69 16.99
CA HIS D 366 50.07 -50.79 15.86
C HIS D 366 49.05 -49.66 15.86
N VAL D 367 47.86 -49.88 16.40
CA VAL D 367 46.76 -48.93 16.33
C VAL D 367 46.37 -48.52 17.74
N SER D 368 46.21 -47.21 17.95
CA SER D 368 45.70 -46.67 19.21
C SER D 368 44.28 -46.19 19.02
N LYS D 369 43.55 -46.03 20.14
CA LYS D 369 42.16 -45.59 20.04
C LYS D 369 41.80 -44.70 21.22
N VAL D 370 40.78 -43.89 21.02
CA VAL D 370 40.22 -43.02 22.05
C VAL D 370 38.72 -43.20 22.08
N THR D 371 38.16 -43.22 23.30
CA THR D 371 36.72 -43.35 23.51
C THR D 371 36.19 -42.08 24.15
N PHE D 372 35.14 -41.52 23.56
CA PHE D 372 34.48 -40.33 24.07
C PHE D 372 33.09 -40.70 24.57
N PHE D 373 32.82 -40.38 25.83
CA PHE D 373 31.58 -40.74 26.48
C PHE D 373 30.82 -39.47 26.86
N ASN D 374 29.49 -39.53 26.68
CA ASN D 374 28.57 -38.43 26.97
C ASN D 374 29.00 -37.16 26.21
N LEU D 375 29.03 -37.30 24.88
CA LEU D 375 29.48 -36.20 24.04
C LEU D 375 28.48 -35.05 24.04
N ASN D 376 29.00 -33.83 24.17
CA ASN D 376 28.22 -32.61 24.08
C ASN D 376 28.28 -32.07 22.66
N GLU D 377 27.44 -31.08 22.40
CA GLU D 377 27.43 -30.45 21.09
C GLU D 377 28.72 -29.68 20.85
N THR D 378 29.34 -29.93 19.70
CA THR D 378 30.56 -29.23 19.35
C THR D 378 30.25 -27.80 18.93
N LYS D 379 30.83 -26.83 19.63
CA LYS D 379 30.58 -25.44 19.32
C LYS D 379 31.25 -25.06 18.00
N PRO D 380 30.65 -24.16 17.21
CA PRO D 380 31.29 -23.76 15.96
C PRO D 380 32.41 -22.76 16.21
N ARG D 381 33.60 -23.13 15.76
CA ARG D 381 34.78 -22.26 15.84
C ARG D 381 35.01 -21.68 14.44
N GLY D 382 34.38 -20.53 14.18
CA GLY D 382 34.44 -19.95 12.85
C GLY D 382 33.61 -20.76 11.88
N LYS D 383 34.19 -21.04 10.71
CA LYS D 383 33.46 -21.77 9.68
C LYS D 383 33.34 -23.24 10.01
N PHE D 384 34.29 -23.79 10.76
CA PHE D 384 34.34 -25.21 11.04
C PHE D 384 33.36 -25.57 12.16
N THR D 385 32.41 -26.44 11.86
CA THR D 385 31.43 -26.86 12.86
C THR D 385 31.79 -28.18 13.53
N TYR D 386 32.95 -28.75 13.21
CA TYR D 386 33.35 -30.05 13.72
C TYR D 386 34.58 -29.90 14.61
N ASP D 387 34.85 -30.95 15.39
CA ASP D 387 36.06 -31.02 16.18
C ASP D 387 37.11 -31.86 15.46
N ALA D 388 38.32 -31.34 15.37
CA ALA D 388 39.43 -32.05 14.73
C ALA D 388 40.27 -32.73 15.79
N VAL D 389 40.24 -34.06 15.80
CA VAL D 389 40.97 -34.87 16.76
C VAL D 389 42.24 -35.39 16.09
N TYR D 390 43.39 -35.05 16.68
CA TYR D 390 44.68 -35.40 16.11
C TYR D 390 45.32 -36.51 16.94
N CYS D 391 45.92 -37.49 16.26
CA CYS D 391 46.73 -38.51 16.91
C CYS D 391 48.16 -38.33 16.44
N CYS D 392 49.10 -38.29 17.38
CA CYS D 392 50.44 -37.79 17.15
C CYS D 392 51.47 -38.72 17.76
N ASN D 393 52.69 -38.64 17.23
CA ASN D 393 53.85 -39.30 17.82
C ASN D 393 54.45 -38.35 18.85
N GLU D 394 54.11 -38.58 20.12
CA GLU D 394 54.56 -37.78 21.25
C GLU D 394 54.17 -36.31 21.11
N HIS D 395 55.14 -35.41 21.28
CA HIS D 395 54.84 -33.98 21.23
C HIS D 395 54.59 -33.51 19.81
N GLU D 396 55.22 -34.15 18.83
CA GLU D 396 55.15 -33.73 17.44
C GLU D 396 53.88 -34.27 16.81
N CYS D 397 53.11 -33.40 16.17
CA CYS D 397 51.81 -33.74 15.62
C CYS D 397 51.80 -33.66 14.09
N HIS D 398 50.78 -34.29 13.50
CA HIS D 398 50.59 -34.34 12.06
C HIS D 398 49.46 -33.41 11.66
N HIS D 399 49.41 -33.10 10.36
CA HIS D 399 48.43 -32.13 9.87
C HIS D 399 47.03 -32.74 9.78
N ARG D 400 46.94 -34.02 9.41
CA ARG D 400 45.64 -34.65 9.22
C ARG D 400 44.99 -34.97 10.57
N TYR D 401 43.67 -35.14 10.56
CA TYR D 401 42.88 -35.28 11.78
C TYR D 401 41.65 -36.13 11.50
N ALA D 402 40.81 -36.27 12.52
CA ALA D 402 39.51 -36.91 12.40
C ALA D 402 38.42 -35.90 12.75
N GLU D 403 37.35 -35.90 11.96
CA GLU D 403 36.30 -34.89 12.07
C GLU D 403 35.13 -35.44 12.87
N LEU D 404 34.74 -34.71 13.91
CA LEU D 404 33.64 -35.08 14.79
C LEU D 404 32.53 -34.03 14.64
N TYR D 405 31.41 -34.45 14.07
CA TYR D 405 30.26 -33.58 13.85
C TYR D 405 29.14 -33.91 14.83
N VAL D 406 29.02 -33.10 15.89
CA VAL D 406 27.90 -33.24 16.82
C VAL D 406 26.95 -32.06 16.62
N ILE D 407 25.94 -32.25 15.79
CA ILE D 407 25.01 -31.17 15.49
C ILE D 407 23.76 -31.37 16.33
N ASP D 408 22.94 -30.31 16.42
CA ASP D 408 21.72 -30.35 17.20
C ASP D 408 20.57 -30.89 16.34
N VAL D 409 20.17 -32.13 16.62
CA VAL D 409 19.04 -32.74 15.92
C VAL D 409 17.75 -32.67 16.70
N ASN D 410 17.75 -31.99 17.86
CA ASN D 410 16.55 -31.88 18.69
C ASN D 410 15.61 -30.84 18.07
N ILE D 411 14.71 -31.34 17.21
CA ILE D 411 13.73 -30.51 16.53
C ILE D 411 12.36 -30.83 17.10
N ASN D 412 11.67 -29.80 17.58
CA ASN D 412 10.34 -29.97 18.15
C ASN D 412 9.29 -29.77 17.07
N ILE D 413 8.44 -30.77 16.87
CA ILE D 413 7.37 -30.72 15.89
C ILE D 413 6.05 -30.70 16.65
N SER D 414 5.23 -29.69 16.39
CA SER D 414 3.94 -29.54 17.04
C SER D 414 2.83 -29.67 16.00
N CYS D 415 1.95 -30.65 16.20
CA CYS D 415 0.85 -30.89 15.29
C CYS D 415 -0.44 -30.34 15.88
N GLU D 416 -1.34 -29.91 15.01
CA GLU D 416 -2.59 -29.29 15.44
C GLU D 416 -3.66 -29.53 14.39
N THR D 417 -4.84 -29.93 14.84
CA THR D 417 -5.95 -30.20 13.94
C THR D 417 -6.86 -28.99 13.83
N ASP D 418 -7.61 -28.92 12.74
CA ASP D 418 -8.55 -27.83 12.53
C ASP D 418 -9.78 -28.00 13.41
N GLY D 419 -10.62 -26.96 13.43
CA GLY D 419 -11.83 -27.00 14.22
C GLY D 419 -12.84 -28.03 13.75
N TYR D 420 -12.78 -28.42 12.48
CA TYR D 420 -13.67 -29.44 11.94
C TYR D 420 -13.02 -30.82 11.91
N LEU D 421 -11.79 -30.95 12.41
CA LEU D 421 -11.07 -32.23 12.50
C LEU D 421 -10.92 -32.89 11.13
N THR D 422 -10.62 -32.10 10.11
CA THR D 422 -10.46 -32.61 8.75
C THR D 422 -9.01 -32.73 8.32
N LYS D 423 -8.11 -31.94 8.90
CA LYS D 423 -6.71 -31.97 8.53
C LYS D 423 -5.86 -31.66 9.76
N MET D 424 -4.60 -32.07 9.71
CA MET D 424 -3.65 -31.80 10.80
C MET D 424 -2.41 -31.14 10.23
N THR D 425 -2.10 -29.95 10.70
CA THR D 425 -0.92 -29.21 10.29
C THR D 425 0.15 -29.34 11.38
N CYS D 426 1.33 -29.81 10.98
CA CYS D 426 2.45 -29.96 11.89
C CYS D 426 3.52 -28.93 11.53
N ARG D 427 3.97 -28.19 12.53
CA ARG D 427 4.92 -27.11 12.35
C ARG D 427 6.20 -27.43 13.11
N TRP D 428 7.33 -27.12 12.48
CA TRP D 428 8.62 -27.29 13.14
C TRP D 428 9.56 -26.16 12.74
N SER D 429 10.50 -25.86 13.63
CA SER D 429 11.39 -24.72 13.48
C SER D 429 12.73 -25.14 12.90
N THR D 430 13.44 -24.18 12.30
CA THR D 430 14.75 -24.39 11.70
C THR D 430 15.86 -23.61 12.37
N SER D 431 15.68 -23.21 13.63
CA SER D 431 16.64 -22.33 14.28
C SER D 431 17.99 -23.00 14.50
N THR D 432 17.99 -24.30 14.80
CA THR D 432 19.23 -25.00 15.13
C THR D 432 19.93 -25.58 13.91
N ILE D 433 19.35 -25.50 12.72
CA ILE D 433 19.93 -26.08 11.52
C ILE D 433 20.40 -25.04 10.51
N GLN D 434 20.32 -23.76 10.85
CA GLN D 434 20.77 -22.73 9.93
C GLN D 434 22.30 -22.64 9.82
N SER D 435 23.03 -23.25 10.75
CA SER D 435 24.48 -23.12 10.75
C SER D 435 25.16 -24.05 9.75
N LEU D 436 24.44 -25.01 9.18
CA LEU D 436 25.02 -25.99 8.27
C LEU D 436 24.46 -25.77 6.88
N ALA D 437 25.35 -25.55 5.90
CA ALA D 437 24.93 -25.46 4.52
C ALA D 437 24.89 -26.84 3.88
N GLU D 438 24.28 -26.92 2.69
CA GLU D 438 24.15 -28.13 1.89
C GLU D 438 23.38 -29.23 2.63
N SER D 439 22.58 -28.84 3.62
CA SER D 439 21.82 -29.80 4.40
C SER D 439 20.37 -29.86 3.93
N THR D 440 19.87 -31.06 3.70
CA THR D 440 18.51 -31.29 3.26
C THR D 440 17.68 -31.87 4.41
N LEU D 441 16.53 -31.26 4.66
CA LEU D 441 15.65 -31.65 5.76
C LEU D 441 14.37 -32.25 5.18
N GLN D 442 14.02 -33.44 5.64
CA GLN D 442 12.82 -34.12 5.15
C GLN D 442 12.05 -34.69 6.32
N LEU D 443 10.77 -34.35 6.42
CA LEU D 443 9.95 -34.91 7.48
C LEU D 443 9.51 -36.32 7.10
N ARG D 444 9.80 -37.28 7.97
CA ARG D 444 9.43 -38.67 7.76
C ARG D 444 8.42 -39.09 8.82
N TYR D 445 7.36 -39.75 8.37
CA TYR D 445 6.30 -40.16 9.29
C TYR D 445 5.93 -41.61 9.01
N HIS D 446 5.56 -42.31 10.08
CA HIS D 446 5.06 -43.67 10.00
C HIS D 446 3.71 -43.71 10.71
N ARG D 447 2.71 -44.27 10.04
CA ARG D 447 1.36 -44.34 10.58
C ARG D 447 1.10 -45.73 11.14
N SER D 448 0.79 -45.80 12.42
CA SER D 448 0.45 -47.08 13.03
C SER D 448 -1.02 -47.40 12.80
N SER D 449 -1.36 -48.69 12.95
CA SER D 449 -2.74 -49.10 12.78
C SER D 449 -3.61 -48.58 13.93
N LEU D 450 -3.08 -48.57 15.14
CA LEU D 450 -3.84 -48.13 16.30
C LEU D 450 -2.91 -47.47 17.31
N TYR D 451 -3.24 -46.23 17.68
CA TYR D 451 -2.66 -45.54 18.83
C TYR D 451 -1.15 -45.29 18.70
N CYS D 452 -0.57 -44.72 19.76
CA CYS D 452 0.87 -44.51 19.86
C CYS D 452 1.47 -45.47 20.87
N SER D 453 2.68 -45.96 20.55
CA SER D 453 3.42 -46.77 21.50
C SER D 453 3.94 -45.90 22.64
N ASP D 454 4.24 -46.55 23.76
CA ASP D 454 4.76 -45.82 24.93
C ASP D 454 6.13 -45.23 24.65
N ILE D 455 6.95 -45.93 23.87
CA ILE D 455 8.27 -45.42 23.48
C ILE D 455 8.30 -45.27 21.96
N PRO D 456 8.23 -44.05 21.44
CA PRO D 456 8.37 -43.86 19.99
C PRO D 456 9.74 -44.27 19.50
N SER D 457 9.79 -44.78 18.27
CA SER D 457 11.03 -45.27 17.71
C SER D 457 11.02 -45.08 16.20
N ILE D 458 12.21 -45.10 15.61
CA ILE D 458 12.33 -44.95 14.16
C ILE D 458 11.91 -46.24 13.49
N HIS D 459 11.00 -46.13 12.51
CA HIS D 459 10.54 -47.29 11.78
C HIS D 459 11.27 -47.40 10.44
N PRO D 460 11.70 -48.62 10.06
CA PRO D 460 12.38 -48.76 8.76
C PRO D 460 11.53 -48.37 7.57
N ILE D 461 10.22 -48.62 7.63
CA ILE D 461 9.31 -48.23 6.57
C ILE D 461 8.68 -46.90 6.98
N SER D 462 8.99 -45.84 6.24
CA SER D 462 8.50 -44.51 6.55
C SER D 462 8.12 -43.80 5.25
N GLU D 463 7.32 -42.75 5.38
CA GLU D 463 6.89 -41.97 4.24
C GLU D 463 7.33 -40.52 4.39
N PRO D 464 7.82 -39.92 3.31
CA PRO D 464 8.14 -38.48 3.35
C PRO D 464 6.88 -37.63 3.33
N LYS D 465 7.02 -36.42 3.86
CA LYS D 465 5.92 -35.47 3.88
C LYS D 465 6.38 -34.14 3.30
N ASP D 466 5.53 -33.54 2.47
CA ASP D 466 5.83 -32.25 1.86
C ASP D 466 5.56 -31.14 2.86
N CYS D 467 6.61 -30.44 3.27
CA CYS D 467 6.50 -29.33 4.22
C CYS D 467 6.97 -28.04 3.54
N TYR D 468 6.26 -26.95 3.80
CA TYR D 468 6.51 -25.67 3.17
C TYR D 468 6.90 -24.65 4.23
N LEU D 469 7.92 -23.85 3.92
CA LEU D 469 8.38 -22.82 4.85
C LEU D 469 7.44 -21.63 4.82
N GLN D 470 7.11 -21.09 5.98
CA GLN D 470 6.21 -19.96 6.10
C GLN D 470 6.99 -18.68 6.39
N SER D 471 6.25 -17.58 6.58
CA SER D 471 6.87 -16.29 6.81
C SER D 471 7.53 -16.20 8.19
N ASP D 472 7.07 -17.01 9.14
CA ASP D 472 7.60 -16.96 10.49
C ASP D 472 8.81 -17.87 10.70
N GLY D 473 9.31 -18.52 9.67
CA GLY D 473 10.44 -19.40 9.78
C GLY D 473 10.11 -20.83 10.16
N PHE D 474 8.83 -21.18 10.23
CA PHE D 474 8.40 -22.54 10.56
C PHE D 474 7.94 -23.27 9.31
N TYR D 475 8.35 -24.53 9.20
CA TYR D 475 7.86 -25.40 8.14
C TYR D 475 6.56 -26.07 8.60
N GLU D 476 5.55 -26.01 7.74
CA GLU D 476 4.24 -26.58 7.99
C GLU D 476 3.97 -27.70 7.00
N CYS D 477 3.47 -28.83 7.51
CA CYS D 477 3.08 -29.97 6.69
C CYS D 477 1.64 -30.33 7.03
N ILE D 478 0.79 -30.44 6.00
CA ILE D 478 -0.64 -30.63 6.19
C ILE D 478 -1.02 -32.04 5.79
N PHE D 479 -1.57 -32.79 6.74
CA PHE D 479 -2.10 -34.13 6.49
C PHE D 479 -3.61 -34.01 6.30
N GLN D 480 -4.08 -34.30 5.10
CA GLN D 480 -5.49 -34.26 4.77
C GLN D 480 -5.75 -35.33 3.72
N PRO D 481 -6.52 -36.38 4.04
CA PRO D 481 -7.25 -36.63 5.29
C PRO D 481 -6.35 -37.12 6.43
N ILE D 482 -6.88 -37.09 7.66
CA ILE D 482 -6.14 -37.49 8.84
C ILE D 482 -6.90 -38.62 9.54
N PHE D 483 -6.15 -39.51 10.18
CA PHE D 483 -6.70 -40.64 10.93
C PHE D 483 -6.71 -40.26 12.41
N LEU D 484 -7.90 -40.27 13.01
CA LEU D 484 -8.04 -39.71 14.36
C LEU D 484 -7.36 -40.57 15.42
N LEU D 485 -7.58 -41.88 15.40
CA LEU D 485 -7.07 -42.77 16.44
C LEU D 485 -5.90 -43.62 15.96
N SER D 486 -5.22 -43.18 14.90
CA SER D 486 -3.98 -43.80 14.45
C SER D 486 -2.81 -42.91 14.83
N GLY D 487 -1.84 -43.47 15.53
CA GLY D 487 -0.69 -42.71 15.99
C GLY D 487 0.36 -42.47 14.92
N TYR D 488 0.71 -41.21 14.69
CA TYR D 488 1.71 -40.86 13.69
C TYR D 488 3.05 -40.62 14.38
N THR D 489 4.04 -41.45 14.09
CA THR D 489 5.39 -41.26 14.61
C THR D 489 6.19 -40.46 13.58
N MET D 490 6.58 -39.24 13.93
CA MET D 490 7.22 -38.33 13.01
C MET D 490 8.62 -37.98 13.50
N TRP D 491 9.50 -37.69 12.54
CA TRP D 491 10.84 -37.23 12.84
C TRP D 491 11.37 -36.46 11.63
N ILE D 492 12.54 -35.85 11.81
CA ILE D 492 13.19 -35.08 10.76
C ILE D 492 14.48 -35.78 10.36
N ARG D 493 14.60 -36.10 9.08
CA ARG D 493 15.79 -36.73 8.54
C ARG D 493 16.64 -35.66 7.86
N ILE D 494 17.88 -35.53 8.30
CA ILE D 494 18.85 -34.60 7.71
C ILE D 494 19.83 -35.45 6.92
N ASN D 495 19.83 -35.27 5.60
CA ASN D 495 20.68 -36.05 4.71
C ASN D 495 21.86 -35.19 4.29
N HIS D 496 22.97 -35.38 5.00
CA HIS D 496 24.18 -34.63 4.69
C HIS D 496 24.87 -35.21 3.46
N SER D 497 26.04 -34.63 3.13
CA SER D 497 26.83 -35.16 2.04
C SER D 497 27.36 -36.55 2.35
N LEU D 498 27.68 -36.82 3.62
CA LEU D 498 28.18 -38.12 4.06
C LEU D 498 27.39 -38.52 5.31
N GLY D 499 26.28 -39.22 5.11
CA GLY D 499 25.50 -39.71 6.23
C GLY D 499 24.10 -39.13 6.31
N SER D 500 23.24 -39.79 7.08
CA SER D 500 21.88 -39.32 7.32
C SER D 500 21.57 -39.47 8.81
N LEU D 501 20.99 -38.43 9.40
CA LEU D 501 20.63 -38.43 10.81
C LEU D 501 19.13 -38.29 10.95
N ASP D 502 18.58 -38.87 12.02
CA ASP D 502 17.16 -38.80 12.30
C ASP D 502 16.94 -38.12 13.65
N SER D 503 16.00 -37.18 13.69
CA SER D 503 15.65 -36.52 14.94
C SER D 503 14.94 -37.51 15.86
N PRO D 504 14.97 -37.25 17.17
CA PRO D 504 14.20 -38.10 18.11
C PRO D 504 12.73 -38.12 17.76
N PRO D 505 12.19 -39.29 17.41
CA PRO D 505 10.82 -39.35 16.90
C PRO D 505 9.79 -39.07 17.99
N THR D 506 8.73 -38.36 17.60
CA THR D 506 7.62 -38.06 18.48
C THR D 506 6.35 -38.62 17.85
N CYS D 507 5.55 -39.31 18.66
CA CYS D 507 4.30 -39.90 18.20
C CYS D 507 3.14 -39.02 18.65
N VAL D 508 2.25 -38.71 17.72
CA VAL D 508 1.13 -37.79 17.94
C VAL D 508 -0.17 -38.53 17.62
N LEU D 509 -1.15 -38.40 18.52
CA LEU D 509 -2.50 -38.88 18.28
C LEU D 509 -3.40 -37.68 18.02
N PRO D 510 -3.99 -37.55 16.82
CA PRO D 510 -4.81 -36.37 16.52
C PRO D 510 -6.00 -36.19 17.45
N ASP D 511 -6.59 -37.31 17.91
CA ASP D 511 -7.76 -37.22 18.78
C ASP D 511 -7.42 -36.60 20.13
N SER D 512 -6.14 -36.51 20.46
CA SER D 512 -5.69 -35.89 21.70
C SER D 512 -5.12 -34.49 21.51
N VAL D 513 -5.15 -33.94 20.30
CA VAL D 513 -4.58 -32.60 20.11
C VAL D 513 -5.70 -31.63 19.76
N VAL D 514 -6.89 -31.87 20.29
CA VAL D 514 -8.09 -31.12 19.95
C VAL D 514 -7.99 -29.70 20.51
N LYS D 515 -7.79 -28.74 19.62
CA LYS D 515 -7.81 -27.30 19.89
C LYS D 515 -9.20 -26.70 20.02
N PRO D 516 -10.26 -27.24 19.36
CA PRO D 516 -11.15 -26.42 18.51
C PRO D 516 -11.80 -25.18 19.12
N LEU D 517 -12.43 -24.43 18.19
CA LEU D 517 -12.91 -23.07 18.40
C LEU D 517 -13.62 -22.88 19.73
N PRO D 518 -13.40 -21.75 20.40
CA PRO D 518 -14.05 -21.52 21.68
C PRO D 518 -15.56 -21.45 21.54
N PRO D 519 -16.32 -21.70 22.62
CA PRO D 519 -17.78 -21.77 22.51
C PRO D 519 -18.40 -20.49 22.00
N SER D 520 -19.45 -20.64 21.20
CA SER D 520 -20.16 -19.54 20.58
C SER D 520 -21.47 -19.26 21.34
N SER D 521 -22.19 -18.25 20.86
CA SER D 521 -23.44 -17.79 21.45
C SER D 521 -23.26 -17.42 22.93
N VAL D 522 -22.13 -16.78 23.21
CA VAL D 522 -21.81 -16.37 24.57
C VAL D 522 -22.60 -15.11 24.90
N LYS D 523 -23.53 -15.23 25.84
CA LYS D 523 -24.39 -14.12 26.24
C LYS D 523 -24.17 -13.84 27.72
N ALA D 524 -23.87 -12.58 28.03
CA ALA D 524 -23.65 -12.14 29.40
C ALA D 524 -24.76 -11.15 29.77
N GLU D 525 -25.69 -11.60 30.61
CA GLU D 525 -26.79 -10.76 31.05
C GLU D 525 -26.74 -10.69 32.57
N ILE D 526 -27.63 -9.89 33.15
CA ILE D 526 -27.73 -9.79 34.59
C ILE D 526 -29.14 -10.13 35.01
N THR D 527 -29.27 -11.06 35.97
CA THR D 527 -30.57 -11.57 36.38
C THR D 527 -31.39 -10.49 37.06
N ILE D 528 -32.65 -10.35 36.66
CA ILE D 528 -33.52 -9.33 37.24
C ILE D 528 -33.93 -9.75 38.64
N ASN D 529 -33.90 -8.79 39.57
CA ASN D 529 -34.30 -8.93 40.96
C ASN D 529 -33.44 -9.93 41.73
N ILE D 530 -32.32 -10.34 41.13
CA ILE D 530 -31.39 -11.25 41.80
C ILE D 530 -30.02 -10.62 41.95
N GLY D 531 -29.54 -9.92 40.92
CA GLY D 531 -28.25 -9.27 40.98
C GLY D 531 -27.07 -10.17 40.70
N LEU D 532 -27.27 -11.22 39.92
CA LEU D 532 -26.19 -12.15 39.57
C LEU D 532 -25.94 -12.11 38.07
N LEU D 533 -24.67 -11.97 37.71
CA LEU D 533 -24.24 -11.97 36.31
C LEU D 533 -24.38 -13.40 35.77
N LYS D 534 -25.34 -13.60 34.86
CA LYS D 534 -25.57 -14.88 34.24
C LYS D 534 -24.84 -14.93 32.90
N ILE D 535 -23.96 -15.90 32.74
CA ILE D 535 -23.16 -16.08 31.53
C ILE D 535 -23.51 -17.42 30.92
N SER D 536 -23.91 -17.39 29.64
CA SER D 536 -24.31 -18.59 28.94
C SER D 536 -23.50 -18.71 27.66
N TRP D 537 -23.45 -19.93 27.13
CA TRP D 537 -22.68 -20.23 25.92
C TRP D 537 -23.25 -21.51 25.30
N GLU D 538 -22.68 -21.91 24.18
CA GLU D 538 -23.06 -23.15 23.51
C GLU D 538 -21.82 -24.00 23.30
N LYS D 539 -21.91 -25.27 23.68
CA LYS D 539 -20.78 -26.18 23.54
C LYS D 539 -20.43 -26.37 22.06
N PRO D 540 -19.15 -26.27 21.70
CA PRO D 540 -18.77 -26.45 20.30
C PRO D 540 -18.95 -27.89 19.85
N VAL D 541 -18.88 -28.08 18.53
CA VAL D 541 -19.12 -29.40 17.94
C VAL D 541 -18.04 -30.38 18.38
N PHE D 542 -16.80 -29.91 18.50
CA PHE D 542 -15.72 -30.77 18.93
C PHE D 542 -14.91 -30.13 20.04
N PRO D 543 -14.35 -30.91 20.97
CA PRO D 543 -14.46 -32.37 21.12
C PRO D 543 -15.75 -32.80 21.81
N GLU D 544 -16.05 -34.11 21.75
CA GLU D 544 -17.24 -34.65 22.39
C GLU D 544 -16.95 -35.26 23.76
N ASN D 545 -15.75 -35.12 24.27
CA ASN D 545 -15.44 -35.57 25.63
C ASN D 545 -16.10 -34.66 26.66
N ASN D 546 -15.98 -35.05 27.93
CA ASN D 546 -16.40 -34.17 29.01
C ASN D 546 -15.54 -32.91 29.01
N LEU D 547 -16.19 -31.78 29.23
CA LEU D 547 -15.55 -30.48 29.03
C LEU D 547 -15.51 -29.66 30.32
N GLN D 548 -14.45 -28.89 30.45
CA GLN D 548 -14.30 -27.85 31.46
C GLN D 548 -14.12 -26.51 30.78
N PHE D 549 -14.50 -25.45 31.50
CA PHE D 549 -14.58 -24.11 30.94
C PHE D 549 -13.83 -23.12 31.82
N GLN D 550 -13.19 -22.15 31.17
CA GLN D 550 -12.49 -21.07 31.84
C GLN D 550 -13.06 -19.75 31.35
N ILE D 551 -13.48 -18.90 32.29
CA ILE D 551 -14.17 -17.65 31.98
C ILE D 551 -13.44 -16.51 32.66
N ARG D 552 -13.18 -15.44 31.92
CA ARG D 552 -12.66 -14.21 32.49
C ARG D 552 -13.71 -13.12 32.34
N TYR D 553 -14.02 -12.45 33.46
CA TYR D 553 -15.03 -11.41 33.49
C TYR D 553 -14.49 -10.19 34.22
N GLY D 554 -14.75 -9.02 33.67
CA GLY D 554 -14.23 -7.81 34.28
C GLY D 554 -15.00 -6.59 33.81
N LEU D 555 -14.60 -5.45 34.37
CA LEU D 555 -15.23 -4.18 33.99
C LEU D 555 -14.77 -3.75 32.61
N SER D 556 -15.72 -3.40 31.75
CA SER D 556 -15.40 -3.01 30.39
C SER D 556 -14.74 -1.63 30.37
N GLY D 557 -13.65 -1.51 29.62
CA GLY D 557 -12.96 -0.24 29.53
C GLY D 557 -11.74 -0.36 28.64
N LYS D 558 -10.84 0.61 28.78
CA LYS D 558 -9.58 0.56 28.05
C LYS D 558 -8.73 -0.62 28.51
N GLU D 559 -8.69 -0.88 29.81
CA GLU D 559 -8.03 -2.06 30.36
C GLU D 559 -9.01 -2.78 31.28
N VAL D 560 -9.18 -4.07 31.07
CA VAL D 560 -10.18 -4.86 31.79
C VAL D 560 -9.47 -5.71 32.83
N GLN D 561 -9.83 -5.52 34.11
CA GLN D 561 -9.32 -6.36 35.17
C GLN D 561 -10.04 -7.70 35.16
N TRP D 562 -9.38 -8.72 34.62
CA TRP D 562 -10.03 -10.01 34.38
C TRP D 562 -10.04 -10.83 35.67
N LYS D 563 -11.25 -11.11 36.17
CA LYS D 563 -11.44 -12.08 37.23
C LYS D 563 -11.71 -13.45 36.62
N MET D 564 -11.07 -14.48 37.17
CA MET D 564 -11.07 -15.80 36.59
C MET D 564 -12.04 -16.72 37.31
N TYR D 565 -12.72 -17.57 36.54
CA TYR D 565 -13.61 -18.58 37.09
C TYR D 565 -13.48 -19.86 36.26
N GLU D 566 -13.59 -21.00 36.91
CA GLU D 566 -13.48 -22.30 36.27
C GLU D 566 -14.70 -23.14 36.57
N VAL D 567 -15.27 -23.72 35.52
CA VAL D 567 -16.44 -24.59 35.62
C VAL D 567 -16.01 -25.99 35.20
N TYR D 568 -16.04 -26.92 36.14
CA TYR D 568 -15.58 -28.29 35.89
C TYR D 568 -16.72 -29.25 35.57
N ASP D 569 -17.95 -28.75 35.44
CA ASP D 569 -19.08 -29.60 35.10
C ASP D 569 -19.22 -29.69 33.59
N ALA D 570 -19.28 -30.92 33.07
CA ALA D 570 -19.39 -31.12 31.63
C ALA D 570 -20.76 -30.68 31.10
N LYS D 571 -21.82 -30.90 31.88
CA LYS D 571 -23.18 -30.58 31.47
C LYS D 571 -23.59 -29.16 31.86
N SER D 572 -22.63 -28.27 32.05
CA SER D 572 -22.90 -26.89 32.46
C SER D 572 -22.85 -25.97 31.25
N LYS D 573 -23.90 -25.16 31.08
CA LYS D 573 -23.97 -24.21 29.99
C LYS D 573 -24.20 -22.78 30.43
N SER D 574 -24.59 -22.55 31.69
CA SER D 574 -24.82 -21.20 32.18
C SER D 574 -24.41 -21.13 33.64
N VAL D 575 -23.66 -20.08 33.98
CA VAL D 575 -23.13 -19.88 35.32
C VAL D 575 -23.50 -18.48 35.81
N SER D 576 -23.99 -18.41 37.04
CA SER D 576 -24.35 -17.14 37.68
C SER D 576 -23.27 -16.80 38.69
N LEU D 577 -22.75 -15.57 38.61
CA LEU D 577 -21.67 -15.13 39.48
C LEU D 577 -22.03 -13.83 40.17
N PRO D 578 -21.54 -13.58 41.39
CA PRO D 578 -21.79 -12.30 42.04
C PRO D 578 -20.92 -11.20 41.44
N VAL D 579 -21.49 -9.99 41.39
CA VAL D 579 -20.75 -8.82 40.91
C VAL D 579 -20.95 -7.66 41.88
N PRO D 580 -19.95 -6.80 42.05
CA PRO D 580 -20.11 -5.66 42.96
C PRO D 580 -21.04 -4.58 42.42
N ASP D 581 -20.91 -4.26 41.14
CA ASP D 581 -21.74 -3.25 40.49
C ASP D 581 -22.69 -3.95 39.53
N LEU D 582 -23.98 -3.73 39.72
CA LEU D 582 -24.99 -4.40 38.91
C LEU D 582 -25.32 -3.66 37.63
N CYS D 583 -24.74 -2.48 37.41
CA CYS D 583 -25.12 -1.63 36.28
C CYS D 583 -23.92 -1.17 35.45
N ALA D 584 -22.75 -1.77 35.67
CA ALA D 584 -21.58 -1.48 34.85
C ALA D 584 -21.48 -2.48 33.72
N VAL D 585 -20.88 -2.04 32.62
CA VAL D 585 -20.68 -2.92 31.46
C VAL D 585 -19.56 -3.90 31.79
N TYR D 586 -19.84 -5.19 31.64
CA TYR D 586 -18.88 -6.24 31.93
C TYR D 586 -18.47 -6.96 30.65
N ALA D 587 -17.16 -7.08 30.45
CA ALA D 587 -16.60 -7.88 29.38
C ALA D 587 -16.34 -9.29 29.88
N VAL D 588 -16.86 -10.28 29.15
CA VAL D 588 -16.79 -11.69 29.53
C VAL D 588 -16.29 -12.48 28.34
N GLN D 589 -15.26 -13.30 28.55
CA GLN D 589 -14.74 -14.19 27.52
C GLN D 589 -14.65 -15.60 28.08
N VAL D 590 -15.03 -16.59 27.27
CA VAL D 590 -15.16 -17.98 27.69
C VAL D 590 -14.36 -18.86 26.74
N ARG D 591 -13.66 -19.85 27.30
CA ARG D 591 -12.96 -20.84 26.49
C ARG D 591 -13.16 -22.22 27.14
N CYS D 592 -12.98 -23.27 26.34
CA CYS D 592 -13.32 -24.61 26.79
C CYS D 592 -12.23 -25.60 26.38
N LYS D 593 -12.24 -26.74 27.07
CA LYS D 593 -11.40 -27.87 26.69
C LYS D 593 -11.95 -29.14 27.34
N ARG D 594 -11.29 -30.26 27.05
CA ARG D 594 -11.65 -31.54 27.66
C ARG D 594 -11.41 -31.51 29.16
N LEU D 595 -12.25 -32.26 29.89
CA LEU D 595 -12.13 -32.31 31.35
C LEU D 595 -10.88 -33.05 31.80
N ASP D 596 -10.47 -34.10 31.07
CA ASP D 596 -9.36 -34.93 31.52
C ASP D 596 -8.01 -34.26 31.38
N GLY D 597 -7.93 -33.12 30.68
CA GLY D 597 -6.71 -32.34 30.63
C GLY D 597 -5.75 -32.69 29.51
N LEU D 598 -6.09 -33.66 28.66
CA LEU D 598 -5.19 -34.07 27.58
C LEU D 598 -5.28 -33.06 26.44
N GLY D 599 -4.28 -32.18 26.38
CA GLY D 599 -4.16 -31.28 25.27
C GLY D 599 -3.61 -29.92 25.71
N TYR D 600 -4.28 -28.88 25.21
CA TYR D 600 -3.87 -27.49 25.37
C TYR D 600 -5.04 -26.72 25.96
N TRP D 601 -4.96 -25.39 25.90
CA TRP D 601 -6.14 -24.58 26.18
C TRP D 601 -6.38 -23.58 25.06
N SER D 602 -7.62 -23.52 24.58
CA SER D 602 -7.95 -22.72 23.41
C SER D 602 -7.93 -21.23 23.73
N ASN D 603 -8.09 -20.42 22.68
CA ASN D 603 -8.12 -18.97 22.83
C ASN D 603 -9.49 -18.52 23.33
N TRP D 604 -9.54 -17.27 23.79
CA TRP D 604 -10.78 -16.72 24.33
C TRP D 604 -11.78 -16.42 23.23
N SER D 605 -13.06 -16.49 23.57
CA SER D 605 -14.11 -16.14 22.63
C SER D 605 -14.27 -14.63 22.53
N ASN D 606 -15.22 -14.20 21.71
CA ASN D 606 -15.52 -12.79 21.57
C ASN D 606 -16.10 -12.25 22.88
N PRO D 607 -15.75 -11.03 23.28
CA PRO D 607 -16.27 -10.50 24.55
C PRO D 607 -17.74 -10.15 24.46
N ALA D 608 -18.50 -10.60 25.46
CA ALA D 608 -19.91 -10.28 25.58
C ALA D 608 -20.09 -9.17 26.61
N TYR D 609 -20.89 -8.17 26.25
CA TYR D 609 -21.08 -6.99 27.06
C TYR D 609 -22.51 -6.90 27.54
N THR D 610 -22.68 -6.62 28.84
CA THR D 610 -24.01 -6.51 29.42
C THR D 610 -24.66 -5.19 28.99
N VAL D 611 -25.99 -5.23 28.85
CA VAL D 611 -26.79 -4.07 28.49
C VAL D 611 -27.27 -3.40 29.76
N VAL D 612 -27.08 -2.09 29.86
CA VAL D 612 -27.47 -1.36 31.07
C VAL D 612 -28.99 -1.31 31.14
N MET D 613 -29.56 -2.12 32.03
CA MET D 613 -31.00 -2.18 32.23
C MET D 613 -31.27 -2.26 33.72
N ASP D 614 -32.49 -1.90 34.11
CA ASP D 614 -32.85 -1.95 35.52
C ASP D 614 -32.95 -3.40 35.99
N ILE D 615 -32.29 -3.69 37.12
CA ILE D 615 -32.34 -5.01 37.71
C ILE D 615 -33.24 -5.04 38.94
N LYS D 616 -33.08 -4.09 39.87
CA LYS D 616 -33.91 -4.02 41.07
C LYS D 616 -34.48 -2.61 41.19
N VAL D 617 -35.39 -2.45 42.14
CA VAL D 617 -35.93 -1.14 42.51
C VAL D 617 -34.82 -0.36 43.19
N PRO D 618 -34.85 0.98 43.19
CA PRO D 618 -33.79 1.76 43.85
C PRO D 618 -33.70 1.44 45.33
N MET D 619 -32.46 1.40 45.83
CA MET D 619 -32.23 0.99 47.21
C MET D 619 -32.63 2.06 48.20
N ARG D 620 -32.31 3.33 47.91
CA ARG D 620 -32.54 4.40 48.88
C ARG D 620 -33.00 5.66 48.14
N GLY D 621 -34.00 6.32 48.71
CA GLY D 621 -34.50 7.56 48.16
C GLY D 621 -33.56 8.73 48.41
N PRO D 622 -33.75 9.82 47.67
CA PRO D 622 -32.84 10.97 47.83
C PRO D 622 -33.09 11.73 49.12
N GLU D 623 -32.01 12.22 49.71
CA GLU D 623 -32.12 13.11 50.87
C GLU D 623 -32.55 14.49 50.40
N PHE D 624 -33.54 15.06 51.09
CA PHE D 624 -34.12 16.33 50.69
C PHE D 624 -34.16 17.28 51.90
N TRP D 625 -34.08 18.58 51.60
CA TRP D 625 -34.15 19.61 52.63
C TRP D 625 -35.15 20.67 52.16
N ARG D 626 -35.59 21.51 53.10
CA ARG D 626 -36.66 22.46 52.86
C ARG D 626 -36.12 23.89 52.89
N ILE D 627 -36.71 24.74 52.06
CA ILE D 627 -36.55 26.19 52.14
C ILE D 627 -37.92 26.79 52.37
N ILE D 628 -38.05 27.60 53.42
CA ILE D 628 -39.34 28.13 53.85
C ILE D 628 -39.41 29.59 53.42
N ASN D 629 -40.32 29.89 52.48
CA ASN D 629 -40.59 31.25 52.05
C ASN D 629 -41.96 31.66 52.59
N GLY D 630 -41.97 32.69 53.42
CA GLY D 630 -43.23 33.15 53.99
C GLY D 630 -43.02 34.08 55.16
N ASP D 631 -43.88 35.10 55.28
CA ASP D 631 -43.84 35.98 56.43
C ASP D 631 -44.27 35.23 57.69
N THR D 632 -43.71 35.63 58.83
CA THR D 632 -44.05 34.99 60.09
C THR D 632 -45.49 35.24 60.49
N MET D 633 -46.14 36.27 59.93
CA MET D 633 -47.53 36.57 60.21
C MET D 633 -48.49 35.74 59.37
N LYS D 634 -47.99 34.93 58.43
CA LYS D 634 -48.84 34.12 57.57
C LYS D 634 -48.87 32.68 58.04
N LYS D 635 -50.08 32.10 58.11
CA LYS D 635 -50.22 30.71 58.50
C LYS D 635 -49.82 29.75 57.39
N GLU D 636 -49.78 30.21 56.15
CA GLU D 636 -49.42 29.39 55.00
C GLU D 636 -48.02 29.79 54.54
N LYS D 637 -47.15 28.80 54.35
CA LYS D 637 -45.78 29.06 53.95
C LYS D 637 -45.38 28.17 52.78
N ASN D 638 -44.71 28.75 51.79
CA ASN D 638 -44.23 27.97 50.66
C ASN D 638 -42.99 27.18 51.07
N VAL D 639 -43.07 25.86 50.96
CA VAL D 639 -41.96 24.97 51.30
C VAL D 639 -41.41 24.43 49.99
N THR D 640 -40.15 24.78 49.70
CA THR D 640 -39.47 24.31 48.50
C THR D 640 -38.51 23.19 48.91
N LEU D 641 -38.83 21.97 48.52
CA LEU D 641 -37.97 20.83 48.78
C LEU D 641 -36.93 20.69 47.68
N LEU D 642 -35.67 20.60 48.10
CA LEU D 642 -34.53 20.42 47.22
C LEU D 642 -33.86 19.10 47.57
N TRP D 643 -33.61 18.27 46.55
CA TRP D 643 -32.90 17.01 46.74
C TRP D 643 -31.91 16.83 45.59
N LYS D 644 -30.84 16.11 45.87
CA LYS D 644 -29.84 15.85 44.85
C LYS D 644 -30.15 14.57 44.10
N PRO D 645 -29.73 14.49 42.82
CA PRO D 645 -29.87 13.22 42.09
C PRO D 645 -29.09 12.10 42.75
N LEU D 646 -29.67 10.91 42.74
CA LEU D 646 -29.06 9.77 43.42
C LEU D 646 -27.82 9.28 42.65
N MET D 647 -26.84 8.80 43.41
CA MET D 647 -25.64 8.23 42.81
C MET D 647 -25.92 6.82 42.32
N LYS D 648 -24.91 6.24 41.65
CA LYS D 648 -25.07 4.90 41.10
C LYS D 648 -25.21 3.83 42.18
N ASN D 649 -24.76 4.15 43.40
CA ASN D 649 -24.93 3.21 44.50
C ASN D 649 -26.37 3.17 44.98
N ASP D 650 -27.04 4.32 45.00
CA ASP D 650 -28.40 4.41 45.49
C ASP D 650 -29.44 4.29 44.38
N SER D 651 -29.20 4.94 43.23
CA SER D 651 -30.12 4.84 42.11
C SER D 651 -29.97 3.53 41.36
N LEU D 652 -28.98 2.71 41.72
CA LEU D 652 -28.58 1.52 40.98
C LEU D 652 -28.25 1.88 39.54
N CYS D 653 -29.21 1.72 38.63
CA CYS D 653 -28.99 1.98 37.21
C CYS D 653 -29.48 3.36 36.80
N SER D 654 -30.75 3.67 37.01
CA SER D 654 -31.30 4.96 36.66
C SER D 654 -32.57 5.21 37.47
N VAL D 655 -32.95 6.49 37.54
CA VAL D 655 -34.19 6.90 38.17
C VAL D 655 -35.05 7.57 37.09
N GLN D 656 -36.20 6.97 36.81
CA GLN D 656 -37.09 7.53 35.79
C GLN D 656 -37.78 8.78 36.28
N ARG D 657 -38.21 8.81 37.55
CA ARG D 657 -38.93 9.96 38.07
C ARG D 657 -38.86 9.97 39.59
N TYR D 658 -39.25 11.10 40.16
CA TYR D 658 -39.42 11.25 41.60
C TYR D 658 -40.86 11.64 41.88
N VAL D 659 -41.43 11.03 42.92
CA VAL D 659 -42.81 11.28 43.33
C VAL D 659 -42.81 11.63 44.82
N ILE D 660 -43.49 12.70 45.17
CA ILE D 660 -43.56 13.18 46.55
C ILE D 660 -44.89 12.73 47.15
N ASN D 661 -44.83 11.91 48.19
CA ASN D 661 -46.01 11.47 48.92
C ASN D 661 -46.20 12.34 50.15
N HIS D 662 -47.42 12.85 50.32
CA HIS D 662 -47.76 13.70 51.45
C HIS D 662 -48.61 12.94 52.45
N HIS D 663 -48.48 13.30 53.72
CA HIS D 663 -49.26 12.70 54.80
C HIS D 663 -49.76 13.81 55.70
N THR D 664 -51.09 13.92 55.83
CA THR D 664 -51.71 14.95 56.63
C THR D 664 -52.80 14.33 57.49
N SER D 665 -53.05 14.98 58.64
CA SER D 665 -54.10 14.50 59.53
C SER D 665 -55.49 14.78 58.97
N CYS D 666 -55.61 15.77 58.07
CA CYS D 666 -56.90 16.15 57.51
C CYS D 666 -57.13 15.57 56.12
N ASN D 667 -56.23 15.81 55.18
CA ASN D 667 -56.39 15.36 53.81
C ASN D 667 -55.92 13.93 53.59
N GLY D 668 -55.41 13.26 54.63
CA GLY D 668 -54.94 11.90 54.46
C GLY D 668 -53.63 11.84 53.71
N THR D 669 -53.49 10.82 52.87
CA THR D 669 -52.27 10.57 52.11
C THR D 669 -52.55 10.73 50.62
N TRP D 670 -51.73 11.53 49.95
CA TRP D 670 -51.79 11.67 48.51
C TRP D 670 -50.36 11.83 47.97
N SER D 671 -50.19 11.45 46.72
CA SER D 671 -48.87 11.48 46.07
C SER D 671 -48.92 12.39 44.86
N GLU D 672 -47.88 13.20 44.68
CA GLU D 672 -47.76 14.11 43.56
C GLU D 672 -46.48 13.76 42.80
N ASP D 673 -46.59 13.63 41.49
CA ASP D 673 -45.46 13.26 40.64
C ASP D 673 -44.66 14.50 40.28
N VAL D 674 -43.37 14.48 40.57
CA VAL D 674 -42.47 15.58 40.23
C VAL D 674 -41.69 15.30 38.95
N GLY D 675 -41.41 14.04 38.65
CA GLY D 675 -40.72 13.73 37.41
C GLY D 675 -39.21 13.82 37.58
N ASN D 676 -38.53 14.32 36.55
CA ASN D 676 -37.07 14.40 36.55
C ASN D 676 -36.56 15.65 37.27
N HIS D 677 -37.46 16.49 37.76
CA HIS D 677 -37.06 17.69 38.49
C HIS D 677 -36.53 17.33 39.87
N THR D 678 -35.51 18.08 40.31
CA THR D 678 -34.88 17.87 41.60
C THR D 678 -35.42 18.82 42.66
N LYS D 679 -36.42 19.64 42.33
CA LYS D 679 -36.97 20.60 43.27
C LYS D 679 -38.48 20.62 43.13
N PHE D 680 -39.17 20.91 44.23
CA PHE D 680 -40.63 21.02 44.18
C PHE D 680 -41.13 21.93 45.31
N THR D 681 -41.97 22.88 44.95
CA THR D 681 -42.52 23.84 45.91
C THR D 681 -43.98 23.53 46.15
N PHE D 682 -44.36 23.38 47.42
CA PHE D 682 -45.75 23.20 47.80
C PHE D 682 -46.10 24.18 48.92
N LEU D 683 -47.34 24.09 49.40
CA LEU D 683 -47.83 25.00 50.42
C LEU D 683 -48.07 24.24 51.73
N TRP D 684 -47.52 24.76 52.82
CA TRP D 684 -47.72 24.21 54.15
C TRP D 684 -48.75 25.07 54.88
N THR D 685 -49.86 24.45 55.27
CA THR D 685 -50.95 25.10 55.98
C THR D 685 -51.33 24.40 57.28
N GLU D 686 -51.31 23.07 57.29
CA GLU D 686 -51.79 22.32 58.45
C GLU D 686 -50.74 22.32 59.57
N GLN D 687 -51.16 21.84 60.73
CA GLN D 687 -50.27 21.78 61.89
C GLN D 687 -49.13 20.78 61.67
N ALA D 688 -49.45 19.60 61.14
CA ALA D 688 -48.46 18.56 60.94
C ALA D 688 -48.54 18.06 59.51
N HIS D 689 -47.39 17.98 58.83
CA HIS D 689 -47.33 17.55 57.44
C HIS D 689 -46.08 16.71 57.23
N THR D 690 -46.25 15.45 56.85
CA THR D 690 -45.12 14.56 56.59
C THR D 690 -44.90 14.46 55.09
N VAL D 691 -43.64 14.59 54.67
CA VAL D 691 -43.27 14.55 53.26
C VAL D 691 -42.27 13.42 53.04
N THR D 692 -42.54 12.59 52.03
CA THR D 692 -41.64 11.50 51.67
C THR D 692 -41.36 11.61 50.17
N VAL D 693 -40.14 11.29 49.76
CA VAL D 693 -39.75 11.35 48.36
C VAL D 693 -39.36 9.95 47.91
N LEU D 694 -39.97 9.49 46.81
CA LEU D 694 -39.72 8.17 46.26
C LEU D 694 -39.12 8.29 44.87
N ALA D 695 -38.09 7.50 44.61
CA ALA D 695 -37.47 7.42 43.29
C ALA D 695 -37.98 6.18 42.58
N ILE D 696 -38.58 6.38 41.41
CA ILE D 696 -39.23 5.31 40.66
C ILE D 696 -38.51 5.13 39.34
N ASN D 697 -38.20 3.88 39.03
CA ASN D 697 -37.61 3.47 37.76
C ASN D 697 -38.60 2.55 37.05
N SER D 698 -38.13 1.88 36.00
CA SER D 698 -39.01 1.00 35.20
C SER D 698 -39.57 -0.16 35.99
N ILE D 699 -39.02 -0.47 37.16
CA ILE D 699 -39.50 -1.59 37.97
C ILE D 699 -40.45 -1.13 39.07
N GLY D 700 -40.09 -0.08 39.81
CA GLY D 700 -40.93 0.40 40.88
C GLY D 700 -40.25 1.48 41.69
N ALA D 701 -40.85 1.78 42.84
CA ALA D 701 -40.38 2.84 43.71
C ALA D 701 -39.24 2.36 44.59
N SER D 702 -38.56 3.32 45.21
CA SER D 702 -37.42 3.00 46.07
C SER D 702 -37.90 2.36 47.37
N VAL D 703 -37.03 1.53 47.97
CA VAL D 703 -37.39 0.82 49.18
C VAL D 703 -37.29 1.73 50.40
N ALA D 704 -36.07 2.19 50.70
CA ALA D 704 -35.81 3.01 51.87
C ALA D 704 -35.97 4.49 51.48
N ASN D 705 -36.98 5.14 52.05
CA ASN D 705 -37.33 6.51 51.70
C ASN D 705 -37.31 7.38 52.95
N PHE D 706 -36.65 8.52 52.84
CA PHE D 706 -36.57 9.46 53.96
C PHE D 706 -37.87 10.24 54.10
N ASN D 707 -38.30 10.43 55.33
CA ASN D 707 -39.49 11.20 55.64
C ASN D 707 -39.12 12.39 56.53
N LEU D 708 -39.78 13.51 56.27
CA LEU D 708 -39.52 14.73 57.04
C LEU D 708 -40.85 15.33 57.47
N THR D 709 -40.98 15.62 58.77
CA THR D 709 -42.21 16.11 59.35
C THR D 709 -42.08 17.60 59.65
N PHE D 710 -43.04 18.38 59.18
CA PHE D 710 -43.13 19.81 59.47
C PHE D 710 -44.24 19.99 60.49
N SER D 711 -43.90 20.55 61.65
CA SER D 711 -44.86 20.76 62.73
C SER D 711 -44.60 22.11 63.38
N TRP D 712 -45.66 22.93 63.47
CA TRP D 712 -45.58 24.24 64.11
C TRP D 712 -45.24 24.15 65.62
N PRO D 713 -45.90 23.29 66.42
CA PRO D 713 -45.46 23.18 67.82
C PRO D 713 -44.04 22.65 67.98
N MET D 714 -43.59 21.79 67.07
CA MET D 714 -42.26 21.22 67.18
C MET D 714 -41.19 22.22 66.78
N SER D 715 -41.55 23.26 66.04
CA SER D 715 -40.59 24.29 65.64
C SER D 715 -40.13 25.14 66.81
N LYS D 716 -40.86 25.13 67.93
CA LYS D 716 -40.47 25.89 69.11
C LYS D 716 -39.56 25.11 70.06
N VAL D 717 -39.35 23.83 69.80
CA VAL D 717 -38.52 23.02 70.69
C VAL D 717 -37.05 23.20 70.33
N ASN D 718 -36.27 23.71 71.28
CA ASN D 718 -34.84 23.93 71.10
C ASN D 718 -34.09 23.07 72.10
N ILE D 719 -33.21 22.20 71.60
CA ILE D 719 -32.41 21.33 72.45
C ILE D 719 -30.93 21.61 72.37
N VAL D 720 -30.48 22.39 71.38
CA VAL D 720 -29.07 22.70 71.21
C VAL D 720 -28.75 23.84 72.18
N GLN D 721 -28.05 23.52 73.27
CA GLN D 721 -27.72 24.53 74.26
C GLN D 721 -26.73 25.55 73.70
N SER D 722 -25.70 25.07 73.00
CA SER D 722 -24.70 25.96 72.40
C SER D 722 -24.18 25.38 71.10
N LEU D 723 -23.74 26.27 70.21
CA LEU D 723 -23.17 25.89 68.93
C LEU D 723 -21.97 26.78 68.65
N SER D 724 -20.89 26.19 68.14
CA SER D 724 -19.66 26.94 67.85
C SER D 724 -19.02 26.40 66.58
N ALA D 725 -18.27 27.28 65.90
CA ALA D 725 -17.57 26.95 64.68
C ALA D 725 -16.14 27.45 64.77
N TYR D 726 -15.19 26.64 64.31
CA TYR D 726 -13.77 26.98 64.35
C TYR D 726 -13.18 26.71 62.97
N PRO D 727 -12.63 27.73 62.29
CA PRO D 727 -12.03 27.50 60.97
C PRO D 727 -10.65 26.90 61.09
N LEU D 728 -10.53 25.62 60.70
CA LEU D 728 -9.21 24.99 60.63
C LEU D 728 -8.36 25.59 59.52
N ASN D 729 -8.95 25.75 58.34
CA ASN D 729 -8.27 26.32 57.18
C ASN D 729 -9.35 26.76 56.18
N SER D 730 -8.93 27.01 54.95
CA SER D 730 -9.87 27.35 53.89
C SER D 730 -10.65 26.15 53.38
N SER D 731 -10.31 24.93 53.79
CA SER D 731 -10.94 23.73 53.28
C SER D 731 -11.64 22.89 54.33
N CYS D 732 -11.62 23.29 55.60
CA CYS D 732 -12.27 22.50 56.65
C CYS D 732 -12.64 23.41 57.82
N VAL D 733 -13.82 23.18 58.39
CA VAL D 733 -14.30 23.91 59.55
C VAL D 733 -14.89 22.92 60.54
N ILE D 734 -14.49 23.03 61.81
CA ILE D 734 -15.04 22.20 62.87
C ILE D 734 -16.30 22.86 63.42
N VAL D 735 -17.40 22.12 63.41
CA VAL D 735 -18.66 22.57 64.01
C VAL D 735 -18.96 21.70 65.21
N SER D 736 -19.11 22.32 66.37
CA SER D 736 -19.36 21.60 67.61
C SER D 736 -20.62 22.14 68.27
N TRP D 737 -21.30 21.28 69.02
CA TRP D 737 -22.54 21.68 69.69
C TRP D 737 -22.67 20.93 71.00
N ILE D 738 -23.26 21.62 71.97
CA ILE D 738 -23.61 21.05 73.27
C ILE D 738 -25.13 21.08 73.40
N LEU D 739 -25.71 19.95 73.77
CA LEU D 739 -27.15 19.75 73.73
C LEU D 739 -27.74 19.68 75.13
N SER D 740 -28.92 20.27 75.29
CA SER D 740 -29.71 20.13 76.51
C SER D 740 -30.50 18.82 76.47
N PRO D 741 -30.80 18.25 77.64
CA PRO D 741 -31.65 17.04 77.65
C PRO D 741 -33.04 17.32 77.13
N SER D 742 -33.60 16.32 76.44
CA SER D 742 -34.90 16.48 75.80
C SER D 742 -35.72 15.21 76.00
N ASP D 743 -37.02 15.39 76.20
CA ASP D 743 -37.93 14.25 76.31
C ASP D 743 -38.26 13.65 74.95
N TYR D 744 -38.06 14.38 73.86
CA TYR D 744 -38.37 13.90 72.53
C TYR D 744 -37.22 13.09 71.97
N LYS D 745 -37.55 12.11 71.13
CA LYS D 745 -36.55 11.22 70.55
C LYS D 745 -35.86 11.93 69.39
N LEU D 746 -34.60 12.29 69.58
CA LEU D 746 -33.81 12.95 68.54
C LEU D 746 -33.31 11.92 67.54
N MET D 747 -33.68 12.10 66.27
CA MET D 747 -33.31 11.14 65.24
C MET D 747 -31.93 11.44 64.64
N TYR D 748 -31.74 12.65 64.13
CA TYR D 748 -30.49 13.03 63.47
C TYR D 748 -30.41 14.55 63.43
N PHE D 749 -29.24 15.05 63.01
CA PHE D 749 -29.01 16.47 62.84
C PHE D 749 -28.94 16.81 61.36
N ILE D 750 -29.31 18.05 61.03
CA ILE D 750 -29.12 18.60 59.70
C ILE D 750 -28.45 19.96 59.86
N ILE D 751 -27.22 20.07 59.38
CA ILE D 751 -26.47 21.31 59.46
C ILE D 751 -26.68 22.09 58.16
N GLU D 752 -27.14 23.33 58.30
CA GLU D 752 -27.35 24.22 57.17
C GLU D 752 -26.36 25.37 57.24
N TRP D 753 -25.59 25.56 56.18
CA TRP D 753 -24.64 26.65 56.10
C TRP D 753 -24.73 27.32 54.74
N LYS D 754 -24.48 28.63 54.73
CA LYS D 754 -24.51 29.43 53.53
C LYS D 754 -23.66 30.67 53.74
N ASN D 755 -23.27 31.31 52.63
CA ASN D 755 -22.49 32.53 52.72
C ASN D 755 -23.41 33.73 52.91
N LEU D 756 -23.04 34.60 53.86
CA LEU D 756 -23.78 35.83 54.11
C LEU D 756 -23.29 37.01 53.29
N ASN D 757 -22.13 36.89 52.64
CA ASN D 757 -21.62 37.94 51.78
C ASN D 757 -22.03 37.76 50.33
N GLU D 758 -22.34 36.54 49.93
CA GLU D 758 -22.75 36.23 48.57
C GLU D 758 -24.13 35.57 48.58
N ASP D 759 -24.77 35.57 47.42
CA ASP D 759 -26.07 34.92 47.28
C ASP D 759 -25.88 33.48 46.81
N GLY D 760 -25.05 32.73 47.52
CA GLY D 760 -24.81 31.35 47.14
C GLY D 760 -25.95 30.43 47.54
N GLU D 761 -25.89 29.20 47.03
CA GLU D 761 -26.92 28.21 47.33
C GLU D 761 -26.83 27.78 48.79
N ILE D 762 -27.99 27.58 49.41
CA ILE D 762 -28.06 27.15 50.80
C ILE D 762 -27.62 25.69 50.87
N LYS D 763 -26.49 25.43 51.51
CA LYS D 763 -25.95 24.07 51.59
C LYS D 763 -26.39 23.41 52.89
N TRP D 764 -26.59 22.09 52.83
CA TRP D 764 -27.07 21.35 53.98
C TRP D 764 -26.44 19.96 53.99
N LEU D 765 -26.39 19.36 55.18
CA LEU D 765 -25.81 18.03 55.32
C LEU D 765 -26.47 17.31 56.49
N ARG D 766 -26.80 16.04 56.26
CA ARG D 766 -27.46 15.22 57.27
C ARG D 766 -26.43 14.36 58.01
N ILE D 767 -26.39 14.50 59.33
CA ILE D 767 -25.45 13.77 60.18
C ILE D 767 -26.24 13.03 61.25
N SER D 768 -25.63 12.00 61.83
CA SER D 768 -26.29 11.23 62.87
C SER D 768 -26.44 12.05 64.15
N SER D 769 -27.44 11.69 64.96
CA SER D 769 -27.68 12.40 66.21
C SER D 769 -26.60 12.12 67.25
N SER D 770 -25.94 10.96 67.18
CA SER D 770 -24.87 10.64 68.12
C SER D 770 -23.62 11.48 67.91
N VAL D 771 -23.50 12.15 66.77
CA VAL D 771 -22.35 12.99 66.47
C VAL D 771 -22.47 14.30 67.24
N LYS D 772 -21.37 14.71 67.87
CA LYS D 772 -21.33 15.99 68.58
C LYS D 772 -20.41 17.03 67.94
N LYS D 773 -19.43 16.60 67.16
CA LYS D 773 -18.58 17.53 66.43
C LYS D 773 -18.36 16.98 65.03
N TYR D 774 -18.34 17.87 64.03
CA TYR D 774 -18.22 17.46 62.64
C TYR D 774 -17.20 18.33 61.94
N TYR D 775 -16.57 17.77 60.90
CA TYR D 775 -15.60 18.47 60.08
C TYR D 775 -16.21 18.72 58.71
N ILE D 776 -16.71 19.94 58.48
CA ILE D 776 -17.31 20.30 57.20
C ILE D 776 -16.19 20.68 56.25
N HIS D 777 -16.11 19.99 55.12
CA HIS D 777 -15.08 20.21 54.11
C HIS D 777 -15.68 21.00 52.95
N ASP D 778 -15.35 22.28 52.89
CA ASP D 778 -15.86 23.16 51.84
C ASP D 778 -14.93 24.36 51.75
N HIS D 779 -15.09 25.14 50.69
CA HIS D 779 -14.30 26.36 50.51
C HIS D 779 -14.83 27.44 51.45
N PHE D 780 -14.12 27.69 52.53
CA PHE D 780 -14.51 28.68 53.53
C PHE D 780 -13.52 29.84 53.52
N ILE D 781 -14.04 31.06 53.49
CA ILE D 781 -13.22 32.26 53.59
C ILE D 781 -13.35 32.79 55.01
N PRO D 782 -12.26 32.82 55.80
CA PRO D 782 -12.36 33.34 57.17
C PRO D 782 -12.80 34.79 57.26
N ILE D 783 -12.51 35.60 56.24
CA ILE D 783 -12.94 36.99 56.24
C ILE D 783 -14.46 37.11 56.08
N GLU D 784 -15.05 36.37 55.15
CA GLU D 784 -16.49 36.40 54.93
C GLU D 784 -17.23 35.76 56.08
N LYS D 785 -18.46 36.21 56.30
CA LYS D 785 -19.31 35.69 57.37
C LYS D 785 -20.16 34.54 56.83
N TYR D 786 -20.15 33.42 57.54
CA TYR D 786 -20.97 32.26 57.19
C TYR D 786 -21.99 32.00 58.29
N GLN D 787 -23.24 31.80 57.88
CA GLN D 787 -24.31 31.50 58.82
C GLN D 787 -24.47 29.99 58.95
N PHE D 788 -24.16 29.48 60.14
CA PHE D 788 -24.27 28.05 60.44
C PHE D 788 -25.53 27.82 61.26
N SER D 789 -26.43 26.99 60.74
CA SER D 789 -27.69 26.67 61.41
C SER D 789 -27.76 25.17 61.63
N LEU D 790 -28.03 24.78 62.87
CA LEU D 790 -28.16 23.37 63.25
C LEU D 790 -29.64 23.08 63.50
N TYR D 791 -30.19 22.11 62.78
CA TYR D 791 -31.60 21.77 62.88
C TYR D 791 -31.76 20.44 63.59
N PRO D 792 -32.21 20.42 64.85
CA PRO D 792 -32.50 19.13 65.50
C PRO D 792 -33.76 18.51 64.92
N ILE D 793 -33.65 17.26 64.48
CA ILE D 793 -34.74 16.56 63.81
C ILE D 793 -35.26 15.49 64.76
N PHE D 794 -36.58 15.41 64.89
CA PHE D 794 -37.24 14.48 65.78
C PHE D 794 -38.30 13.70 65.02
N MET D 795 -38.90 12.72 65.72
CA MET D 795 -40.05 12.01 65.16
C MET D 795 -41.23 12.95 64.98
N GLU D 796 -41.44 13.86 65.93
CA GLU D 796 -42.56 14.79 65.89
C GLU D 796 -42.37 15.91 64.87
N GLY D 797 -41.14 16.18 64.45
CA GLY D 797 -40.88 17.22 63.49
C GLY D 797 -39.52 17.85 63.72
N VAL D 798 -39.28 18.96 63.03
CA VAL D 798 -38.00 19.66 63.10
C VAL D 798 -38.03 20.61 64.29
N GLY D 799 -37.00 20.54 65.13
CA GLY D 799 -36.90 21.41 66.29
C GLY D 799 -36.40 22.79 65.92
N LYS D 800 -36.28 23.63 66.94
CA LYS D 800 -35.82 25.00 66.74
C LYS D 800 -34.33 24.98 66.42
N PRO D 801 -33.90 25.55 65.29
CA PRO D 801 -32.48 25.52 64.95
C PRO D 801 -31.67 26.48 65.80
N LYS D 802 -30.40 26.12 65.99
CA LYS D 802 -29.43 27.00 66.63
C LYS D 802 -28.59 27.67 65.54
N ILE D 803 -28.59 29.00 65.53
CA ILE D 803 -28.02 29.76 64.43
C ILE D 803 -26.89 30.64 64.96
N ILE D 804 -25.74 30.56 64.30
CA ILE D 804 -24.62 31.45 64.55
C ILE D 804 -24.24 32.09 63.22
N ASN D 805 -23.67 33.30 63.27
CA ASN D 805 -23.36 34.06 62.07
C ASN D 805 -21.87 34.34 61.91
N SER D 806 -21.04 33.86 62.83
CA SER D 806 -19.60 34.09 62.74
C SER D 806 -18.88 33.02 63.54
N PHE D 807 -17.61 32.82 63.20
CA PHE D 807 -16.77 31.87 63.92
C PHE D 807 -16.45 32.41 65.31
N THR D 808 -16.41 31.50 66.28
CA THR D 808 -16.12 31.89 67.67
C THR D 808 -14.65 32.23 67.81
N GLN D 809 -14.36 33.45 68.27
CA GLN D 809 -13.00 33.93 68.41
C GLN D 809 -12.46 33.79 69.83
N ASP D 810 -13.23 33.22 70.75
CA ASP D 810 -12.78 33.05 72.13
C ASP D 810 -11.75 31.93 72.23
N VAL E 26 45.72 28.57 -33.58
CA VAL E 26 45.99 27.38 -32.78
C VAL E 26 46.90 27.73 -31.61
N PRO E 27 46.37 27.64 -30.39
CA PRO E 27 47.21 27.88 -29.20
C PRO E 27 48.22 26.76 -29.01
N ILE E 28 49.50 27.14 -28.99
CA ILE E 28 50.57 26.16 -28.83
C ILE E 28 50.53 25.55 -27.43
N GLN E 29 50.34 26.39 -26.40
CA GLN E 29 50.38 25.92 -25.02
C GLN E 29 49.26 24.91 -24.76
N LYS E 30 48.06 25.19 -25.28
CA LYS E 30 46.94 24.31 -25.03
C LYS E 30 47.21 22.95 -25.67
N VAL E 31 47.76 22.96 -26.89
CA VAL E 31 48.03 21.71 -27.59
C VAL E 31 49.06 20.91 -26.79
N GLN E 32 50.09 21.60 -26.26
CA GLN E 32 51.12 20.90 -25.49
C GLN E 32 50.52 20.27 -24.24
N ASP E 33 49.64 21.01 -23.55
CA ASP E 33 49.07 20.47 -22.32
C ASP E 33 48.16 19.29 -22.64
N ASP E 34 47.41 19.39 -23.74
CA ASP E 34 46.53 18.30 -24.13
C ASP E 34 47.36 17.07 -24.48
N THR E 35 48.52 17.30 -25.11
CA THR E 35 49.41 16.22 -25.48
C THR E 35 49.89 15.51 -24.24
N LYS E 36 50.23 16.30 -23.20
CA LYS E 36 50.69 15.73 -21.95
C LYS E 36 49.59 14.87 -21.35
N THR E 37 48.36 15.41 -21.32
CA THR E 37 47.25 14.69 -20.69
C THR E 37 46.98 13.41 -21.45
N LEU E 38 47.06 13.46 -22.79
CA LEU E 38 46.80 12.28 -23.60
C LEU E 38 47.84 11.21 -23.31
N ILE E 39 49.10 11.63 -23.14
CA ILE E 39 50.16 10.67 -22.86
C ILE E 39 49.88 9.98 -21.53
N LYS E 40 49.56 10.77 -20.49
CA LYS E 40 49.29 10.15 -19.19
C LYS E 40 48.10 9.21 -19.31
N THR E 41 47.11 9.58 -20.12
CA THR E 41 45.91 8.77 -20.27
C THR E 41 46.27 7.42 -20.84
N ILE E 42 47.11 7.41 -21.88
CA ILE E 42 47.49 6.13 -22.51
C ILE E 42 48.31 5.31 -21.52
N VAL E 43 49.18 5.97 -20.75
CA VAL E 43 49.99 5.26 -19.76
C VAL E 43 49.09 4.57 -18.76
N THR E 44 48.06 5.29 -18.29
CA THR E 44 47.14 4.72 -17.32
C THR E 44 46.38 3.55 -17.95
N ARG E 45 46.04 3.67 -19.23
CA ARG E 45 45.33 2.58 -19.89
C ARG E 45 46.18 1.33 -19.82
N ILE E 46 47.48 1.48 -20.15
CA ILE E 46 48.37 0.33 -20.12
C ILE E 46 48.49 -0.18 -18.68
N ASN E 47 48.42 0.75 -17.71
CA ASN E 47 48.52 0.38 -16.30
C ASN E 47 47.36 -0.53 -15.90
N ASP E 48 46.19 -0.32 -16.51
CA ASP E 48 45.02 -1.12 -16.18
C ASP E 48 45.23 -2.57 -16.60
N ILE E 49 46.04 -2.80 -17.62
CA ILE E 49 46.30 -4.13 -18.18
C ILE E 49 47.28 -4.82 -17.22
N SER E 50 46.74 -5.70 -16.38
CA SER E 50 47.50 -6.27 -15.27
C SER E 50 48.74 -7.05 -15.71
N HIS E 51 48.64 -7.84 -16.80
CA HIS E 51 49.78 -8.65 -17.21
C HIS E 51 50.96 -7.79 -17.66
N THR E 52 50.69 -6.61 -18.22
CA THR E 52 51.77 -5.76 -18.72
C THR E 52 52.59 -5.17 -17.57
N GLN E 53 51.93 -4.85 -16.45
CA GLN E 53 52.59 -4.17 -15.34
C GLN E 53 53.74 -5.00 -14.76
N SER E 54 53.55 -6.31 -14.66
CA SER E 54 54.57 -7.17 -14.05
C SER E 54 55.79 -7.40 -14.93
N VAL E 55 55.77 -6.94 -16.18
CA VAL E 55 56.83 -7.27 -17.13
C VAL E 55 57.79 -6.09 -17.22
N SER E 56 59.09 -6.38 -17.21
CA SER E 56 60.10 -5.34 -17.28
C SER E 56 60.12 -4.69 -18.66
N SER E 57 60.00 -3.37 -18.68
CA SER E 57 60.00 -2.63 -19.94
C SER E 57 61.36 -2.68 -20.62
N LYS E 58 62.42 -2.40 -19.87
CA LYS E 58 63.77 -2.35 -20.44
C LYS E 58 64.29 -3.71 -20.88
N GLN E 59 63.83 -4.79 -20.24
CA GLN E 59 64.41 -6.11 -20.49
C GLN E 59 64.24 -6.53 -21.94
N LYS E 60 65.30 -7.11 -22.51
CA LYS E 60 65.30 -7.53 -23.90
C LYS E 60 64.78 -8.96 -24.04
N VAL E 61 63.92 -9.18 -25.02
CA VAL E 61 63.41 -10.49 -25.40
C VAL E 61 63.70 -10.68 -26.87
N THR E 62 64.28 -11.83 -27.23
CA THR E 62 64.68 -12.03 -28.62
C THR E 62 63.46 -12.30 -29.50
N GLY E 63 63.48 -11.68 -30.69
CA GLY E 63 62.46 -11.82 -31.70
C GLY E 63 61.60 -10.58 -31.82
N LEU E 64 61.37 -9.90 -30.70
CA LEU E 64 60.60 -8.68 -30.60
C LEU E 64 61.41 -7.44 -30.99
N ASP E 65 62.68 -7.65 -31.38
CA ASP E 65 63.62 -6.55 -31.63
C ASP E 65 63.09 -5.53 -32.63
N PHE E 66 62.22 -5.94 -33.54
CA PHE E 66 61.65 -5.05 -34.54
C PHE E 66 60.81 -3.96 -33.89
N ILE E 67 60.23 -4.24 -32.73
CA ILE E 67 59.40 -3.27 -32.01
C ILE E 67 60.28 -2.13 -31.50
N PRO E 68 59.95 -0.87 -31.81
CA PRO E 68 60.78 0.27 -31.39
C PRO E 68 60.78 0.53 -29.89
N GLY E 69 61.62 -0.19 -29.16
CA GLY E 69 61.71 -0.07 -27.72
C GLY E 69 62.71 1.01 -27.34
N LEU E 70 63.02 1.06 -26.04
CA LEU E 70 63.82 2.17 -25.51
C LEU E 70 65.18 2.15 -26.18
N HIS E 71 65.38 3.14 -27.05
CA HIS E 71 66.55 3.52 -27.80
C HIS E 71 66.30 5.01 -27.95
N PRO E 72 67.32 5.87 -27.67
CA PRO E 72 67.09 7.33 -27.59
C PRO E 72 66.30 7.89 -28.77
N ILE E 73 65.14 8.46 -28.44
CA ILE E 73 64.24 9.11 -29.39
C ILE E 73 64.45 10.62 -29.22
N LEU E 74 65.46 11.16 -29.91
CA LEU E 74 65.84 12.56 -29.76
C LEU E 74 64.94 13.56 -30.49
N THR E 75 64.31 13.20 -31.60
CA THR E 75 63.66 14.21 -32.43
C THR E 75 62.22 13.86 -32.78
N LEU E 76 61.51 14.89 -33.25
CA LEU E 76 60.10 14.80 -33.60
C LEU E 76 59.85 13.81 -34.74
N SER E 77 60.72 13.79 -35.75
CA SER E 77 60.52 12.85 -36.85
C SER E 77 60.69 11.42 -36.34
N LYS E 78 61.62 11.22 -35.40
CA LYS E 78 61.82 9.89 -34.84
C LYS E 78 60.57 9.50 -34.05
N MET E 79 60.01 10.46 -33.32
CA MET E 79 58.82 10.17 -32.51
C MET E 79 57.68 9.78 -33.42
N ASP E 80 57.53 10.51 -34.55
CA ASP E 80 56.44 10.25 -35.47
C ASP E 80 56.56 8.86 -36.07
N GLN E 81 57.77 8.48 -36.50
CA GLN E 81 57.91 7.16 -37.12
C GLN E 81 57.70 6.07 -36.08
N THR E 82 58.14 6.32 -34.84
CA THR E 82 57.97 5.34 -33.77
C THR E 82 56.48 5.12 -33.52
N LEU E 83 55.72 6.20 -33.40
CA LEU E 83 54.29 6.09 -33.15
C LEU E 83 53.61 5.41 -34.32
N ALA E 84 54.08 5.68 -35.54
CA ALA E 84 53.48 5.07 -36.72
C ALA E 84 53.64 3.57 -36.67
N VAL E 85 54.85 3.12 -36.30
CA VAL E 85 55.11 1.69 -36.21
C VAL E 85 54.22 1.07 -35.14
N TYR E 86 54.13 1.75 -33.98
CA TYR E 86 53.31 1.20 -32.91
C TYR E 86 51.85 1.08 -33.35
N GLN E 87 51.34 2.09 -34.07
CA GLN E 87 49.96 2.01 -34.53
C GLN E 87 49.79 0.81 -35.46
N GLN E 88 50.76 0.62 -36.35
CA GLN E 88 50.68 -0.47 -37.32
C GLN E 88 50.69 -1.81 -36.60
N ILE E 89 51.51 -1.96 -35.56
CA ILE E 89 51.58 -3.22 -34.83
C ILE E 89 50.28 -3.44 -34.06
N LEU E 90 49.78 -2.41 -33.37
CA LEU E 90 48.59 -2.53 -32.54
C LEU E 90 47.36 -2.87 -33.39
N THR E 91 47.29 -2.34 -34.60
CA THR E 91 46.15 -2.58 -35.48
C THR E 91 45.94 -4.08 -35.75
N SER E 92 47.03 -4.83 -35.87
CA SER E 92 46.94 -6.24 -36.23
C SER E 92 46.45 -7.13 -35.08
N MET E 93 46.52 -6.69 -33.83
CA MET E 93 46.21 -7.56 -32.69
C MET E 93 44.76 -7.38 -32.26
N PRO E 94 43.94 -8.45 -32.27
CA PRO E 94 42.54 -8.33 -31.85
C PRO E 94 42.34 -8.15 -30.35
N SER E 95 42.16 -6.90 -29.93
CA SER E 95 41.88 -6.57 -28.53
C SER E 95 41.11 -5.26 -28.51
N ARG E 96 40.06 -5.19 -27.67
CA ARG E 96 39.27 -3.97 -27.62
C ARG E 96 40.09 -2.80 -27.04
N ASN E 97 40.90 -3.07 -26.02
CA ASN E 97 41.66 -1.98 -25.41
C ASN E 97 42.65 -1.41 -26.41
N VAL E 98 43.30 -2.30 -27.16
CA VAL E 98 44.33 -1.92 -28.12
C VAL E 98 43.78 -1.02 -29.22
N ILE E 99 42.53 -1.21 -29.67
CA ILE E 99 42.02 -0.37 -30.75
C ILE E 99 41.94 1.07 -30.25
N GLN E 100 41.46 1.26 -29.00
CA GLN E 100 41.34 2.59 -28.45
C GLN E 100 42.72 3.20 -28.30
N ILE E 101 43.69 2.38 -27.88
CA ILE E 101 45.06 2.89 -27.72
C ILE E 101 45.59 3.36 -29.06
N SER E 102 45.27 2.60 -30.12
CA SER E 102 45.70 2.97 -31.47
C SER E 102 45.09 4.30 -31.88
N ASN E 103 43.82 4.52 -31.51
CA ASN E 103 43.16 5.77 -31.85
C ASN E 103 43.84 6.92 -31.11
N ASP E 104 44.17 6.68 -29.84
CA ASP E 104 44.80 7.73 -29.05
C ASP E 104 46.16 8.05 -29.65
N LEU E 105 46.86 7.02 -30.14
CA LEU E 105 48.16 7.23 -30.76
C LEU E 105 48.01 8.07 -32.02
N GLU E 106 46.92 7.85 -32.76
CA GLU E 106 46.67 8.63 -33.96
C GLU E 106 46.50 10.09 -33.60
N ASN E 107 45.73 10.34 -32.54
CA ASN E 107 45.49 11.70 -32.09
C ASN E 107 46.80 12.31 -31.62
N LEU E 108 47.65 11.50 -31.00
CA LEU E 108 48.94 11.98 -30.51
C LEU E 108 49.80 12.41 -31.68
N ARG E 109 49.79 11.61 -32.75
CA ARG E 109 50.58 11.95 -33.94
C ARG E 109 50.08 13.26 -34.53
N ASP E 110 48.74 13.42 -34.59
CA ASP E 110 48.19 14.64 -35.16
C ASP E 110 48.61 15.84 -34.33
N LEU E 111 48.66 15.66 -33.00
CA LEU E 111 49.09 16.74 -32.12
C LEU E 111 50.55 17.07 -32.39
N LEU E 112 51.37 16.04 -32.60
CA LEU E 112 52.78 16.30 -32.88
C LEU E 112 52.93 17.01 -34.21
N HIS E 113 52.10 16.66 -35.20
CA HIS E 113 52.16 17.31 -36.50
C HIS E 113 51.76 18.77 -36.42
N VAL E 114 50.71 19.09 -35.65
CA VAL E 114 50.32 20.50 -35.53
C VAL E 114 51.39 21.27 -34.76
N LEU E 115 52.03 20.62 -33.78
CA LEU E 115 53.11 21.31 -33.07
C LEU E 115 54.28 21.55 -34.01
N ALA E 116 54.60 20.56 -34.85
CA ALA E 116 55.68 20.69 -35.81
C ALA E 116 55.38 21.79 -36.82
N PHE E 117 54.09 22.05 -37.05
CA PHE E 117 53.70 23.13 -37.95
C PHE E 117 53.88 24.47 -37.25
N SER E 118 53.49 24.53 -35.97
CA SER E 118 53.66 25.74 -35.18
C SER E 118 55.14 26.08 -34.97
N LYS E 119 56.02 25.08 -35.06
CA LYS E 119 57.46 25.30 -35.01
C LYS E 119 58.08 25.54 -36.39
N SER E 120 57.27 25.71 -37.43
CA SER E 120 57.72 25.83 -38.83
C SER E 120 58.48 24.62 -39.34
N CYS E 121 58.14 23.42 -38.86
CA CYS E 121 58.76 22.19 -39.35
C CYS E 121 57.80 21.48 -40.29
N HIS E 122 58.34 20.88 -41.34
CA HIS E 122 57.57 20.05 -42.26
C HIS E 122 57.82 18.60 -41.91
N LEU E 123 56.83 17.98 -41.24
CA LEU E 123 56.87 16.55 -40.95
C LEU E 123 56.21 15.79 -42.09
N PRO E 124 56.95 14.98 -42.85
CA PRO E 124 56.30 14.01 -43.75
C PRO E 124 55.51 12.97 -42.97
N TRP E 125 54.32 12.65 -43.48
CA TRP E 125 53.47 11.61 -42.91
C TRP E 125 54.21 10.28 -42.92
N ALA E 126 54.52 9.77 -41.73
CA ALA E 126 55.18 8.48 -41.61
C ALA E 126 54.29 7.33 -42.05
N SER E 127 54.77 6.53 -42.99
CA SER E 127 54.26 5.17 -43.18
C SER E 127 54.71 4.29 -42.03
N GLY E 128 53.90 3.28 -41.71
CA GLY E 128 54.36 2.22 -40.83
C GLY E 128 55.54 1.41 -41.36
N LEU E 129 55.92 0.36 -40.62
CA LEU E 129 57.02 -0.50 -41.07
C LEU E 129 56.64 -1.25 -42.34
N GLU E 130 57.48 -1.13 -43.37
CA GLU E 130 57.37 -1.98 -44.55
C GLU E 130 57.54 -3.47 -44.22
N THR E 131 58.25 -3.78 -43.13
CA THR E 131 58.71 -5.13 -42.78
C THR E 131 57.72 -5.89 -41.90
N LEU E 132 56.42 -5.72 -42.10
CA LEU E 132 55.48 -6.50 -41.31
C LEU E 132 55.36 -7.95 -41.73
N ASP E 133 55.90 -8.34 -42.90
CA ASP E 133 55.84 -9.74 -43.35
C ASP E 133 56.43 -10.73 -42.36
N SER E 134 57.14 -10.26 -41.33
CA SER E 134 57.75 -11.08 -40.30
C SER E 134 56.93 -11.13 -39.03
N LEU E 135 56.26 -10.02 -38.70
CA LEU E 135 55.43 -9.91 -37.50
C LEU E 135 54.36 -10.99 -37.43
N GLY E 136 53.81 -11.40 -38.57
CA GLY E 136 52.81 -12.48 -38.56
C GLY E 136 53.31 -13.71 -37.85
N GLY E 137 54.57 -14.08 -38.07
CA GLY E 137 55.09 -15.30 -37.48
C GLY E 137 55.07 -15.23 -35.96
N VAL E 138 55.52 -14.09 -35.40
CA VAL E 138 55.58 -14.00 -33.95
C VAL E 138 54.17 -13.98 -33.39
N LEU E 139 53.24 -13.33 -34.10
CA LEU E 139 51.87 -13.27 -33.59
C LEU E 139 51.27 -14.66 -33.53
N GLU E 140 51.56 -15.49 -34.56
CA GLU E 140 51.02 -16.84 -34.59
C GLU E 140 51.63 -17.72 -33.51
N ALA E 141 52.97 -17.77 -33.45
CA ALA E 141 53.63 -18.67 -32.50
C ALA E 141 53.39 -18.28 -31.05
N SER E 142 53.58 -17.00 -30.70
CA SER E 142 53.41 -16.56 -29.32
C SER E 142 52.70 -15.21 -29.28
N GLY E 143 51.38 -15.22 -29.07
CA GLY E 143 50.66 -13.97 -28.97
C GLY E 143 50.95 -13.24 -27.67
N TYR E 144 51.08 -13.98 -26.57
CA TYR E 144 51.23 -13.40 -25.25
C TYR E 144 52.49 -12.56 -25.16
N SER E 145 53.61 -13.08 -25.67
CA SER E 145 54.88 -12.38 -25.59
C SER E 145 54.81 -11.08 -26.38
N THR E 146 54.24 -11.16 -27.59
CA THR E 146 54.18 -10.01 -28.47
C THR E 146 53.35 -8.92 -27.82
N GLU E 147 52.22 -9.30 -27.23
CA GLU E 147 51.34 -8.31 -26.62
C GLU E 147 52.00 -7.66 -25.41
N VAL E 148 52.54 -8.45 -24.47
CA VAL E 148 53.10 -7.86 -23.26
C VAL E 148 54.29 -6.98 -23.61
N VAL E 149 55.16 -7.43 -24.51
CA VAL E 149 56.33 -6.64 -24.89
C VAL E 149 55.89 -5.36 -25.57
N ALA E 150 54.98 -5.46 -26.55
CA ALA E 150 54.57 -4.30 -27.32
C ALA E 150 53.98 -3.24 -26.40
N LEU E 151 53.14 -3.67 -25.46
CA LEU E 151 52.50 -2.72 -24.54
C LEU E 151 53.52 -2.08 -23.61
N SER E 152 54.42 -2.90 -23.03
CA SER E 152 55.38 -2.35 -22.08
C SER E 152 56.35 -1.41 -22.77
N ARG E 153 56.78 -1.75 -23.99
CA ARG E 153 57.69 -0.86 -24.69
C ARG E 153 56.95 0.40 -25.12
N LEU E 154 55.65 0.30 -25.43
CA LEU E 154 54.91 1.49 -25.81
C LEU E 154 54.88 2.44 -24.62
N GLN E 155 54.61 1.88 -23.42
CA GLN E 155 54.52 2.70 -22.22
C GLN E 155 55.85 3.38 -21.95
N GLY E 156 56.95 2.63 -22.14
CA GLY E 156 58.26 3.19 -21.92
C GLY E 156 58.55 4.32 -22.90
N SER E 157 58.18 4.11 -24.18
CA SER E 157 58.48 5.10 -25.20
C SER E 157 57.72 6.37 -24.91
N LEU E 158 56.47 6.22 -24.47
CA LEU E 158 55.65 7.38 -24.14
C LEU E 158 56.26 8.13 -22.97
N GLN E 159 56.79 7.39 -21.98
CA GLN E 159 57.36 8.05 -20.81
C GLN E 159 58.59 8.88 -21.18
N ASP E 160 59.50 8.35 -22.03
CA ASP E 160 60.65 9.20 -22.36
C ASP E 160 60.21 10.38 -23.22
N MET E 161 59.21 10.15 -24.09
CA MET E 161 58.74 11.26 -24.92
C MET E 161 58.21 12.36 -24.03
N LEU E 162 57.46 11.99 -22.97
CA LEU E 162 56.89 13.01 -22.10
C LEU E 162 58.03 13.72 -21.37
N TRP E 163 59.08 12.99 -21.00
CA TRP E 163 60.17 13.62 -20.28
C TRP E 163 60.82 14.68 -21.18
N GLN E 164 61.05 14.32 -22.44
CA GLN E 164 61.76 15.18 -23.37
C GLN E 164 60.92 16.34 -23.91
N LEU E 165 59.58 16.28 -23.77
CA LEU E 165 58.75 17.31 -24.39
C LEU E 165 58.95 18.71 -23.79
N ASP E 166 59.50 18.82 -22.58
CA ASP E 166 59.84 20.15 -22.08
C ASP E 166 61.23 20.62 -22.52
N LEU E 167 62.14 19.71 -22.88
CA LEU E 167 63.54 20.03 -23.21
C LEU E 167 63.69 20.86 -24.51
N SER E 168 62.59 21.37 -25.09
CA SER E 168 62.51 22.07 -26.36
C SER E 168 62.89 21.14 -27.51
N PRO E 169 62.08 20.11 -27.78
CA PRO E 169 62.39 19.16 -28.86
C PRO E 169 62.54 19.87 -30.20
N GLY E 170 63.41 19.33 -31.04
CA GLY E 170 63.69 19.92 -32.33
C GLY E 170 63.51 18.93 -33.46
N CYS E 171 63.41 19.46 -34.67
CA CYS E 171 63.21 18.67 -35.87
C CYS E 171 64.52 18.36 -36.58
N LYS F 215 15.13 0.18 -85.82
CA LYS F 215 14.01 0.92 -85.27
C LYS F 215 13.87 0.66 -83.77
N PRO F 216 14.23 1.65 -82.96
CA PRO F 216 14.13 1.50 -81.51
C PRO F 216 12.69 1.45 -81.04
N ASP F 217 12.49 0.90 -79.84
CA ASP F 217 11.17 0.87 -79.24
C ASP F 217 10.74 2.28 -78.82
N PRO F 218 9.44 2.55 -78.79
CA PRO F 218 8.96 3.85 -78.32
C PRO F 218 9.26 4.05 -76.86
N PRO F 219 9.47 5.30 -76.43
CA PRO F 219 9.78 5.56 -75.01
C PRO F 219 8.62 5.18 -74.10
N LEU F 220 8.97 4.71 -72.91
CA LEU F 220 8.00 4.27 -71.92
C LEU F 220 8.07 5.15 -70.68
N GLY F 221 7.10 4.97 -69.79
CA GLY F 221 7.07 5.71 -68.54
C GLY F 221 6.86 7.20 -68.70
N LEU F 222 5.92 7.61 -69.56
CA LEU F 222 5.66 9.03 -69.76
C LEU F 222 4.94 9.62 -68.56
N HIS F 223 5.58 10.57 -67.88
CA HIS F 223 5.04 11.18 -66.68
C HIS F 223 5.14 12.70 -66.78
N MET F 224 4.18 13.38 -66.15
CA MET F 224 4.16 14.83 -66.08
C MET F 224 4.02 15.26 -64.64
N GLU F 225 4.90 16.16 -64.20
CA GLU F 225 4.89 16.66 -62.83
C GLU F 225 5.00 18.17 -62.84
N ILE F 226 4.76 18.79 -61.69
CA ILE F 226 4.81 20.24 -61.52
C ILE F 226 6.00 20.59 -60.63
N THR F 227 6.88 21.44 -61.14
CA THR F 227 8.03 21.88 -60.38
C THR F 227 7.63 22.94 -59.35
N ASP F 228 8.58 23.24 -58.45
CA ASP F 228 8.33 24.26 -57.44
C ASP F 228 8.28 25.65 -58.04
N ASP F 229 8.91 25.86 -59.20
CA ASP F 229 8.92 27.15 -59.87
C ASP F 229 7.64 27.41 -60.65
N GLY F 230 6.75 26.43 -60.76
CA GLY F 230 5.56 26.60 -61.55
C GLY F 230 5.68 26.16 -63.00
N ASN F 231 6.57 25.21 -63.29
CA ASN F 231 6.77 24.73 -64.64
C ASN F 231 6.42 23.25 -64.74
N LEU F 232 5.96 22.84 -65.91
CA LEU F 232 5.55 21.47 -66.17
C LEU F 232 6.76 20.67 -66.66
N LYS F 233 7.13 19.64 -65.91
CA LYS F 233 8.26 18.79 -66.28
C LYS F 233 7.71 17.48 -66.84
N ILE F 234 8.08 17.17 -68.08
CA ILE F 234 7.67 15.94 -68.74
C ILE F 234 8.88 15.02 -68.82
N SER F 235 8.75 13.81 -68.29
CA SER F 235 9.86 12.87 -68.23
C SER F 235 9.42 11.55 -68.84
N TRP F 236 10.40 10.83 -69.39
CA TRP F 236 10.17 9.53 -69.99
C TRP F 236 11.41 8.67 -69.83
N SER F 237 11.23 7.37 -69.91
CA SER F 237 12.31 6.41 -69.70
C SER F 237 12.77 5.84 -71.03
N SER F 238 14.08 5.81 -71.23
CA SER F 238 14.65 5.22 -72.43
C SER F 238 14.44 3.71 -72.43
N PRO F 239 14.31 3.08 -73.59
CA PRO F 239 14.22 1.61 -73.64
C PRO F 239 15.49 0.97 -73.09
N PRO F 240 15.37 -0.18 -72.44
CA PRO F 240 16.54 -0.83 -71.84
C PRO F 240 17.34 -1.69 -72.81
N LEU F 241 17.00 -1.71 -74.10
CA LEU F 241 17.65 -2.57 -75.07
C LEU F 241 18.45 -1.82 -76.12
N VAL F 242 18.54 -0.49 -76.03
CA VAL F 242 19.28 0.31 -76.99
C VAL F 242 20.64 0.66 -76.36
N PRO F 243 21.75 0.22 -76.94
CA PRO F 243 23.07 0.55 -76.35
C PRO F 243 23.63 1.86 -76.86
N PHE F 244 22.81 2.66 -77.52
CA PHE F 244 23.23 3.93 -78.09
C PHE F 244 22.31 5.05 -77.60
N PRO F 245 22.82 6.27 -77.49
CA PRO F 245 21.98 7.38 -77.04
C PRO F 245 20.88 7.69 -78.06
N LEU F 246 19.76 8.19 -77.54
CA LEU F 246 18.57 8.45 -78.35
C LEU F 246 18.20 9.93 -78.31
N GLN F 247 17.77 10.44 -79.45
CA GLN F 247 17.23 11.79 -79.57
C GLN F 247 15.72 11.70 -79.71
N TYR F 248 15.01 12.49 -78.91
CA TYR F 248 13.57 12.36 -78.78
C TYR F 248 12.86 13.57 -79.37
N GLN F 249 11.74 13.30 -80.04
CA GLN F 249 10.83 14.33 -80.52
C GLN F 249 9.56 14.25 -79.69
N VAL F 250 9.20 15.37 -79.06
CA VAL F 250 8.04 15.44 -78.17
C VAL F 250 7.06 16.43 -78.77
N LYS F 251 5.85 15.96 -79.06
CA LYS F 251 4.76 16.79 -79.50
C LYS F 251 3.78 16.98 -78.35
N TYR F 252 3.59 18.22 -77.92
CA TYR F 252 2.69 18.51 -76.83
C TYR F 252 1.71 19.61 -77.24
N SER F 253 0.45 19.39 -76.88
CA SER F 253 -0.63 20.31 -77.17
C SER F 253 -1.26 20.78 -75.87
N GLU F 254 -1.37 22.11 -75.73
CA GLU F 254 -2.00 22.76 -74.59
C GLU F 254 -3.33 23.31 -75.04
N ASN F 255 -4.42 22.84 -74.44
CA ASN F 255 -5.78 23.20 -74.82
C ASN F 255 -6.44 23.91 -73.64
N SER F 256 -6.71 25.19 -73.81
CA SER F 256 -7.51 25.96 -72.87
C SER F 256 -8.83 26.36 -73.52
N THR F 257 -9.65 27.10 -72.77
CA THR F 257 -10.92 27.56 -73.30
C THR F 257 -10.75 28.70 -74.29
N THR F 258 -9.58 29.34 -74.32
CA THR F 258 -9.33 30.47 -75.21
C THR F 258 -8.14 30.28 -76.14
N VAL F 259 -7.06 29.64 -75.69
CA VAL F 259 -5.84 29.50 -76.47
C VAL F 259 -5.52 28.02 -76.62
N ILE F 260 -5.32 27.59 -77.85
CA ILE F 260 -4.90 26.21 -78.16
C ILE F 260 -3.57 26.27 -78.89
N ARG F 261 -2.56 25.59 -78.35
CA ARG F 261 -1.22 25.61 -78.89
C ARG F 261 -0.74 24.18 -79.10
N GLU F 262 0.06 23.97 -80.16
CA GLU F 262 0.75 22.72 -80.39
C GLU F 262 2.22 23.00 -80.67
N ALA F 263 3.11 22.21 -80.07
CA ALA F 263 4.54 22.46 -80.24
C ALA F 263 5.29 21.14 -80.27
N ASP F 264 6.23 21.03 -81.21
CA ASP F 264 7.12 19.88 -81.33
C ASP F 264 8.53 20.32 -80.99
N LYS F 265 9.18 19.61 -80.07
CA LYS F 265 10.52 19.93 -79.61
C LYS F 265 11.42 18.70 -79.71
N ILE F 266 12.64 18.92 -80.17
CA ILE F 266 13.63 17.85 -80.32
C ILE F 266 14.69 18.04 -79.24
N VAL F 267 14.85 17.02 -78.39
CA VAL F 267 15.75 17.10 -77.24
C VAL F 267 16.62 15.85 -77.18
N SER F 268 17.87 16.04 -76.76
CA SER F 268 18.77 14.91 -76.52
C SER F 268 18.57 14.28 -75.15
N ALA F 269 17.98 15.00 -74.21
CA ALA F 269 17.75 14.48 -72.87
C ALA F 269 16.39 13.80 -72.78
N THR F 270 16.16 13.14 -71.64
CA THR F 270 14.91 12.44 -71.38
C THR F 270 13.90 13.28 -70.60
N SER F 271 14.04 14.60 -70.61
CA SER F 271 13.12 15.46 -69.88
C SER F 271 12.92 16.76 -70.64
N LEU F 272 11.76 17.38 -70.42
CA LEU F 272 11.41 18.62 -71.08
C LEU F 272 10.70 19.54 -70.10
N LEU F 273 11.00 20.83 -70.16
CA LEU F 273 10.39 21.82 -69.29
C LEU F 273 9.51 22.77 -70.07
N VAL F 274 8.28 22.98 -69.58
CA VAL F 274 7.35 23.93 -70.15
C VAL F 274 7.11 25.02 -69.12
N ASP F 275 7.41 26.26 -69.51
CA ASP F 275 7.32 27.38 -68.58
C ASP F 275 5.88 27.87 -68.47
N SER F 276 5.49 28.27 -67.25
CA SER F 276 4.19 28.88 -66.95
C SER F 276 3.04 27.98 -67.37
N ILE F 277 2.89 26.82 -66.72
CA ILE F 277 1.78 25.93 -66.99
C ILE F 277 0.48 26.62 -66.62
N LEU F 278 -0.46 26.64 -67.57
CA LEU F 278 -1.68 27.42 -67.41
C LEU F 278 -2.70 26.66 -66.57
N PRO F 279 -3.46 27.32 -65.71
CA PRO F 279 -4.47 26.62 -64.92
C PRO F 279 -5.70 26.29 -65.76
N GLY F 280 -6.32 25.16 -65.44
CA GLY F 280 -7.53 24.74 -66.16
C GLY F 280 -7.31 24.42 -67.61
N SER F 281 -6.17 23.81 -67.94
CA SER F 281 -5.83 23.48 -69.31
C SER F 281 -5.47 22.00 -69.40
N SER F 282 -5.63 21.44 -70.61
CA SER F 282 -5.34 20.04 -70.86
C SER F 282 -4.07 19.93 -71.68
N TYR F 283 -3.12 19.14 -71.19
CA TYR F 283 -1.85 18.93 -71.88
C TYR F 283 -1.80 17.50 -72.39
N GLU F 284 -1.67 17.35 -73.72
CA GLU F 284 -1.55 16.05 -74.36
C GLU F 284 -0.15 15.92 -74.93
N VAL F 285 0.57 14.88 -74.50
CA VAL F 285 1.98 14.72 -74.81
C VAL F 285 2.21 13.38 -75.48
N GLN F 286 2.96 13.39 -76.59
CA GLN F 286 3.44 12.19 -77.25
C GLN F 286 4.95 12.31 -77.47
N VAL F 287 5.67 11.21 -77.27
CA VAL F 287 7.13 11.19 -77.37
C VAL F 287 7.54 10.04 -78.28
N ARG F 288 8.43 10.32 -79.22
CA ARG F 288 9.04 9.29 -80.05
C ARG F 288 10.55 9.46 -80.03
N GLY F 289 11.26 8.39 -80.38
CA GLY F 289 12.71 8.37 -80.29
C GLY F 289 13.37 8.01 -81.61
N LYS F 290 14.65 8.34 -81.72
CA LYS F 290 15.47 8.03 -82.88
C LYS F 290 16.90 7.83 -82.43
N ARG F 291 17.66 7.04 -83.20
CA ARG F 291 19.08 6.90 -82.93
C ARG F 291 19.80 8.22 -83.19
N LEU F 292 20.65 8.62 -82.24
CA LEU F 292 21.29 9.93 -82.32
C LEU F 292 22.33 9.98 -83.43
N ASP F 293 23.13 8.93 -83.55
CA ASP F 293 24.24 8.90 -84.50
C ASP F 293 23.87 8.03 -85.69
N GLY F 294 24.04 8.57 -86.90
CA GLY F 294 23.78 7.84 -88.11
C GLY F 294 22.35 7.98 -88.59
N PRO F 295 22.04 7.38 -89.74
CA PRO F 295 20.68 7.45 -90.30
C PRO F 295 19.72 6.49 -89.61
N GLY F 296 19.34 6.83 -88.37
CA GLY F 296 18.44 5.98 -87.62
C GLY F 296 17.01 6.08 -88.13
N ILE F 297 16.18 5.17 -87.65
CA ILE F 297 14.76 5.13 -88.00
C ILE F 297 13.95 5.65 -86.83
N TRP F 298 13.01 6.55 -87.10
CA TRP F 298 12.18 7.11 -86.05
C TRP F 298 11.24 6.05 -85.49
N SER F 299 11.15 6.02 -84.16
CA SER F 299 10.25 5.07 -83.50
C SER F 299 8.80 5.54 -83.62
N ASP F 300 7.88 4.62 -83.34
CA ASP F 300 6.47 4.96 -83.31
C ASP F 300 6.17 5.90 -82.16
N TRP F 301 5.12 6.69 -82.32
CA TRP F 301 4.70 7.60 -81.26
C TRP F 301 4.16 6.82 -80.07
N SER F 302 4.53 7.27 -78.87
CA SER F 302 4.04 6.64 -77.65
C SER F 302 2.57 6.98 -77.43
N THR F 303 1.97 6.30 -76.46
CA THR F 303 0.59 6.57 -76.09
C THR F 303 0.48 8.01 -75.56
N PRO F 304 -0.49 8.79 -76.03
CA PRO F 304 -0.61 10.18 -75.56
C PRO F 304 -1.02 10.23 -74.10
N ARG F 305 -0.37 11.14 -73.37
CA ARG F 305 -0.66 11.34 -71.95
C ARG F 305 -1.38 12.67 -71.78
N VAL F 306 -2.48 12.65 -71.04
CA VAL F 306 -3.32 13.82 -70.85
C VAL F 306 -3.27 14.23 -69.38
N PHE F 307 -2.97 15.50 -69.14
CA PHE F 307 -2.89 16.06 -67.79
C PHE F 307 -3.82 17.26 -67.70
N THR F 308 -4.71 17.26 -66.71
CA THR F 308 -5.68 18.32 -66.52
C THR F 308 -5.35 19.08 -65.23
N THR F 309 -5.25 20.40 -65.34
CA THR F 309 -4.85 21.23 -64.20
C THR F 309 -6.08 21.80 -63.49
N GLN F 310 -5.82 22.41 -62.34
CA GLN F 310 -6.85 23.02 -61.50
C GLN F 310 -7.01 24.49 -61.88
N ASP F 311 -7.73 25.24 -61.05
CA ASP F 311 -8.19 26.58 -61.42
C ASP F 311 -7.41 27.68 -60.71
N VAL F 312 -6.57 27.33 -59.73
CA VAL F 312 -5.77 28.30 -59.00
C VAL F 312 -4.37 27.72 -58.82
N ILE F 313 -3.34 28.54 -59.06
CA ILE F 313 -1.96 28.08 -59.00
C ILE F 313 -1.31 28.62 -57.74
N TYR F 314 -0.78 27.72 -56.92
CA TYR F 314 0.11 28.08 -55.83
C TYR F 314 1.49 27.51 -56.13
N PHE F 315 2.50 28.38 -56.13
CA PHE F 315 3.86 27.89 -56.34
C PHE F 315 4.82 28.59 -55.39
N PRO F 316 5.54 27.84 -54.54
CA PRO F 316 5.43 26.38 -54.39
C PRO F 316 4.22 25.94 -53.58
N PRO F 317 3.59 24.83 -53.96
CA PRO F 317 2.39 24.37 -53.24
C PRO F 317 2.64 24.03 -51.77
N LYS F 318 3.79 23.46 -51.44
CA LYS F 318 4.08 23.04 -50.07
C LYS F 318 5.48 23.51 -49.71
N ILE F 319 5.67 23.86 -48.44
CA ILE F 319 6.95 24.33 -47.92
C ILE F 319 7.22 23.62 -46.60
N LEU F 320 8.39 22.99 -46.51
CA LEU F 320 8.90 22.42 -45.26
C LEU F 320 9.98 23.34 -44.73
N THR F 321 9.74 23.93 -43.57
CA THR F 321 10.65 24.93 -43.00
C THR F 321 10.74 24.72 -41.49
N SER F 322 11.61 25.50 -40.86
CA SER F 322 11.85 25.44 -39.43
C SER F 322 11.37 26.71 -38.75
N VAL F 323 11.57 26.75 -37.43
CA VAL F 323 11.14 27.89 -36.64
C VAL F 323 12.09 29.07 -36.88
N GLY F 324 11.52 30.24 -37.11
CA GLY F 324 12.28 31.46 -37.28
C GLY F 324 12.74 31.76 -38.70
N SER F 325 12.34 30.95 -39.68
CA SER F 325 12.74 31.18 -41.06
C SER F 325 11.73 32.06 -41.77
N ASN F 326 12.10 32.55 -42.96
CA ASN F 326 11.25 33.40 -43.77
C ASN F 326 10.81 32.62 -45.01
N VAL F 327 9.51 32.59 -45.26
CA VAL F 327 8.94 31.79 -46.34
C VAL F 327 8.07 32.68 -47.23
N SER F 328 8.30 32.59 -48.53
CA SER F 328 7.55 33.37 -49.51
C SER F 328 6.65 32.44 -50.32
N PHE F 329 5.38 32.81 -50.40
CA PHE F 329 4.39 32.06 -51.18
C PHE F 329 3.86 32.92 -52.30
N HIS F 330 3.77 32.32 -53.49
CA HIS F 330 3.28 33.00 -54.69
C HIS F 330 2.04 32.30 -55.21
N CYS F 331 1.07 33.10 -55.66
CA CYS F 331 -0.16 32.55 -56.21
C CYS F 331 -0.59 33.32 -57.45
N ILE F 332 -1.29 32.59 -58.31
CA ILE F 332 -2.00 33.13 -59.47
C ILE F 332 -3.44 32.66 -59.37
N TYR F 333 -4.38 33.62 -59.41
CA TYR F 333 -5.80 33.33 -59.28
C TYR F 333 -6.46 33.50 -60.63
N LYS F 334 -7.26 32.51 -61.04
CA LYS F 334 -7.97 32.53 -62.30
C LYS F 334 -9.47 32.70 -62.03
N LYS F 335 -10.10 33.62 -62.75
CA LYS F 335 -11.54 33.85 -62.67
C LYS F 335 -12.12 33.74 -64.06
N GLU F 336 -12.76 32.60 -64.35
CA GLU F 336 -13.37 32.30 -65.65
C GLU F 336 -12.35 32.40 -66.78
N ASN F 337 -11.23 31.68 -66.60
CA ASN F 337 -10.11 31.65 -67.54
C ASN F 337 -9.56 33.06 -67.79
N LYS F 338 -9.51 33.86 -66.74
CA LYS F 338 -8.92 35.19 -66.77
C LYS F 338 -8.08 35.38 -65.51
N ILE F 339 -6.86 35.88 -65.68
CA ILE F 339 -5.94 36.05 -64.57
C ILE F 339 -6.29 37.34 -63.84
N VAL F 340 -6.65 37.21 -62.57
CA VAL F 340 -7.00 38.35 -61.72
C VAL F 340 -5.75 39.16 -61.45
N PRO F 341 -5.82 40.50 -61.48
CA PRO F 341 -4.66 41.31 -61.11
C PRO F 341 -4.26 41.11 -59.66
N SER F 342 -2.96 41.33 -59.39
CA SER F 342 -2.41 41.10 -58.07
C SER F 342 -2.97 42.04 -57.00
N LYS F 343 -3.56 43.16 -57.41
CA LYS F 343 -4.14 44.09 -56.43
C LYS F 343 -5.37 43.50 -55.76
N GLU F 344 -6.14 42.67 -56.47
CA GLU F 344 -7.37 42.14 -55.91
C GLU F 344 -7.11 40.92 -55.02
N ILE F 345 -5.89 40.40 -55.04
CA ILE F 345 -5.60 39.15 -54.32
C ILE F 345 -5.43 39.44 -52.84
N VAL F 346 -6.19 38.72 -52.01
CA VAL F 346 -6.17 38.86 -50.56
C VAL F 346 -5.87 37.50 -49.96
N TRP F 347 -4.97 37.47 -48.98
CA TRP F 347 -4.53 36.23 -48.37
C TRP F 347 -5.16 36.04 -46.99
N TRP F 348 -5.44 34.77 -46.67
CA TRP F 348 -6.05 34.37 -45.42
C TRP F 348 -5.29 33.18 -44.86
N MET F 349 -5.36 33.02 -43.53
CA MET F 349 -4.72 31.91 -42.84
C MET F 349 -5.81 30.97 -42.30
N ASN F 350 -5.89 29.77 -42.89
CA ASN F 350 -6.81 28.72 -42.48
C ASN F 350 -8.27 29.17 -42.51
N LEU F 351 -8.60 30.10 -43.40
CA LEU F 351 -9.91 30.72 -43.54
C LEU F 351 -10.38 31.40 -42.25
N ALA F 352 -9.44 31.80 -41.38
CA ALA F 352 -9.82 32.36 -40.10
C ALA F 352 -9.70 33.88 -40.11
N GLU F 353 -8.53 34.39 -40.47
CA GLU F 353 -8.29 35.83 -40.42
C GLU F 353 -7.50 36.25 -41.66
N LYS F 354 -7.71 37.50 -42.07
CA LYS F 354 -7.03 38.05 -43.23
C LYS F 354 -5.59 38.40 -42.89
N ILE F 355 -4.68 37.98 -43.76
CA ILE F 355 -3.26 38.30 -43.62
C ILE F 355 -3.09 39.80 -43.81
N PRO F 356 -2.33 40.48 -42.95
CA PRO F 356 -2.16 41.94 -43.11
C PRO F 356 -1.51 42.31 -44.42
N GLN F 357 -1.87 43.49 -44.93
CA GLN F 357 -1.42 43.92 -46.25
C GLN F 357 0.06 44.28 -46.26
N SER F 358 0.68 44.41 -45.08
CA SER F 358 2.12 44.65 -45.03
C SER F 358 2.90 43.49 -45.58
N GLN F 359 2.43 42.26 -45.38
CA GLN F 359 3.12 41.10 -45.93
C GLN F 359 2.82 40.92 -47.42
N TYR F 360 1.81 41.62 -47.93
CA TYR F 360 1.44 41.47 -49.34
C TYR F 360 2.48 42.16 -50.22
N ASP F 361 2.90 41.47 -51.28
CA ASP F 361 3.82 42.02 -52.26
C ASP F 361 3.34 41.66 -53.66
N VAL F 362 3.49 42.61 -54.58
CA VAL F 362 3.12 42.39 -55.97
C VAL F 362 4.42 42.21 -56.77
N VAL F 363 4.78 40.96 -57.03
CA VAL F 363 5.94 40.68 -57.87
C VAL F 363 5.63 41.03 -59.32
N SER F 364 4.46 40.65 -59.81
CA SER F 364 4.03 40.96 -61.15
C SER F 364 2.53 41.22 -61.15
N ASP F 365 2.01 41.65 -62.29
CA ASP F 365 0.59 41.99 -62.38
C ASP F 365 -0.29 40.74 -62.31
N HIS F 366 0.30 39.57 -62.57
CA HIS F 366 -0.49 38.34 -62.61
C HIS F 366 -0.36 37.53 -61.33
N VAL F 367 0.78 37.60 -60.65
CA VAL F 367 1.08 36.77 -59.49
C VAL F 367 1.28 37.66 -58.27
N SER F 368 0.66 37.28 -57.15
CA SER F 368 0.86 37.95 -55.88
C SER F 368 1.69 37.07 -54.96
N LYS F 369 2.29 37.67 -53.93
CA LYS F 369 3.11 36.89 -53.01
C LYS F 369 2.99 37.43 -51.60
N VAL F 370 3.29 36.55 -50.64
CA VAL F 370 3.32 36.89 -49.22
C VAL F 370 4.63 36.41 -48.63
N THR F 371 5.20 37.21 -47.74
CA THR F 371 6.45 36.90 -47.05
C THR F 371 6.17 36.75 -45.57
N PHE F 372 6.61 35.64 -44.99
CA PHE F 372 6.48 35.38 -43.57
C PHE F 372 7.86 35.41 -42.92
N PHE F 373 8.01 36.25 -41.90
CA PHE F 373 9.28 36.45 -41.23
C PHE F 373 9.17 36.01 -39.78
N ASN F 374 10.23 35.37 -39.29
CA ASN F 374 10.33 34.84 -37.93
C ASN F 374 9.16 33.90 -37.63
N LEU F 375 9.09 32.83 -38.44
CA LEU F 375 7.98 31.89 -38.31
C LEU F 375 8.09 31.08 -37.02
N ASN F 376 6.97 30.95 -36.33
CA ASN F 376 6.85 30.12 -35.15
C ASN F 376 6.33 28.74 -35.53
N GLU F 377 6.39 27.82 -34.58
CA GLU F 377 5.89 26.48 -34.81
C GLU F 377 4.37 26.49 -35.00
N THR F 378 3.91 25.85 -36.07
CA THR F 378 2.48 25.76 -36.33
C THR F 378 1.84 24.76 -35.38
N LYS F 379 0.86 25.22 -34.60
CA LYS F 379 0.20 24.34 -33.65
C LYS F 379 -0.69 23.34 -34.38
N PRO F 380 -0.82 22.11 -33.89
CA PRO F 380 -1.70 21.15 -34.56
C PRO F 380 -3.16 21.42 -34.24
N ARG F 381 -3.94 21.64 -35.30
CA ARG F 381 -5.38 21.84 -35.19
C ARG F 381 -6.05 20.54 -35.61
N GLY F 382 -6.27 19.65 -34.64
CA GLY F 382 -6.79 18.34 -34.97
C GLY F 382 -5.75 17.48 -35.66
N LYS F 383 -6.17 16.83 -36.74
CA LYS F 383 -5.26 15.95 -37.46
C LYS F 383 -4.24 16.72 -38.29
N PHE F 384 -4.60 17.93 -38.72
CA PHE F 384 -3.76 18.71 -39.61
C PHE F 384 -2.66 19.41 -38.82
N THR F 385 -1.40 19.11 -39.14
CA THR F 385 -0.27 19.72 -38.46
C THR F 385 0.30 20.93 -39.20
N TYR F 386 -0.31 21.31 -40.33
CA TYR F 386 0.19 22.39 -41.16
C TYR F 386 -0.78 23.56 -41.18
N ASP F 387 -0.30 24.71 -41.63
CA ASP F 387 -1.14 25.88 -41.84
C ASP F 387 -1.54 25.98 -43.29
N ALA F 388 -2.82 26.18 -43.54
CA ALA F 388 -3.35 26.32 -44.90
C ALA F 388 -3.50 27.81 -45.22
N VAL F 389 -2.68 28.29 -46.15
CA VAL F 389 -2.68 29.68 -46.56
C VAL F 389 -3.44 29.80 -47.87
N TYR F 390 -4.49 30.61 -47.87
CA TYR F 390 -5.38 30.77 -49.02
C TYR F 390 -5.14 32.12 -49.67
N CYS F 391 -5.10 32.15 -51.00
CA CYS F 391 -5.06 33.38 -51.76
C CYS F 391 -6.37 33.47 -52.56
N CYS F 392 -7.04 34.62 -52.46
CA CYS F 392 -8.42 34.74 -52.87
C CYS F 392 -8.64 36.01 -53.68
N ASN F 393 -9.70 36.01 -54.48
CA ASN F 393 -10.16 37.20 -55.18
C ASN F 393 -11.11 37.93 -54.24
N GLU F 394 -10.58 38.96 -53.58
CA GLU F 394 -11.30 39.80 -52.62
C GLU F 394 -11.88 38.98 -51.48
N HIS F 395 -13.18 39.17 -51.20
CA HIS F 395 -13.79 38.49 -50.06
C HIS F 395 -14.02 37.01 -50.37
N GLU F 396 -14.24 36.67 -51.63
CA GLU F 396 -14.56 35.31 -52.02
C GLU F 396 -13.29 34.48 -52.15
N CYS F 397 -13.27 33.32 -51.50
CA CYS F 397 -12.09 32.48 -51.43
C CYS F 397 -12.28 31.16 -52.17
N HIS F 398 -11.16 30.51 -52.45
CA HIS F 398 -11.13 29.23 -53.16
C HIS F 398 -10.81 28.10 -52.18
N HIS F 399 -11.09 26.87 -52.61
CA HIS F 399 -10.94 25.72 -51.72
C HIS F 399 -9.47 25.33 -51.56
N ARG F 400 -8.67 25.46 -52.62
CA ARG F 400 -7.28 25.04 -52.54
C ARG F 400 -6.43 26.05 -51.76
N TYR F 401 -5.29 25.58 -51.27
CA TYR F 401 -4.46 26.36 -50.36
C TYR F 401 -3.00 25.97 -50.55
N ALA F 402 -2.15 26.57 -49.72
CA ALA F 402 -0.74 26.20 -49.62
C ALA F 402 -0.44 25.69 -48.21
N GLU F 403 0.34 24.62 -48.13
CA GLU F 403 0.57 23.93 -46.86
C GLU F 403 1.91 24.36 -46.28
N LEU F 404 1.89 24.82 -45.03
CA LEU F 404 3.08 25.27 -44.31
C LEU F 404 3.32 24.33 -43.14
N TYR F 405 4.41 23.57 -43.20
CA TYR F 405 4.77 22.61 -42.16
C TYR F 405 5.96 23.14 -41.36
N VAL F 406 5.68 23.68 -40.18
CA VAL F 406 6.74 24.08 -39.27
C VAL F 406 6.77 23.12 -38.09
N ILE F 407 7.61 22.10 -38.17
CA ILE F 407 7.68 21.09 -37.14
C ILE F 407 8.87 21.37 -36.24
N ASP F 408 8.90 20.75 -35.07
CA ASP F 408 9.98 20.96 -34.11
C ASP F 408 11.12 19.99 -34.41
N VAL F 409 12.22 20.52 -34.96
CA VAL F 409 13.40 19.72 -35.23
C VAL F 409 14.47 19.86 -34.16
N ASN F 410 14.17 20.58 -33.08
CA ASN F 410 15.15 20.78 -32.01
C ASN F 410 15.21 19.51 -31.15
N ILE F 411 16.13 18.63 -31.53
CA ILE F 411 16.35 17.36 -30.85
C ILE F 411 17.69 17.43 -30.13
N ASN F 412 17.67 17.18 -28.82
CA ASN F 412 18.88 17.22 -28.02
C ASN F 412 19.49 15.82 -27.96
N ILE F 413 20.75 15.70 -28.38
CA ILE F 413 21.48 14.44 -28.35
C ILE F 413 22.59 14.58 -27.32
N SER F 414 22.60 13.66 -26.36
CA SER F 414 23.62 13.66 -25.31
C SER F 414 24.46 12.40 -25.43
N CYS F 415 25.76 12.59 -25.61
CA CYS F 415 26.70 11.48 -25.75
C CYS F 415 27.46 11.29 -24.44
N GLU F 416 27.82 10.04 -24.17
CA GLU F 416 28.49 9.70 -22.92
C GLU F 416 29.38 8.48 -23.14
N THR F 417 30.60 8.55 -22.64
CA THR F 417 31.56 7.46 -22.79
C THR F 417 31.55 6.57 -21.55
N ASP F 418 32.00 5.33 -21.73
CA ASP F 418 32.06 4.40 -20.62
C ASP F 418 33.23 4.72 -19.70
N GLY F 419 33.28 4.03 -18.56
CA GLY F 419 34.35 4.25 -17.61
C GLY F 419 35.72 3.85 -18.11
N TYR F 420 35.78 2.94 -19.09
CA TYR F 420 37.04 2.51 -19.69
C TYR F 420 37.35 3.25 -20.98
N LEU F 421 36.50 4.20 -21.39
CA LEU F 421 36.70 5.03 -22.59
C LEU F 421 36.83 4.18 -23.85
N THR F 422 36.02 3.13 -23.96
CA THR F 422 36.06 2.24 -25.11
C THR F 422 34.93 2.47 -26.10
N LYS F 423 33.81 3.02 -25.66
CA LYS F 423 32.67 3.26 -26.53
C LYS F 423 31.93 4.51 -26.05
N MET F 424 31.17 5.11 -26.97
CA MET F 424 30.38 6.29 -26.64
C MET F 424 28.93 6.05 -27.06
N THR F 425 28.02 6.12 -26.10
CA THR F 425 26.60 5.96 -26.35
C THR F 425 25.94 7.33 -26.37
N CYS F 426 25.24 7.64 -27.46
CA CYS F 426 24.53 8.89 -27.62
C CYS F 426 23.03 8.62 -27.57
N ARG F 427 22.33 9.36 -26.73
CA ARG F 427 20.90 9.17 -26.50
C ARG F 427 20.16 10.42 -26.93
N TRP F 428 19.01 10.22 -27.57
CA TRP F 428 18.15 11.33 -27.95
C TRP F 428 16.68 10.94 -27.79
N SER F 429 15.85 11.94 -27.55
CA SER F 429 14.45 11.74 -27.24
C SER F 429 13.57 11.92 -28.47
N THR F 430 12.38 11.32 -28.43
CA THR F 430 11.41 11.41 -29.51
C THR F 430 10.12 12.11 -29.12
N SER F 431 10.15 12.96 -28.08
CA SER F 431 8.92 13.56 -27.57
C SER F 431 8.27 14.50 -28.57
N THR F 432 9.08 15.24 -29.34
CA THR F 432 8.55 16.25 -30.24
C THR F 432 8.21 15.72 -31.62
N ILE F 433 8.50 14.45 -31.91
CA ILE F 433 8.27 13.89 -33.24
C ILE F 433 7.18 12.82 -33.24
N GLN F 434 6.50 12.61 -32.12
CA GLN F 434 5.43 11.61 -32.07
C GLN F 434 4.16 12.08 -32.78
N SER F 435 4.03 13.37 -33.07
CA SER F 435 2.80 13.89 -33.66
C SER F 435 2.71 13.66 -35.16
N LEU F 436 3.80 13.25 -35.80
CA LEU F 436 3.84 13.06 -37.26
C LEU F 436 4.01 11.58 -37.57
N ALA F 437 3.08 11.04 -38.34
CA ALA F 437 3.21 9.66 -38.81
C ALA F 437 4.00 9.63 -40.11
N GLU F 438 4.42 8.41 -40.50
CA GLU F 438 5.17 8.14 -41.72
C GLU F 438 6.52 8.86 -41.75
N SER F 439 7.02 9.25 -40.58
CA SER F 439 8.28 9.98 -40.51
C SER F 439 9.41 9.04 -40.10
N THR F 440 10.51 9.10 -40.86
CA THR F 440 11.69 8.29 -40.60
C THR F 440 12.80 9.16 -40.03
N LEU F 441 13.38 8.69 -38.92
CA LEU F 441 14.42 9.42 -38.21
C LEU F 441 15.74 8.67 -38.34
N GLN F 442 16.79 9.37 -38.79
CA GLN F 442 18.09 8.73 -38.97
C GLN F 442 19.17 9.64 -38.40
N LEU F 443 19.98 9.10 -37.49
CA LEU F 443 21.09 9.89 -36.96
C LEU F 443 22.23 9.92 -37.96
N ARG F 444 22.66 11.12 -38.31
CA ARG F 444 23.77 11.32 -39.24
C ARG F 444 24.92 11.98 -38.51
N TYR F 445 26.12 11.44 -38.71
CA TYR F 445 27.30 11.96 -38.04
C TYR F 445 28.43 12.11 -39.03
N HIS F 446 29.25 13.14 -38.81
CA HIS F 446 30.46 13.39 -39.57
C HIS F 446 31.63 13.48 -38.61
N ARG F 447 32.69 12.74 -38.88
CA ARG F 447 33.86 12.69 -38.01
C ARG F 447 34.95 13.58 -38.60
N SER F 448 35.37 14.58 -37.82
CA SER F 448 36.47 15.43 -38.24
C SER F 448 37.81 14.78 -37.91
N SER F 449 38.85 15.26 -38.59
CA SER F 449 40.19 14.74 -38.32
C SER F 449 40.69 15.18 -36.95
N LEU F 450 40.38 16.41 -36.54
CA LEU F 450 40.84 16.92 -35.26
C LEU F 450 39.81 17.90 -34.70
N TYR F 451 39.36 17.63 -33.47
CA TYR F 451 38.59 18.55 -32.65
C TYR F 451 37.24 18.95 -33.25
N CYS F 452 36.54 19.85 -32.56
CA CYS F 452 35.29 20.40 -33.03
C CYS F 452 35.48 21.84 -33.47
N SER F 453 34.79 22.23 -34.54
CA SER F 453 34.77 23.62 -34.96
C SER F 453 33.96 24.45 -33.99
N ASP F 454 34.22 25.76 -34.01
CA ASP F 454 33.50 26.67 -33.11
C ASP F 454 32.02 26.75 -33.48
N ILE F 455 31.70 26.67 -34.77
CA ILE F 455 30.31 26.66 -35.23
C ILE F 455 30.04 25.33 -35.94
N PRO F 456 29.31 24.40 -35.31
CA PRO F 456 28.95 23.16 -36.01
C PRO F 456 28.04 23.44 -37.20
N SER F 457 28.19 22.60 -38.22
CA SER F 457 27.45 22.79 -39.46
C SER F 457 27.19 21.43 -40.10
N ILE F 458 26.19 21.40 -40.98
CA ILE F 458 25.85 20.18 -41.70
C ILE F 458 26.90 19.93 -42.77
N HIS F 459 27.45 18.71 -42.78
CA HIS F 459 28.44 18.35 -43.77
C HIS F 459 27.80 17.54 -44.90
N PRO F 460 28.14 17.83 -46.16
CA PRO F 460 27.55 17.05 -47.27
C PRO F 460 27.88 15.57 -47.22
N ILE F 461 29.07 15.21 -46.75
CA ILE F 461 29.46 13.81 -46.60
C ILE F 461 29.22 13.43 -45.15
N SER F 462 28.26 12.53 -44.93
CA SER F 462 27.88 12.10 -43.59
C SER F 462 27.62 10.60 -43.60
N GLU F 463 27.64 10.01 -42.41
CA GLU F 463 27.40 8.60 -42.25
C GLU F 463 26.20 8.35 -41.35
N PRO F 464 25.34 7.40 -41.72
CA PRO F 464 24.24 7.03 -40.83
C PRO F 464 24.74 6.21 -39.63
N LYS F 465 23.95 6.26 -38.56
CA LYS F 465 24.25 5.50 -37.36
C LYS F 465 23.03 4.70 -36.94
N ASP F 466 23.27 3.45 -36.55
CA ASP F 466 22.19 2.57 -36.10
C ASP F 466 21.85 2.90 -34.65
N CYS F 467 20.64 3.39 -34.43
CA CYS F 467 20.15 3.73 -33.10
C CYS F 467 18.94 2.86 -32.75
N TYR F 468 18.89 2.40 -31.51
CA TYR F 468 17.86 1.50 -31.05
C TYR F 468 17.04 2.17 -29.95
N LEU F 469 15.72 2.01 -30.02
CA LEU F 469 14.83 2.58 -29.01
C LEU F 469 14.87 1.74 -27.75
N GLN F 470 14.93 2.41 -26.59
CA GLN F 470 14.98 1.74 -25.31
C GLN F 470 13.62 1.81 -24.61
N SER F 471 13.58 1.28 -23.38
CA SER F 471 12.32 1.23 -22.65
C SER F 471 11.90 2.61 -22.16
N ASP F 472 12.84 3.55 -22.02
CA ASP F 472 12.51 4.87 -21.52
C ASP F 472 12.13 5.86 -22.62
N GLY F 473 12.01 5.41 -23.86
CA GLY F 473 11.65 6.27 -24.96
C GLY F 473 12.80 6.99 -25.62
N PHE F 474 14.04 6.69 -25.23
CA PHE F 474 15.22 7.31 -25.83
C PHE F 474 15.90 6.35 -26.79
N TYR F 475 16.32 6.88 -27.93
CA TYR F 475 17.13 6.12 -28.87
C TYR F 475 18.60 6.25 -28.50
N GLU F 476 19.28 5.11 -28.44
CA GLU F 476 20.70 5.04 -28.10
C GLU F 476 21.47 4.51 -29.30
N CYS F 477 22.61 5.15 -29.59
CA CYS F 477 23.51 4.75 -30.65
C CYS F 477 24.90 4.61 -30.07
N ILE F 478 25.54 3.45 -30.27
CA ILE F 478 26.81 3.13 -29.64
C ILE F 478 27.91 3.17 -30.68
N PHE F 479 28.90 4.03 -30.46
CA PHE F 479 30.10 4.12 -31.28
C PHE F 479 31.20 3.34 -30.59
N GLN F 480 31.64 2.24 -31.22
CA GLN F 480 32.69 1.41 -30.70
C GLN F 480 33.44 0.82 -31.89
N PRO F 481 34.72 1.17 -32.11
CA PRO F 481 35.55 2.05 -31.29
C PRO F 481 35.26 3.54 -31.46
N ILE F 482 35.78 4.35 -30.54
CA ILE F 482 35.55 5.79 -30.55
C ILE F 482 36.90 6.50 -30.63
N PHE F 483 36.90 7.67 -31.28
CA PHE F 483 38.10 8.51 -31.43
C PHE F 483 38.02 9.61 -30.38
N LEU F 484 39.03 9.68 -29.51
CA LEU F 484 38.96 10.54 -28.33
C LEU F 484 39.02 12.03 -28.71
N LEU F 485 39.98 12.40 -29.56
CA LEU F 485 40.21 13.80 -29.89
C LEU F 485 39.73 14.17 -31.28
N SER F 486 38.83 13.37 -31.84
CA SER F 486 38.17 13.70 -33.10
C SER F 486 36.74 14.14 -32.81
N GLY F 487 36.38 15.31 -33.30
CA GLY F 487 35.06 15.85 -33.04
C GLY F 487 33.98 15.28 -33.94
N TYR F 488 32.92 14.76 -33.34
CA TYR F 488 31.81 14.17 -34.08
C TYR F 488 30.68 15.18 -34.16
N THR F 489 30.36 15.62 -35.38
CA THR F 489 29.21 16.50 -35.59
C THR F 489 28.01 15.64 -35.94
N MET F 490 27.00 15.65 -35.07
CA MET F 490 25.84 14.78 -35.21
C MET F 490 24.58 15.61 -35.36
N TRP F 491 23.61 15.02 -36.06
CA TRP F 491 22.29 15.62 -36.21
C TRP F 491 21.29 14.53 -36.55
N ILE F 492 20.02 14.90 -36.57
CA ILE F 492 18.93 13.97 -36.87
C ILE F 492 18.29 14.39 -38.18
N ARG F 493 18.26 13.48 -39.14
CA ARG F 493 17.62 13.71 -40.44
C ARG F 493 16.24 13.07 -40.42
N ILE F 494 15.22 13.87 -40.68
CA ILE F 494 13.84 13.41 -40.77
C ILE F 494 13.49 13.43 -42.25
N ASN F 495 13.25 12.25 -42.82
CA ASN F 495 12.95 12.10 -44.25
C ASN F 495 11.45 11.90 -44.40
N HIS F 496 10.74 12.99 -44.69
CA HIS F 496 9.31 12.92 -44.89
C HIS F 496 8.98 12.37 -46.26
N SER F 497 7.69 12.32 -46.57
CA SER F 497 7.25 11.90 -47.89
C SER F 497 7.70 12.88 -48.97
N LEU F 498 7.73 14.17 -48.64
CA LEU F 498 8.17 15.22 -49.56
C LEU F 498 9.15 16.13 -48.83
N GLY F 499 10.43 15.78 -48.91
CA GLY F 499 11.46 16.61 -48.30
C GLY F 499 12.23 15.93 -47.19
N SER F 500 13.39 16.49 -46.85
CA SER F 500 14.21 16.00 -45.75
C SER F 500 14.70 17.19 -44.93
N LEU F 501 14.59 17.08 -43.61
CA LEU F 501 15.02 18.13 -42.71
C LEU F 501 16.15 17.62 -41.83
N ASP F 502 17.04 18.52 -41.43
CA ASP F 502 18.17 18.19 -40.56
C ASP F 502 18.06 19.00 -39.27
N SER F 503 18.24 18.31 -38.14
CA SER F 503 18.26 18.99 -36.85
C SER F 503 19.50 19.87 -36.73
N PRO F 504 19.47 20.88 -35.88
CA PRO F 504 20.67 21.69 -35.63
C PRO F 504 21.82 20.84 -35.13
N PRO F 505 22.91 20.77 -35.90
CA PRO F 505 23.99 19.84 -35.57
C PRO F 505 24.75 20.25 -34.32
N THR F 506 25.13 19.25 -33.53
CA THR F 506 25.93 19.46 -32.33
C THR F 506 27.21 18.65 -32.46
N CYS F 507 28.33 19.27 -32.15
CA CYS F 507 29.63 18.62 -32.22
C CYS F 507 30.08 18.22 -30.82
N VAL F 508 30.51 16.97 -30.68
CA VAL F 508 30.87 16.40 -29.38
C VAL F 508 32.30 15.89 -29.47
N LEU F 509 33.10 16.23 -28.45
CA LEU F 509 34.44 15.69 -28.28
C LEU F 509 34.41 14.67 -27.15
N PRO F 510 34.69 13.39 -27.41
CA PRO F 510 34.59 12.38 -26.34
C PRO F 510 35.54 12.64 -25.17
N ASP F 511 36.71 13.21 -25.44
CA ASP F 511 37.68 13.45 -24.38
C ASP F 511 37.17 14.50 -23.39
N SER F 512 36.13 15.24 -23.75
CA SER F 512 35.54 16.23 -22.86
C SER F 512 34.23 15.78 -22.24
N VAL F 513 33.79 14.53 -22.47
CA VAL F 513 32.53 14.09 -21.89
C VAL F 513 32.80 13.00 -20.85
N VAL F 514 33.94 13.09 -20.19
CA VAL F 514 34.42 12.06 -19.28
C VAL F 514 33.55 12.05 -18.02
N LYS F 515 32.71 11.01 -17.90
CA LYS F 515 31.90 10.70 -16.73
C LYS F 515 32.66 10.05 -15.57
N PRO F 516 33.76 9.29 -15.82
CA PRO F 516 33.89 7.93 -15.26
C PRO F 516 33.72 7.72 -13.76
N LEU F 517 33.69 6.42 -13.41
CA LEU F 517 33.27 5.90 -12.12
C LEU F 517 33.87 6.68 -10.95
N PRO F 518 33.08 6.91 -9.90
CA PRO F 518 33.59 7.67 -8.74
C PRO F 518 34.74 6.93 -8.07
N PRO F 519 35.59 7.64 -7.32
CA PRO F 519 36.79 7.02 -6.76
C PRO F 519 36.47 5.87 -5.82
N SER F 520 37.31 4.85 -5.86
CA SER F 520 37.16 3.64 -5.06
C SER F 520 38.10 3.68 -3.86
N SER F 521 38.02 2.62 -3.06
CA SER F 521 38.81 2.46 -1.82
C SER F 521 38.57 3.64 -0.88
N VAL F 522 37.33 4.08 -0.80
CA VAL F 522 36.97 5.19 0.06
C VAL F 522 36.89 4.70 1.49
N LYS F 523 37.78 5.19 2.34
CA LYS F 523 37.84 4.78 3.74
C LYS F 523 37.65 6.01 4.62
N ALA F 524 36.69 5.92 5.52
CA ALA F 524 36.40 7.00 6.47
C ALA F 524 36.72 6.52 7.87
N GLU F 525 37.82 7.03 8.43
CA GLU F 525 38.23 6.67 9.77
C GLU F 525 38.30 7.95 10.60
N ILE F 526 38.59 7.80 11.89
CA ILE F 526 38.75 8.94 12.77
C ILE F 526 40.12 8.88 13.40
N THR F 527 40.88 9.98 13.31
CA THR F 527 42.26 10.02 13.76
C THR F 527 42.33 9.88 15.28
N ILE F 528 43.21 9.00 15.75
CA ILE F 528 43.35 8.77 17.19
C ILE F 528 44.07 9.95 17.83
N ASN F 529 43.56 10.39 18.98
CA ASN F 529 44.12 11.47 19.79
C ASN F 529 44.10 12.82 19.09
N ILE F 530 43.40 12.91 17.96
CA ILE F 530 43.27 14.16 17.23
C ILE F 530 41.81 14.58 17.12
N GLY F 531 40.91 13.63 16.86
CA GLY F 531 39.50 13.94 16.75
C GLY F 531 39.07 14.49 15.40
N LEU F 532 39.79 14.15 14.33
CA LEU F 532 39.44 14.61 12.99
C LEU F 532 39.06 13.43 12.10
N LEU F 533 37.93 13.57 11.42
CA LEU F 533 37.46 12.55 10.49
C LEU F 533 38.36 12.56 9.25
N LYS F 534 39.15 11.50 9.09
CA LYS F 534 40.04 11.36 7.95
C LYS F 534 39.35 10.53 6.87
N ILE F 535 39.23 11.10 5.68
CA ILE F 535 38.57 10.46 4.56
C ILE F 535 39.59 10.29 3.44
N SER F 536 39.77 9.06 2.98
CA SER F 536 40.73 8.75 1.94
C SER F 536 40.02 8.03 0.80
N TRP F 537 40.65 8.05 -0.37
CA TRP F 537 40.11 7.43 -1.57
C TRP F 537 41.26 7.16 -2.53
N GLU F 538 40.94 6.58 -3.69
CA GLU F 538 41.92 6.34 -4.74
C GLU F 538 41.42 6.95 -6.04
N LYS F 539 42.29 7.71 -6.70
CA LYS F 539 41.91 8.37 -7.95
C LYS F 539 41.60 7.33 -9.01
N PRO F 540 40.49 7.46 -9.73
CA PRO F 540 40.15 6.50 -10.77
C PRO F 540 41.11 6.58 -11.95
N VAL F 541 41.04 5.57 -12.81
CA VAL F 541 41.94 5.47 -13.95
C VAL F 541 41.73 6.63 -14.92
N PHE F 542 40.48 7.03 -15.10
CA PHE F 542 40.17 8.13 -16.00
C PHE F 542 39.24 9.14 -15.33
N PRO F 543 39.37 10.44 -15.66
CA PRO F 543 40.34 11.06 -16.57
C PRO F 543 41.70 11.30 -15.92
N GLU F 544 42.71 11.62 -16.72
CA GLU F 544 44.05 11.90 -16.22
C GLU F 544 44.32 13.39 -16.07
N ASN F 545 43.33 14.25 -16.26
CA ASN F 545 43.49 15.67 -16.02
C ASN F 545 43.58 15.95 -14.52
N ASN F 546 43.84 17.21 -14.18
CA ASN F 546 43.76 17.64 -12.80
C ASN F 546 42.33 17.51 -12.29
N LEU F 547 42.18 17.01 -11.07
CA LEU F 547 40.88 16.61 -10.56
C LEU F 547 40.50 17.41 -9.32
N GLN F 548 39.19 17.65 -9.20
CA GLN F 548 38.56 18.18 -8.00
C GLN F 548 37.54 17.17 -7.49
N PHE F 549 37.28 17.24 -6.19
CA PHE F 549 36.49 16.23 -5.48
C PHE F 549 35.40 16.90 -4.67
N GLN F 550 34.24 16.24 -4.62
CA GLN F 550 33.10 16.67 -3.82
C GLN F 550 32.72 15.55 -2.87
N ILE F 551 32.64 15.87 -1.59
CA ILE F 551 32.41 14.88 -0.54
C ILE F 551 31.22 15.31 0.30
N ARG F 552 30.28 14.39 0.53
CA ARG F 552 29.19 14.62 1.47
C ARG F 552 29.37 13.68 2.66
N TYR F 553 29.33 14.26 3.86
CA TYR F 553 29.52 13.51 5.09
C TYR F 553 28.43 13.88 6.09
N GLY F 554 27.88 12.87 6.76
CA GLY F 554 26.80 13.14 7.70
C GLY F 554 26.64 12.01 8.68
N LEU F 555 25.69 12.20 9.60
CA LEU F 555 25.40 11.17 10.60
C LEU F 555 24.64 10.02 9.95
N SER F 556 25.10 8.80 10.20
CA SER F 556 24.47 7.63 9.60
C SER F 556 23.12 7.36 10.27
N GLY F 557 22.11 7.10 9.45
CA GLY F 557 20.79 6.83 9.98
C GLY F 557 19.81 6.58 8.86
N LYS F 558 18.52 6.69 9.20
CA LYS F 558 17.47 6.58 8.19
C LYS F 558 17.55 7.72 7.19
N GLU F 559 17.81 8.95 7.67
CA GLU F 559 18.04 10.10 6.82
C GLU F 559 19.34 10.76 7.25
N VAL F 560 20.23 11.00 6.30
CA VAL F 560 21.56 11.52 6.60
C VAL F 560 21.62 12.99 6.20
N GLN F 561 21.92 13.85 7.18
CA GLN F 561 22.12 15.26 6.90
C GLN F 561 23.49 15.47 6.26
N TRP F 562 23.52 15.64 4.94
CA TRP F 562 24.78 15.68 4.22
C TRP F 562 25.42 17.06 4.32
N LYS F 563 26.60 17.12 4.94
CA LYS F 563 27.43 18.30 4.90
C LYS F 563 28.40 18.19 3.73
N MET F 564 28.57 19.28 3.00
CA MET F 564 29.30 19.28 1.75
C MET F 564 30.69 19.87 1.92
N TYR F 565 31.66 19.26 1.24
CA TYR F 565 33.03 19.75 1.22
C TYR F 565 33.60 19.57 -0.18
N GLU F 566 34.45 20.52 -0.59
CA GLU F 566 35.06 20.49 -1.91
C GLU F 566 36.57 20.59 -1.78
N VAL F 567 37.27 19.69 -2.48
CA VAL F 567 38.73 19.65 -2.49
C VAL F 567 39.17 19.98 -3.91
N TYR F 568 39.86 21.11 -4.07
CA TYR F 568 40.29 21.58 -5.38
C TYR F 568 41.73 21.23 -5.70
N ASP F 569 42.40 20.46 -4.85
CA ASP F 569 43.78 20.06 -5.09
C ASP F 569 43.79 18.76 -5.88
N ALA F 570 44.52 18.75 -7.00
CA ALA F 570 44.57 17.56 -7.85
C ALA F 570 45.34 16.43 -7.18
N LYS F 571 46.40 16.76 -6.43
CA LYS F 571 47.25 15.77 -5.77
C LYS F 571 46.76 15.41 -4.37
N SER F 572 45.49 15.61 -4.09
CA SER F 572 44.92 15.34 -2.77
C SER F 572 44.21 14.01 -2.77
N LYS F 573 44.54 13.15 -1.80
CA LYS F 573 43.92 11.84 -1.66
C LYS F 573 43.30 11.60 -0.30
N SER F 574 43.59 12.43 0.70
CA SER F 574 43.02 12.26 2.03
C SER F 574 42.79 13.63 2.65
N VAL F 575 41.61 13.81 3.22
CA VAL F 575 41.20 15.08 3.83
C VAL F 575 40.72 14.82 5.25
N SER F 576 41.19 15.64 6.18
CA SER F 576 40.77 15.58 7.58
C SER F 576 39.81 16.73 7.85
N LEU F 577 38.65 16.40 8.44
CA LEU F 577 37.63 17.39 8.70
C LEU F 577 37.19 17.35 10.16
N PRO F 578 36.79 18.48 10.74
CA PRO F 578 36.28 18.45 12.12
C PRO F 578 34.88 17.88 12.18
N VAL F 579 34.59 17.16 13.27
CA VAL F 579 33.26 16.61 13.51
C VAL F 579 32.83 16.93 14.94
N PRO F 580 31.54 17.13 15.18
CA PRO F 580 31.08 17.42 16.53
C PRO F 580 31.11 16.21 17.45
N ASP F 581 30.68 15.05 16.94
CA ASP F 581 30.67 13.81 17.70
C ASP F 581 31.75 12.89 17.14
N LEU F 582 32.67 12.47 18.01
CA LEU F 582 33.79 11.64 17.59
C LEU F 582 33.48 10.16 17.59
N CYS F 583 32.28 9.76 18.04
CA CYS F 583 31.97 8.35 18.23
C CYS F 583 30.66 7.94 17.55
N ALA F 584 30.11 8.79 16.70
CA ALA F 584 28.92 8.46 15.94
C ALA F 584 29.32 7.90 14.57
N VAL F 585 28.48 7.05 14.02
CA VAL F 585 28.72 6.47 12.71
C VAL F 585 28.46 7.54 11.66
N TYR F 586 29.44 7.78 10.79
CA TYR F 586 29.33 8.79 9.75
C TYR F 586 29.30 8.14 8.38
N ALA F 587 28.31 8.52 7.57
CA ALA F 587 28.24 8.13 6.17
C ALA F 587 28.93 9.18 5.31
N VAL F 588 29.86 8.72 4.48
CA VAL F 588 30.68 9.58 3.64
C VAL F 588 30.64 9.06 2.21
N GLN F 589 30.33 9.95 1.26
CA GLN F 589 30.35 9.62 -0.15
C GLN F 589 31.17 10.65 -0.91
N VAL F 590 31.98 10.17 -1.85
CA VAL F 590 32.96 11.00 -2.56
C VAL F 590 32.75 10.83 -4.06
N ARG F 591 32.85 11.93 -4.80
CA ARG F 591 32.81 11.90 -6.25
C ARG F 591 33.84 12.87 -6.80
N CYS F 592 34.25 12.66 -8.04
CA CYS F 592 35.37 13.40 -8.62
C CYS F 592 35.05 13.85 -10.03
N LYS F 593 35.82 14.85 -10.49
CA LYS F 593 35.78 15.28 -11.88
C LYS F 593 37.04 16.08 -12.18
N ARG F 594 37.16 16.50 -13.43
CA ARG F 594 38.27 17.35 -13.86
C ARG F 594 38.22 18.70 -13.15
N LEU F 595 39.40 19.28 -12.92
CA LEU F 595 39.49 20.57 -12.24
C LEU F 595 38.98 21.71 -13.12
N ASP F 596 39.21 21.64 -14.43
CA ASP F 596 38.87 22.75 -15.30
C ASP F 596 37.37 22.91 -15.54
N GLY F 597 36.56 21.93 -15.13
CA GLY F 597 35.12 22.06 -15.18
C GLY F 597 34.46 21.61 -16.45
N LEU F 598 35.22 21.13 -17.44
CA LEU F 598 34.65 20.72 -18.72
C LEU F 598 33.99 19.35 -18.57
N GLY F 599 32.67 19.36 -18.43
CA GLY F 599 31.92 18.13 -18.43
C GLY F 599 30.71 18.21 -17.49
N TYR F 600 30.57 17.15 -16.71
CA TYR F 600 29.44 16.91 -15.82
C TYR F 600 29.96 16.68 -14.41
N TRP F 601 29.10 16.16 -13.54
CA TRP F 601 29.59 15.65 -12.26
C TRP F 601 29.06 14.24 -12.03
N SER F 602 29.96 13.33 -11.66
CA SER F 602 29.63 11.92 -11.56
C SER F 602 28.75 11.64 -10.33
N ASN F 603 28.28 10.40 -10.23
CA ASN F 603 27.47 9.97 -9.11
C ASN F 603 28.34 9.70 -7.88
N TRP F 604 27.68 9.60 -6.74
CA TRP F 604 28.38 9.38 -5.48
C TRP F 604 28.89 7.95 -5.38
N SER F 605 29.99 7.77 -4.65
CA SER F 605 30.52 6.45 -4.41
C SER F 605 29.74 5.74 -3.30
N ASN F 606 30.15 4.52 -2.99
CA ASN F 606 29.53 3.76 -1.92
C ASN F 606 29.80 4.44 -0.58
N PRO F 607 28.83 4.47 0.33
CA PRO F 607 29.05 5.15 1.61
C PRO F 607 30.00 4.38 2.51
N ALA F 608 30.98 5.09 3.07
CA ALA F 608 31.93 4.52 4.02
C ALA F 608 31.51 4.91 5.43
N TYR F 609 31.51 3.93 6.33
CA TYR F 609 31.03 4.11 7.69
C TYR F 609 32.17 3.93 8.68
N THR F 610 32.27 4.86 9.62
CA THR F 610 33.31 4.79 10.64
C THR F 610 33.01 3.68 11.66
N VAL F 611 34.07 3.07 12.17
CA VAL F 611 33.97 2.03 13.18
C VAL F 611 34.09 2.67 14.55
N VAL F 612 33.16 2.34 15.45
CA VAL F 612 33.15 2.94 16.78
C VAL F 612 34.34 2.40 17.56
N MET F 613 35.37 3.22 17.72
CA MET F 613 36.57 2.86 18.47
C MET F 613 36.98 4.04 19.31
N ASP F 614 37.77 3.77 20.33
CA ASP F 614 38.23 4.84 21.21
C ASP F 614 39.22 5.74 20.49
N ILE F 615 38.98 7.04 20.56
CA ILE F 615 39.88 8.02 19.96
C ILE F 615 40.73 8.73 21.00
N LYS F 616 40.13 9.22 22.09
CA LYS F 616 40.87 9.88 23.16
C LYS F 616 40.49 9.25 24.49
N VAL F 617 41.22 9.64 25.53
CA VAL F 617 40.90 9.25 26.90
C VAL F 617 39.62 9.98 27.30
N PRO F 618 38.85 9.46 28.27
CA PRO F 618 37.61 10.13 28.67
C PRO F 618 37.86 11.55 29.19
N MET F 619 36.95 12.46 28.84
CA MET F 619 37.16 13.87 29.16
C MET F 619 36.93 14.15 30.64
N ARG F 620 35.90 13.56 31.24
CA ARG F 620 35.54 13.88 32.61
C ARG F 620 35.07 12.62 33.33
N GLY F 621 35.52 12.46 34.57
CA GLY F 621 35.12 11.36 35.40
C GLY F 621 33.71 11.50 35.91
N PRO F 622 33.12 10.40 36.39
CA PRO F 622 31.73 10.44 36.86
C PRO F 622 31.61 11.16 38.20
N GLU F 623 30.52 11.89 38.36
CA GLU F 623 30.20 12.50 39.64
C GLU F 623 29.66 11.43 40.58
N PHE F 624 30.17 11.42 41.81
CA PHE F 624 29.83 10.39 42.78
C PHE F 624 29.43 11.03 44.10
N TRP F 625 28.55 10.35 44.83
CA TRP F 625 28.10 10.79 46.14
C TRP F 625 28.21 9.62 47.12
N ARG F 626 28.16 9.93 48.41
CA ARG F 626 28.40 8.95 49.46
C ARG F 626 27.14 8.67 50.24
N ILE F 627 27.01 7.43 50.69
CA ILE F 627 26.02 7.02 51.68
C ILE F 627 26.78 6.45 52.88
N ILE F 628 26.51 7.00 54.06
CA ILE F 628 27.25 6.67 55.26
C ILE F 628 26.39 5.73 56.11
N ASN F 629 26.84 4.49 56.25
CA ASN F 629 26.20 3.51 57.12
C ASN F 629 27.10 3.29 58.33
N GLY F 630 26.59 3.60 59.51
CA GLY F 630 27.35 3.42 60.72
C GLY F 630 26.76 4.15 61.91
N ASP F 631 26.85 3.54 63.08
CA ASP F 631 26.40 4.20 64.31
C ASP F 631 27.31 5.38 64.62
N THR F 632 26.74 6.41 65.25
CA THR F 632 27.52 7.58 65.63
C THR F 632 28.56 7.26 66.69
N MET F 633 28.40 6.16 67.42
CA MET F 633 29.35 5.74 68.43
C MET F 633 30.54 4.98 67.85
N LYS F 634 30.53 4.67 66.55
CA LYS F 634 31.60 3.92 65.93
C LYS F 634 32.54 4.84 65.15
N LYS F 635 33.84 4.65 65.35
CA LYS F 635 34.84 5.44 64.63
C LYS F 635 34.98 5.01 63.18
N GLU F 636 34.54 3.80 62.84
CA GLU F 636 34.62 3.28 61.48
C GLU F 636 33.23 3.28 60.86
N LYS F 637 33.12 3.83 59.65
CA LYS F 637 31.83 3.92 58.98
C LYS F 637 31.93 3.42 57.56
N ASN F 638 30.94 2.63 57.13
CA ASN F 638 30.92 2.15 55.76
C ASN F 638 30.45 3.27 54.84
N VAL F 639 31.29 3.63 53.87
CA VAL F 639 30.97 4.67 52.90
C VAL F 639 30.72 3.98 51.58
N THR F 640 29.49 4.08 51.08
CA THR F 640 29.10 3.52 49.80
C THR F 640 29.04 4.65 48.78
N LEU F 641 29.99 4.65 47.84
CA LEU F 641 30.02 5.62 46.78
C LEU F 641 29.16 5.15 45.61
N LEU F 642 28.25 6.02 45.17
CA LEU F 642 27.38 5.77 44.04
C LEU F 642 27.66 6.82 42.98
N TRP F 643 27.85 6.37 41.74
CA TRP F 643 28.06 7.26 40.61
C TRP F 643 27.27 6.75 39.42
N LYS F 644 26.89 7.67 38.55
CA LYS F 644 26.13 7.28 37.37
C LYS F 644 27.07 6.99 36.21
N PRO F 645 26.66 6.13 35.28
CA PRO F 645 27.46 5.91 34.06
C PRO F 645 27.57 7.19 33.25
N LEU F 646 28.74 7.40 32.66
CA LEU F 646 29.01 8.63 31.92
C LEU F 646 28.24 8.65 30.60
N MET F 647 27.82 9.84 30.19
CA MET F 647 27.14 10.01 28.92
C MET F 647 28.16 10.01 27.77
N LYS F 648 27.65 10.05 26.55
CA LYS F 648 28.51 10.01 25.37
C LYS F 648 29.36 11.26 25.25
N ASN F 649 28.94 12.36 25.90
CA ASN F 649 29.75 13.57 25.89
C ASN F 649 30.97 13.43 26.80
N ASP F 650 30.81 12.77 27.94
CA ASP F 650 31.90 12.63 28.90
C ASP F 650 32.68 11.33 28.72
N SER F 651 31.99 10.21 28.46
CA SER F 651 32.66 8.95 28.23
C SER F 651 33.26 8.86 26.83
N LEU F 652 32.99 9.85 25.97
CA LEU F 652 33.31 9.82 24.56
C LEU F 652 32.68 8.59 23.90
N CYS F 653 33.46 7.51 23.77
CA CYS F 653 32.98 6.31 23.09
C CYS F 653 32.50 5.25 24.08
N SER F 654 33.36 4.83 25.01
CA SER F 654 32.98 3.84 26.01
C SER F 654 33.92 3.95 27.20
N VAL F 655 33.48 3.38 28.32
CA VAL F 655 34.28 3.27 29.53
C VAL F 655 34.45 1.80 29.84
N GLN F 656 35.71 1.33 29.80
CA GLN F 656 35.97 -0.08 30.08
C GLN F 656 35.81 -0.40 31.56
N ARG F 657 36.26 0.50 32.44
CA ARG F 657 36.20 0.23 33.87
C ARG F 657 36.29 1.53 34.63
N TYR F 658 35.99 1.45 35.93
CA TYR F 658 36.18 2.54 36.87
C TYR F 658 37.12 2.08 37.97
N VAL F 659 38.04 2.96 38.35
CA VAL F 659 39.04 2.70 39.38
C VAL F 659 38.97 3.82 40.41
N ILE F 660 38.90 3.46 41.69
CA ILE F 660 38.82 4.42 42.77
C ILE F 660 40.19 4.57 43.40
N ASN F 661 40.74 5.78 43.34
CA ASN F 661 42.02 6.11 43.95
C ASN F 661 41.77 6.75 45.31
N HIS F 662 42.45 6.24 46.33
CA HIS F 662 42.33 6.73 47.69
C HIS F 662 43.56 7.55 48.06
N HIS F 663 43.38 8.53 48.94
CA HIS F 663 44.46 9.35 49.43
C HIS F 663 44.28 9.52 50.94
N THR F 664 45.29 9.08 51.69
CA THR F 664 45.25 9.13 53.15
C THR F 664 46.57 9.67 53.67
N SER F 665 46.50 10.30 54.85
CA SER F 665 47.71 10.82 55.47
C SER F 665 48.59 9.71 56.02
N CYS F 666 48.02 8.54 56.31
CA CYS F 666 48.75 7.42 56.89
C CYS F 666 49.15 6.38 55.85
N ASN F 667 48.18 5.84 55.11
CA ASN F 667 48.44 4.79 54.14
C ASN F 667 48.91 5.31 52.80
N GLY F 668 48.99 6.63 52.63
CA GLY F 668 49.43 7.18 51.35
C GLY F 668 48.35 7.08 50.30
N THR F 669 48.77 6.80 49.07
CA THR F 669 47.86 6.72 47.92
C THR F 669 47.84 5.31 47.38
N TRP F 670 46.63 4.75 47.21
CA TRP F 670 46.46 3.46 46.58
C TRP F 670 45.18 3.50 45.74
N SER F 671 45.13 2.64 44.73
CA SER F 671 44.01 2.59 43.80
C SER F 671 43.38 1.20 43.83
N GLU F 672 42.05 1.17 43.83
CA GLU F 672 41.30 -0.08 43.82
C GLU F 672 40.41 -0.10 42.58
N ASP F 673 40.44 -1.21 41.86
CA ASP F 673 39.68 -1.34 40.61
C ASP F 673 38.28 -1.80 40.94
N VAL F 674 37.27 -1.04 40.47
CA VAL F 674 35.87 -1.40 40.64
C VAL F 674 35.29 -2.06 39.42
N GLY F 675 35.79 -1.74 38.23
CA GLY F 675 35.29 -2.41 37.04
C GLY F 675 34.08 -1.72 36.47
N ASN F 676 33.12 -2.51 35.98
CA ASN F 676 31.92 -1.99 35.36
C ASN F 676 30.84 -1.64 36.38
N HIS F 677 31.10 -1.88 37.66
CA HIS F 677 30.14 -1.56 38.70
C HIS F 677 30.06 -0.06 38.93
N THR F 678 28.86 0.43 39.21
CA THR F 678 28.61 1.84 39.45
C THR F 678 28.58 2.19 40.94
N LYS F 679 28.85 1.22 41.81
CA LYS F 679 28.81 1.43 43.25
C LYS F 679 29.99 0.72 43.89
N PHE F 680 30.47 1.28 45.00
CA PHE F 680 31.56 0.64 45.73
C PHE F 680 31.52 1.06 47.20
N THR F 681 31.60 0.07 48.09
CA THR F 681 31.54 0.32 49.52
C THR F 681 32.92 0.08 50.12
N PHE F 682 33.44 1.05 50.86
CA PHE F 682 34.70 0.92 51.58
C PHE F 682 34.50 1.36 53.02
N LEU F 683 35.58 1.33 53.79
CA LEU F 683 35.53 1.66 55.21
C LEU F 683 36.31 2.95 55.46
N TRP F 684 35.66 3.89 56.15
CA TRP F 684 36.30 5.15 56.55
C TRP F 684 36.67 5.04 58.03
N THR F 685 37.96 5.17 58.32
CA THR F 685 38.51 5.11 59.66
C THR F 685 39.36 6.31 60.02
N GLU F 686 40.15 6.84 59.08
CA GLU F 686 41.08 7.90 59.37
C GLU F 686 40.37 9.25 59.47
N GLN F 687 41.12 10.26 59.94
CA GLN F 687 40.55 11.60 60.09
C GLN F 687 40.22 12.21 58.74
N ALA F 688 41.12 12.09 57.77
CA ALA F 688 40.94 12.69 56.45
C ALA F 688 41.15 11.62 55.39
N HIS F 689 40.22 11.54 54.44
CA HIS F 689 40.31 10.54 53.37
C HIS F 689 39.79 11.16 52.08
N THR F 690 40.63 11.24 51.06
CA THR F 690 40.24 11.78 49.76
C THR F 690 39.97 10.64 48.79
N VAL F 691 38.85 10.72 48.08
CA VAL F 691 38.44 9.69 47.15
C VAL F 691 38.31 10.31 45.76
N THR F 692 38.91 9.67 44.76
CA THR F 692 38.80 10.10 43.37
C THR F 692 38.37 8.91 42.54
N VAL F 693 37.55 9.15 41.52
CA VAL F 693 37.05 8.09 40.64
C VAL F 693 37.55 8.38 39.23
N LEU F 694 38.19 7.39 38.61
CA LEU F 694 38.73 7.52 37.26
C LEU F 694 38.04 6.53 36.34
N ALA F 695 37.66 7.00 35.16
CA ALA F 695 37.09 6.15 34.12
C ALA F 695 38.17 5.81 33.10
N ILE F 696 38.40 4.52 32.91
CA ILE F 696 39.49 4.03 32.08
C ILE F 696 38.89 3.26 30.91
N ASN F 697 39.36 3.58 29.70
CA ASN F 697 39.00 2.89 28.47
C ASN F 697 40.27 2.25 27.91
N SER F 698 40.19 1.79 26.66
CA SER F 698 41.32 1.11 26.03
C SER F 698 42.56 1.99 25.89
N ILE F 699 42.41 3.31 26.02
CA ILE F 699 43.55 4.21 25.88
C ILE F 699 44.14 4.60 27.23
N GLY F 700 43.30 4.97 28.19
CA GLY F 700 43.81 5.38 29.48
C GLY F 700 42.69 5.92 30.36
N ALA F 701 43.10 6.55 31.45
CA ALA F 701 42.17 7.08 32.45
C ALA F 701 41.65 8.45 32.03
N SER F 702 40.59 8.87 32.73
CA SER F 702 39.97 10.16 32.43
C SER F 702 40.87 11.31 32.87
N VAL F 703 40.72 12.45 32.19
CA VAL F 703 41.57 13.61 32.50
C VAL F 703 41.06 14.33 33.73
N ALA F 704 39.85 14.89 33.65
CA ALA F 704 39.26 15.67 34.72
C ALA F 704 38.48 14.74 35.64
N ASN F 705 38.95 14.58 36.88
CA ASN F 705 38.37 13.64 37.83
C ASN F 705 37.95 14.38 39.09
N PHE F 706 36.73 14.13 39.55
CA PHE F 706 36.22 14.74 40.76
C PHE F 706 36.80 14.07 41.99
N ASN F 707 37.17 14.88 42.99
CA ASN F 707 37.67 14.39 44.25
C ASN F 707 36.76 14.85 45.38
N LEU F 708 36.59 13.97 46.37
CA LEU F 708 35.73 14.26 47.50
C LEU F 708 36.48 13.89 48.78
N THR F 709 36.53 14.83 49.72
CA THR F 709 37.27 14.66 50.96
C THR F 709 36.32 14.42 52.12
N PHE F 710 36.56 13.35 52.87
CA PHE F 710 35.80 13.04 54.08
C PHE F 710 36.68 13.40 55.27
N SER F 711 36.20 14.30 56.11
CA SER F 711 36.94 14.77 57.28
C SER F 711 36.00 14.91 58.46
N TRP F 712 36.36 14.29 59.58
CA TRP F 712 35.57 14.38 60.81
C TRP F 712 35.52 15.79 61.38
N PRO F 713 36.63 16.54 61.50
CA PRO F 713 36.49 17.94 61.95
C PRO F 713 35.69 18.81 60.99
N MET F 714 35.77 18.54 59.69
CA MET F 714 35.05 19.36 58.73
C MET F 714 33.56 19.07 58.72
N SER F 715 33.15 17.91 59.25
CA SER F 715 31.74 17.56 59.32
C SER F 715 30.98 18.42 60.33
N LYS F 716 31.67 19.09 61.24
CA LYS F 716 31.03 19.95 62.22
C LYS F 716 30.85 21.38 61.74
N VAL F 717 31.44 21.73 60.59
CA VAL F 717 31.36 23.11 60.10
C VAL F 717 30.04 23.30 59.35
N ASN F 718 29.21 24.21 59.85
CA ASN F 718 27.92 24.52 59.24
C ASN F 718 27.94 25.99 58.81
N ILE F 719 27.71 26.22 57.51
CA ILE F 719 27.69 27.58 56.96
C ILE F 719 26.33 27.97 56.42
N VAL F 720 25.41 27.02 56.25
CA VAL F 720 24.07 27.32 55.73
C VAL F 720 23.24 27.83 56.90
N GLN F 721 22.99 29.14 56.92
CA GLN F 721 22.21 29.73 58.00
C GLN F 721 20.77 29.26 57.96
N SER F 722 20.16 29.23 56.78
CA SER F 722 18.78 28.79 56.63
C SER F 722 18.59 28.11 55.28
N LEU F 723 17.61 27.20 55.24
CA LEU F 723 17.25 26.47 54.03
C LEU F 723 15.73 26.37 53.96
N SER F 724 15.17 26.57 52.77
CA SER F 724 13.73 26.53 52.57
C SER F 724 13.41 25.89 51.22
N ALA F 725 12.22 25.30 51.14
CA ALA F 725 11.73 24.65 49.94
C ALA F 725 10.31 25.10 49.67
N TYR F 726 9.99 25.37 48.41
CA TYR F 726 8.67 25.83 48.00
C TYR F 726 8.22 24.98 46.82
N PRO F 727 7.10 24.25 46.93
CA PRO F 727 6.63 23.46 45.79
C PRO F 727 5.90 24.31 44.77
N LEU F 728 6.53 24.50 43.61
CA LEU F 728 5.85 25.18 42.50
C LEU F 728 4.71 24.35 41.95
N ASN F 729 4.96 23.06 41.72
CA ASN F 729 3.97 22.13 41.20
C ASN F 729 4.45 20.72 41.48
N SER F 730 3.85 19.74 40.82
CA SER F 730 4.29 18.35 40.95
C SER F 730 5.58 18.07 40.20
N SER F 731 6.07 19.01 39.39
CA SER F 731 7.25 18.77 38.55
C SER F 731 8.41 19.70 38.84
N CYS F 732 8.29 20.64 39.78
CA CYS F 732 9.37 21.56 40.08
C CYS F 732 9.24 22.07 41.50
N VAL F 733 10.37 22.19 42.19
CA VAL F 733 10.43 22.71 43.55
C VAL F 733 11.60 23.68 43.64
N ILE F 734 11.34 24.87 44.20
CA ILE F 734 12.38 25.86 44.42
C ILE F 734 13.05 25.59 45.77
N VAL F 735 14.36 25.43 45.76
CA VAL F 735 15.15 25.29 46.98
C VAL F 735 16.04 26.52 47.13
N SER F 736 15.90 27.20 48.26
CA SER F 736 16.65 28.43 48.51
C SER F 736 17.40 28.29 49.83
N TRP F 737 18.53 28.98 49.93
CA TRP F 737 19.34 28.92 51.14
C TRP F 737 20.04 30.25 51.36
N ILE F 738 20.18 30.59 52.64
CA ILE F 738 20.94 31.76 53.08
C ILE F 738 22.12 31.28 53.89
N LEU F 739 23.31 31.79 53.55
CA LEU F 739 24.57 31.27 54.06
C LEU F 739 25.22 32.25 55.03
N SER F 740 25.83 31.71 56.08
CA SER F 740 26.66 32.49 56.97
C SER F 740 28.06 32.65 56.40
N PRO F 741 28.77 33.72 56.75
CA PRO F 741 30.17 33.86 56.29
C PRO F 741 31.05 32.76 56.86
N SER F 742 32.03 32.35 56.06
CA SER F 742 32.90 31.24 56.44
C SER F 742 34.33 31.56 56.03
N ASP F 743 35.28 31.16 56.88
CA ASP F 743 36.70 31.33 56.55
C ASP F 743 37.18 30.28 55.55
N TYR F 744 36.48 29.17 55.42
CA TYR F 744 36.87 28.10 54.52
C TYR F 744 36.38 28.37 53.10
N LYS F 745 37.15 27.90 52.12
CA LYS F 745 36.83 28.12 50.72
C LYS F 745 35.73 27.14 50.29
N LEU F 746 34.54 27.66 50.06
CA LEU F 746 33.42 26.84 49.62
C LEU F 746 33.53 26.57 48.13
N MET F 747 33.59 25.29 47.74
CA MET F 747 33.76 24.91 46.35
C MET F 747 32.43 24.83 45.61
N TYR F 748 31.50 24.02 46.11
CA TYR F 748 30.21 23.81 45.45
C TYR F 748 29.23 23.24 46.47
N PHE F 749 27.97 23.16 46.06
CA PHE F 749 26.92 22.57 46.88
C PHE F 749 26.50 21.22 46.31
N ILE F 750 26.03 20.35 47.19
CA ILE F 750 25.41 19.08 46.79
C ILE F 750 24.08 18.98 47.53
N ILE F 751 22.99 19.00 46.77
CA ILE F 751 21.66 18.89 47.34
C ILE F 751 21.23 17.44 47.32
N GLU F 752 20.87 16.91 48.48
CA GLU F 752 20.39 15.54 48.63
C GLU F 752 18.93 15.56 49.02
N TRP F 753 18.09 14.89 48.22
CA TRP F 753 16.67 14.79 48.51
C TRP F 753 16.21 13.36 48.32
N LYS F 754 15.23 12.96 49.13
CA LYS F 754 14.65 11.63 49.08
C LYS F 754 13.25 11.68 49.67
N ASN F 755 12.45 10.66 49.37
CA ASN F 755 11.11 10.58 49.92
C ASN F 755 11.14 9.95 51.30
N LEU F 756 10.42 10.56 52.24
CA LEU F 756 10.30 10.03 53.59
C LEU F 756 9.12 9.09 53.77
N ASN F 757 8.21 9.04 52.80
CA ASN F 757 7.08 8.12 52.87
C ASN F 757 7.37 6.80 52.17
N GLU F 758 8.31 6.80 51.22
CA GLU F 758 8.69 5.60 50.48
C GLU F 758 10.18 5.32 50.67
N ASP F 759 10.57 4.09 50.36
CA ASP F 759 11.97 3.72 50.42
C ASP F 759 12.65 3.93 49.07
N GLY F 760 12.51 5.13 48.52
CA GLY F 760 13.10 5.42 47.23
C GLY F 760 14.59 5.65 47.31
N GLU F 761 15.23 5.70 46.15
CA GLU F 761 16.67 5.93 46.09
C GLU F 761 17.00 7.35 46.50
N ILE F 762 18.12 7.50 47.23
CA ILE F 762 18.57 8.80 47.69
C ILE F 762 19.10 9.57 46.48
N LYS F 763 18.42 10.65 46.11
CA LYS F 763 18.80 11.42 44.94
C LYS F 763 19.69 12.60 45.35
N TRP F 764 20.62 12.96 44.47
CA TRP F 764 21.57 14.02 44.78
C TRP F 764 21.89 14.78 43.50
N LEU F 765 22.33 16.03 43.67
CA LEU F 765 22.68 16.87 42.54
C LEU F 765 23.75 17.87 42.94
N ARG F 766 24.76 18.02 42.08
CA ARG F 766 25.87 18.93 42.33
C ARG F 766 25.64 20.26 41.63
N ILE F 767 25.65 21.35 42.40
CA ILE F 767 25.43 22.69 41.89
C ILE F 767 26.61 23.57 42.30
N SER F 768 26.80 24.68 41.58
CA SER F 768 27.90 25.59 41.89
C SER F 768 27.65 26.31 43.21
N SER F 769 28.74 26.74 43.86
CA SER F 769 28.63 27.44 45.13
C SER F 769 28.04 28.83 44.97
N SER F 770 28.19 29.46 43.81
CA SER F 770 27.64 30.79 43.58
C SER F 770 26.13 30.79 43.46
N VAL F 771 25.51 29.62 43.30
CA VAL F 771 24.06 29.50 43.19
C VAL F 771 23.46 29.62 44.59
N LYS F 772 22.39 30.42 44.70
CA LYS F 772 21.67 30.57 45.95
C LYS F 772 20.27 29.99 45.92
N LYS F 773 19.65 29.87 44.75
CA LYS F 773 18.34 29.22 44.63
C LYS F 773 18.36 28.34 43.39
N TYR F 774 17.71 27.17 43.50
CA TYR F 774 17.72 26.20 42.42
C TYR F 774 16.31 25.68 42.19
N TYR F 775 16.06 25.25 40.96
CA TYR F 775 14.78 24.67 40.57
C TYR F 775 14.99 23.18 40.32
N ILE F 776 14.63 22.35 41.29
CA ILE F 776 14.75 20.91 41.16
C ILE F 776 13.53 20.39 40.40
N HIS F 777 13.78 19.72 39.27
CA HIS F 777 12.72 19.19 38.43
C HIS F 777 12.61 17.69 38.66
N ASP F 778 11.58 17.28 39.39
CA ASP F 778 11.34 15.87 39.68
C ASP F 778 9.88 15.71 40.06
N HIS F 779 9.44 14.46 40.15
CA HIS F 779 8.06 14.16 40.54
C HIS F 779 7.94 14.35 42.05
N PHE F 780 7.32 15.45 42.46
CA PHE F 780 7.14 15.78 43.87
C PHE F 780 5.67 15.72 44.22
N ILE F 781 5.35 15.03 45.32
CA ILE F 781 3.99 14.98 45.85
C ILE F 781 3.92 15.96 47.03
N PRO F 782 3.11 17.02 46.95
CA PRO F 782 3.02 17.95 48.09
C PRO F 782 2.51 17.32 49.37
N ILE F 783 1.69 16.26 49.28
CA ILE F 783 1.20 15.58 50.46
C ILE F 783 2.32 14.81 51.18
N GLU F 784 3.15 14.08 50.43
CA GLU F 784 4.24 13.32 51.01
C GLU F 784 5.34 14.25 51.51
N LYS F 785 6.06 13.80 52.53
CA LYS F 785 7.16 14.56 53.12
C LYS F 785 8.46 14.20 52.41
N TYR F 786 9.20 15.22 52.00
CA TYR F 786 10.50 15.04 51.37
C TYR F 786 11.58 15.67 52.23
N GLN F 787 12.66 14.92 52.46
CA GLN F 787 13.79 15.41 53.24
C GLN F 787 14.83 16.03 52.31
N PHE F 788 15.01 17.34 52.43
CA PHE F 788 15.98 18.07 51.62
C PHE F 788 17.21 18.37 52.49
N SER F 789 18.36 17.89 52.04
CA SER F 789 19.62 18.08 52.76
C SER F 789 20.61 18.79 51.83
N LEU F 790 21.17 19.89 52.33
CA LEU F 790 22.16 20.68 51.59
C LEU F 790 23.53 20.45 52.21
N TYR F 791 24.47 19.97 51.40
CA TYR F 791 25.81 19.64 51.88
C TYR F 791 26.80 20.68 51.37
N PRO F 792 27.31 21.57 52.22
CA PRO F 792 28.36 22.48 51.79
C PRO F 792 29.68 21.73 51.64
N ILE F 793 30.30 21.87 50.47
CA ILE F 793 31.52 21.15 50.12
C ILE F 793 32.67 22.14 50.10
N PHE F 794 33.78 21.77 50.74
CA PHE F 794 34.95 22.62 50.85
C PHE F 794 36.18 21.86 50.39
N MET F 795 37.31 22.58 50.35
CA MET F 795 38.60 21.92 50.09
C MET F 795 38.96 20.97 51.22
N GLU F 796 38.67 21.35 52.46
CA GLU F 796 39.00 20.54 53.62
C GLU F 796 38.08 19.34 53.78
N GLY F 797 36.90 19.36 53.20
CA GLY F 797 35.97 18.26 53.29
C GLY F 797 34.54 18.76 53.23
N VAL F 798 33.62 17.85 53.55
CA VAL F 798 32.19 18.14 53.49
C VAL F 798 31.76 18.78 54.79
N GLY F 799 31.08 19.92 54.70
CA GLY F 799 30.59 20.60 55.88
C GLY F 799 29.32 19.98 56.43
N LYS F 800 28.83 20.57 57.52
CA LYS F 800 27.62 20.08 58.16
C LYS F 800 26.41 20.39 57.29
N PRO F 801 25.63 19.39 56.89
CA PRO F 801 24.48 19.64 56.03
C PRO F 801 23.35 20.34 56.78
N LYS F 802 22.57 21.12 56.04
CA LYS F 802 21.34 21.70 56.54
C LYS F 802 20.16 20.86 56.06
N ILE F 803 19.37 20.35 56.99
CA ILE F 803 18.34 19.36 56.69
C ILE F 803 16.97 19.92 57.06
N ILE F 804 16.04 19.84 56.12
CA ILE F 804 14.63 20.15 56.36
C ILE F 804 13.82 18.93 55.95
N ASN F 805 12.66 18.75 56.56
CA ASN F 805 11.83 17.57 56.32
C ASN F 805 10.47 17.91 55.74
N SER F 806 10.18 19.19 55.50
CA SER F 806 8.90 19.58 54.94
C SER F 806 9.03 20.93 54.25
N PHE F 807 8.11 21.20 53.35
CA PHE F 807 8.08 22.48 52.66
C PHE F 807 7.64 23.59 53.62
N THR F 808 8.26 24.77 53.47
CA THR F 808 7.94 25.90 54.34
C THR F 808 6.57 26.45 53.96
N GLN F 809 5.67 26.52 54.94
CA GLN F 809 4.30 26.98 54.72
C GLN F 809 4.09 28.43 55.11
N ASP F 810 5.14 29.13 55.55
CA ASP F 810 5.03 30.53 55.94
C ASP F 810 4.89 31.43 54.72
#